data_5M1Q
# 
_entry.id   5M1Q 
# 
_audit_conform.dict_name       mmcif_pdbx.dic 
_audit_conform.dict_version    5.391 
_audit_conform.dict_location   http://mmcif.pdb.org/dictionaries/ascii/mmcif_pdbx.dic 
# 
loop_
_database_2.database_id 
_database_2.database_code 
_database_2.pdbx_database_accession 
_database_2.pdbx_DOI 
PDB   5M1Q         pdb_00005m1q 10.2210/pdb5m1q/pdb 
WWPDB D_1200001737 ?            ?                   
# 
loop_
_pdbx_audit_revision_history.ordinal 
_pdbx_audit_revision_history.data_content_type 
_pdbx_audit_revision_history.major_revision 
_pdbx_audit_revision_history.minor_revision 
_pdbx_audit_revision_history.revision_date 
1 'Structure model' 1 0 2016-10-26 
2 'Structure model' 1 1 2017-02-01 
3 'Structure model' 1 2 2017-05-03 
4 'Structure model' 1 3 2024-05-01 
# 
_pdbx_audit_revision_details.ordinal             1 
_pdbx_audit_revision_details.revision_ordinal    1 
_pdbx_audit_revision_details.data_content_type   'Structure model' 
_pdbx_audit_revision_details.provider            repository 
_pdbx_audit_revision_details.type                'Initial release' 
_pdbx_audit_revision_details.description         ? 
_pdbx_audit_revision_details.details             ? 
# 
loop_
_pdbx_audit_revision_group.ordinal 
_pdbx_audit_revision_group.revision_ordinal 
_pdbx_audit_revision_group.data_content_type 
_pdbx_audit_revision_group.group 
1 2 'Structure model' 'Database references'    
2 3 'Structure model' 'Database references'    
3 4 'Structure model' 'Data collection'        
4 4 'Structure model' 'Database references'    
5 4 'Structure model' 'Derived calculations'   
6 4 'Structure model' 'Refinement description' 
# 
loop_
_pdbx_audit_revision_category.ordinal 
_pdbx_audit_revision_category.revision_ordinal 
_pdbx_audit_revision_category.data_content_type 
_pdbx_audit_revision_category.category 
1 4 'Structure model' chem_comp_atom                
2 4 'Structure model' chem_comp_bond                
3 4 'Structure model' database_2                    
4 4 'Structure model' pdbx_initial_refinement_model 
5 4 'Structure model' pdbx_struct_conn_angle        
6 4 'Structure model' struct_conn                   
# 
loop_
_pdbx_audit_revision_item.ordinal 
_pdbx_audit_revision_item.revision_ordinal 
_pdbx_audit_revision_item.data_content_type 
_pdbx_audit_revision_item.item 
1  4 'Structure model' '_database_2.pdbx_DOI'                        
2  4 'Structure model' '_database_2.pdbx_database_accession'         
3  4 'Structure model' '_pdbx_struct_conn_angle.ptnr1_auth_comp_id'  
4  4 'Structure model' '_pdbx_struct_conn_angle.ptnr1_auth_seq_id'   
5  4 'Structure model' '_pdbx_struct_conn_angle.ptnr1_label_asym_id' 
6  4 'Structure model' '_pdbx_struct_conn_angle.ptnr1_label_atom_id' 
7  4 'Structure model' '_pdbx_struct_conn_angle.ptnr1_label_comp_id' 
8  4 'Structure model' '_pdbx_struct_conn_angle.ptnr1_label_seq_id'  
9  4 'Structure model' '_pdbx_struct_conn_angle.ptnr1_symmetry'      
10 4 'Structure model' '_pdbx_struct_conn_angle.ptnr3_auth_comp_id'  
11 4 'Structure model' '_pdbx_struct_conn_angle.ptnr3_auth_seq_id'   
12 4 'Structure model' '_pdbx_struct_conn_angle.ptnr3_label_asym_id' 
13 4 'Structure model' '_pdbx_struct_conn_angle.ptnr3_label_atom_id' 
14 4 'Structure model' '_pdbx_struct_conn_angle.ptnr3_label_comp_id' 
15 4 'Structure model' '_pdbx_struct_conn_angle.ptnr3_label_seq_id'  
16 4 'Structure model' '_pdbx_struct_conn_angle.ptnr3_symmetry'      
17 4 'Structure model' '_pdbx_struct_conn_angle.value'               
18 4 'Structure model' '_struct_conn.pdbx_dist_value'                
19 4 'Structure model' '_struct_conn.pdbx_ptnr1_label_alt_id'        
20 4 'Structure model' '_struct_conn.pdbx_ptnr2_label_alt_id'        
21 4 'Structure model' '_struct_conn.ptnr1_auth_comp_id'             
22 4 'Structure model' '_struct_conn.ptnr1_auth_seq_id'              
23 4 'Structure model' '_struct_conn.ptnr1_label_asym_id'            
24 4 'Structure model' '_struct_conn.ptnr1_label_atom_id'            
25 4 'Structure model' '_struct_conn.ptnr1_label_comp_id'            
26 4 'Structure model' '_struct_conn.ptnr1_label_seq_id'             
27 4 'Structure model' '_struct_conn.ptnr2_auth_comp_id'             
28 4 'Structure model' '_struct_conn.ptnr2_auth_seq_id'              
29 4 'Structure model' '_struct_conn.ptnr2_label_asym_id'            
30 4 'Structure model' '_struct_conn.ptnr2_label_atom_id'            
31 4 'Structure model' '_struct_conn.ptnr2_label_comp_id'            
32 4 'Structure model' '_struct_conn.ptnr2_symmetry'                 
# 
_pdbx_database_status.status_code                     REL 
_pdbx_database_status.status_code_sf                  REL 
_pdbx_database_status.status_code_mr                  ? 
_pdbx_database_status.entry_id                        5M1Q 
_pdbx_database_status.recvd_initial_deposition_date   2016-10-09 
_pdbx_database_status.SG_entry                        N 
_pdbx_database_status.deposit_site                    PDBE 
_pdbx_database_status.process_site                    PDBE 
_pdbx_database_status.status_code_cs                  ? 
_pdbx_database_status.methods_development_category    ? 
_pdbx_database_status.pdb_format_compatible           Y 
_pdbx_database_status.status_code_nmr_data            ? 
# 
loop_
_pdbx_database_related.db_name 
_pdbx_database_related.details 
_pdbx_database_related.db_id 
_pdbx_database_related.content_type 
PDB '5M1P contains the same protein with metal ions'    5M1P unspecified 
PDB '5M1O contains the same protein with metal ions'    5M1O unspecified 
PDB '5M1N contains the same protein with metal ions'    5M1N unspecified 
PDB '5M1K contains the same protein with metal ions'    5M1K unspecified 
PDB '5M1F contains the same protein without metal ions' 5M1F unspecified 
# 
loop_
_audit_author.name 
_audit_author.pdbx_ordinal 
'Xu, R.G.'      1 
'Jenkins, H.T.' 2 
'Chechik, M.'   3 
'Blagova, E.V.' 4 
'Greive, S.J.'  5 
'Antson, A.A.'  6 
# 
_citation.abstract                  ? 
_citation.abstract_id_CAS           ? 
_citation.book_id_ISBN              ? 
_citation.book_publisher            ? 
_citation.book_publisher_city       ? 
_citation.book_title                ? 
_citation.coordinate_linkage        ? 
_citation.country                   UK 
_citation.database_id_Medline       ? 
_citation.details                   ? 
_citation.id                        primary 
_citation.journal_abbrev            'Nucleic Acids Res.' 
_citation.journal_id_ASTM           NARHAD 
_citation.journal_id_CSD            0389 
_citation.journal_id_ISSN           1362-4962 
_citation.journal_full              ? 
_citation.journal_issue             ? 
_citation.journal_volume            45 
_citation.language                  ? 
_citation.page_first                3580 
_citation.page_last                 3590 
_citation.title                     
'Viral genome packaging terminase cleaves DNA using the canonical RuvC-like two-metal catalysis mechanism.' 
_citation.year                      2017 
_citation.database_id_CSD           ? 
_citation.pdbx_database_id_DOI      10.1093/nar/gkw1354 
_citation.pdbx_database_id_PubMed   28100693 
_citation.unpublished_flag          ? 
# 
loop_
_citation_author.citation_id 
_citation_author.name 
_citation_author.ordinal 
_citation_author.identifier_ORCID 
primary 'Xu, R.G.'      1  ? 
primary 'Jenkins, H.T.' 2  ? 
primary 'Chechik, M.'   3  ? 
primary 'Blagova, E.V.' 4  ? 
primary 'Lopatina, A.'  5  ? 
primary 'Klimuk, E.'    6  ? 
primary 'Minakhin, L.'  7  ? 
primary 'Severinov, K.' 8  ? 
primary 'Greive, S.J.'  9  ? 
primary 'Antson, A.A.'  10 ? 
# 
loop_
_entity.id 
_entity.type 
_entity.src_method 
_entity.pdbx_description 
_entity.formula_weight 
_entity.pdbx_number_of_molecules 
_entity.pdbx_ec 
_entity.pdbx_mutation 
_entity.pdbx_fragment 
_entity.details 
1 polymer     man 'Phage terminase large subunit' 20818.363 1   ? ? ? 
;scientific_name: 'Thermus phage G20c'
ncbi_taxonomy_id: 1406341
The same as entry.id 4XVN
;
2 non-polymer syn 'ZINC ION'                      65.409    4   ? ? ? ? 
3 water       nat water                           18.015    103 ? ? ? ? 
# 
_entity_poly.entity_id                      1 
_entity_poly.type                           'polypeptide(L)' 
_entity_poly.nstd_linkage                   no 
_entity_poly.nstd_monomer                   no 
_entity_poly.pdbx_seq_one_letter_code       
;NSVFSGLDMLILLPYERRGTRLVVEDYRPDHIYCIGADFGKNQDYSVFSVLDLDTGAIACLERMNGATWSDQVARLKALS
EDYGHAYVVADTWGVGDAIAEELDAQGINYTPLPVKSSSVKEQLISNLALLMEKGQVAVPNDKTILDELRNFRYYRTASG
NQVMRAYGRGHDDIVMSLALAYSQYEG
;
_entity_poly.pdbx_seq_one_letter_code_can   
;NSVFSGLDMLILLPYERRGTRLVVEDYRPDHIYCIGADFGKNQDYSVFSVLDLDTGAIACLERMNGATWSDQVARLKALS
EDYGHAYVVADTWGVGDAIAEELDAQGINYTPLPVKSSSVKEQLISNLALLMEKGQVAVPNDKTILDELRNFRYYRTASG
NQVMRAYGRGHDDIVMSLALAYSQYEG
;
_entity_poly.pdbx_strand_id                 A 
_entity_poly.pdbx_target_identifier         ? 
# 
loop_
_pdbx_entity_nonpoly.entity_id 
_pdbx_entity_nonpoly.name 
_pdbx_entity_nonpoly.comp_id 
2 'ZINC ION' ZN  
3 water      HOH 
# 
loop_
_entity_poly_seq.entity_id 
_entity_poly_seq.num 
_entity_poly_seq.mon_id 
_entity_poly_seq.hetero 
1 1   ASN n 
1 2   SER n 
1 3   VAL n 
1 4   PHE n 
1 5   SER n 
1 6   GLY n 
1 7   LEU n 
1 8   ASP n 
1 9   MET n 
1 10  LEU n 
1 11  ILE n 
1 12  LEU n 
1 13  LEU n 
1 14  PRO n 
1 15  TYR n 
1 16  GLU n 
1 17  ARG n 
1 18  ARG n 
1 19  GLY n 
1 20  THR n 
1 21  ARG n 
1 22  LEU n 
1 23  VAL n 
1 24  VAL n 
1 25  GLU n 
1 26  ASP n 
1 27  TYR n 
1 28  ARG n 
1 29  PRO n 
1 30  ASP n 
1 31  HIS n 
1 32  ILE n 
1 33  TYR n 
1 34  CYS n 
1 35  ILE n 
1 36  GLY n 
1 37  ALA n 
1 38  ASP n 
1 39  PHE n 
1 40  GLY n 
1 41  LYS n 
1 42  ASN n 
1 43  GLN n 
1 44  ASP n 
1 45  TYR n 
1 46  SER n 
1 47  VAL n 
1 48  PHE n 
1 49  SER n 
1 50  VAL n 
1 51  LEU n 
1 52  ASP n 
1 53  LEU n 
1 54  ASP n 
1 55  THR n 
1 56  GLY n 
1 57  ALA n 
1 58  ILE n 
1 59  ALA n 
1 60  CYS n 
1 61  LEU n 
1 62  GLU n 
1 63  ARG n 
1 64  MET n 
1 65  ASN n 
1 66  GLY n 
1 67  ALA n 
1 68  THR n 
1 69  TRP n 
1 70  SER n 
1 71  ASP n 
1 72  GLN n 
1 73  VAL n 
1 74  ALA n 
1 75  ARG n 
1 76  LEU n 
1 77  LYS n 
1 78  ALA n 
1 79  LEU n 
1 80  SER n 
1 81  GLU n 
1 82  ASP n 
1 83  TYR n 
1 84  GLY n 
1 85  HIS n 
1 86  ALA n 
1 87  TYR n 
1 88  VAL n 
1 89  VAL n 
1 90  ALA n 
1 91  ASP n 
1 92  THR n 
1 93  TRP n 
1 94  GLY n 
1 95  VAL n 
1 96  GLY n 
1 97  ASP n 
1 98  ALA n 
1 99  ILE n 
1 100 ALA n 
1 101 GLU n 
1 102 GLU n 
1 103 LEU n 
1 104 ASP n 
1 105 ALA n 
1 106 GLN n 
1 107 GLY n 
1 108 ILE n 
1 109 ASN n 
1 110 TYR n 
1 111 THR n 
1 112 PRO n 
1 113 LEU n 
1 114 PRO n 
1 115 VAL n 
1 116 LYS n 
1 117 SER n 
1 118 SER n 
1 119 SER n 
1 120 VAL n 
1 121 LYS n 
1 122 GLU n 
1 123 GLN n 
1 124 LEU n 
1 125 ILE n 
1 126 SER n 
1 127 ASN n 
1 128 LEU n 
1 129 ALA n 
1 130 LEU n 
1 131 LEU n 
1 132 MET n 
1 133 GLU n 
1 134 LYS n 
1 135 GLY n 
1 136 GLN n 
1 137 VAL n 
1 138 ALA n 
1 139 VAL n 
1 140 PRO n 
1 141 ASN n 
1 142 ASP n 
1 143 LYS n 
1 144 THR n 
1 145 ILE n 
1 146 LEU n 
1 147 ASP n 
1 148 GLU n 
1 149 LEU n 
1 150 ARG n 
1 151 ASN n 
1 152 PHE n 
1 153 ARG n 
1 154 TYR n 
1 155 TYR n 
1 156 ARG n 
1 157 THR n 
1 158 ALA n 
1 159 SER n 
1 160 GLY n 
1 161 ASN n 
1 162 GLN n 
1 163 VAL n 
1 164 MET n 
1 165 ARG n 
1 166 ALA n 
1 167 TYR n 
1 168 GLY n 
1 169 ARG n 
1 170 GLY n 
1 171 HIS n 
1 172 ASP n 
1 173 ASP n 
1 174 ILE n 
1 175 VAL n 
1 176 MET n 
1 177 SER n 
1 178 LEU n 
1 179 ALA n 
1 180 LEU n 
1 181 ALA n 
1 182 TYR n 
1 183 SER n 
1 184 GLN n 
1 185 TYR n 
1 186 GLU n 
1 187 GLY n 
# 
_entity_src_gen.entity_id                          1 
_entity_src_gen.pdbx_src_id                        1 
_entity_src_gen.pdbx_alt_source_flag               sample 
_entity_src_gen.pdbx_seq_type                      'Biological sequence' 
_entity_src_gen.pdbx_beg_seq_num                   1 
_entity_src_gen.pdbx_end_seq_num                   187 
_entity_src_gen.gene_src_common_name               ? 
_entity_src_gen.gene_src_genus                     ? 
_entity_src_gen.pdbx_gene_src_gene                 ? 
_entity_src_gen.gene_src_species                   ? 
_entity_src_gen.gene_src_strain                    ? 
_entity_src_gen.gene_src_tissue                    ? 
_entity_src_gen.gene_src_tissue_fraction           ? 
_entity_src_gen.gene_src_details                   ? 
_entity_src_gen.pdbx_gene_src_fragment             ? 
_entity_src_gen.pdbx_gene_src_scientific_name      'Thermus phage G20c' 
_entity_src_gen.pdbx_gene_src_ncbi_taxonomy_id     1406341 
_entity_src_gen.pdbx_gene_src_variant              ? 
_entity_src_gen.pdbx_gene_src_cell_line            ? 
_entity_src_gen.pdbx_gene_src_atcc                 ? 
_entity_src_gen.pdbx_gene_src_organ                ? 
_entity_src_gen.pdbx_gene_src_organelle            ? 
_entity_src_gen.pdbx_gene_src_cell                 ? 
_entity_src_gen.pdbx_gene_src_cellular_location    ? 
_entity_src_gen.host_org_common_name               ? 
_entity_src_gen.pdbx_host_org_scientific_name      'Escherichia coli' 
_entity_src_gen.pdbx_host_org_ncbi_taxonomy_id     562 
_entity_src_gen.host_org_genus                     ? 
_entity_src_gen.pdbx_host_org_gene                 ? 
_entity_src_gen.pdbx_host_org_organ                ? 
_entity_src_gen.host_org_species                   ? 
_entity_src_gen.pdbx_host_org_tissue               ? 
_entity_src_gen.pdbx_host_org_tissue_fraction      ? 
_entity_src_gen.pdbx_host_org_strain               ? 
_entity_src_gen.pdbx_host_org_variant              ? 
_entity_src_gen.pdbx_host_org_cell_line            ? 
_entity_src_gen.pdbx_host_org_atcc                 ? 
_entity_src_gen.pdbx_host_org_culture_collection   ? 
_entity_src_gen.pdbx_host_org_cell                 ? 
_entity_src_gen.pdbx_host_org_organelle            ? 
_entity_src_gen.pdbx_host_org_cellular_location    ? 
_entity_src_gen.pdbx_host_org_vector_type          ? 
_entity_src_gen.pdbx_host_org_vector               ? 
_entity_src_gen.host_org_details                   ? 
_entity_src_gen.expression_system_id               ? 
_entity_src_gen.plasmid_name                       ? 
_entity_src_gen.plasmid_details                    ? 
_entity_src_gen.pdbx_description                   ? 
# 
loop_
_chem_comp.id 
_chem_comp.type 
_chem_comp.mon_nstd_flag 
_chem_comp.name 
_chem_comp.pdbx_synonyms 
_chem_comp.formula 
_chem_comp.formula_weight 
ALA 'L-peptide linking' y ALANINE         ? 'C3 H7 N O2'     89.093  
ARG 'L-peptide linking' y ARGININE        ? 'C6 H15 N4 O2 1' 175.209 
ASN 'L-peptide linking' y ASPARAGINE      ? 'C4 H8 N2 O3'    132.118 
ASP 'L-peptide linking' y 'ASPARTIC ACID' ? 'C4 H7 N O4'     133.103 
CYS 'L-peptide linking' y CYSTEINE        ? 'C3 H7 N O2 S'   121.158 
GLN 'L-peptide linking' y GLUTAMINE       ? 'C5 H10 N2 O3'   146.144 
GLU 'L-peptide linking' y 'GLUTAMIC ACID' ? 'C5 H9 N O4'     147.129 
GLY 'peptide linking'   y GLYCINE         ? 'C2 H5 N O2'     75.067  
HIS 'L-peptide linking' y HISTIDINE       ? 'C6 H10 N3 O2 1' 156.162 
HOH non-polymer         . WATER           ? 'H2 O'           18.015  
ILE 'L-peptide linking' y ISOLEUCINE      ? 'C6 H13 N O2'    131.173 
LEU 'L-peptide linking' y LEUCINE         ? 'C6 H13 N O2'    131.173 
LYS 'L-peptide linking' y LYSINE          ? 'C6 H15 N2 O2 1' 147.195 
MET 'L-peptide linking' y METHIONINE      ? 'C5 H11 N O2 S'  149.211 
PHE 'L-peptide linking' y PHENYLALANINE   ? 'C9 H11 N O2'    165.189 
PRO 'L-peptide linking' y PROLINE         ? 'C5 H9 N O2'     115.130 
SER 'L-peptide linking' y SERINE          ? 'C3 H7 N O3'     105.093 
THR 'L-peptide linking' y THREONINE       ? 'C4 H9 N O3'     119.119 
TRP 'L-peptide linking' y TRYPTOPHAN      ? 'C11 H12 N2 O2'  204.225 
TYR 'L-peptide linking' y TYROSINE        ? 'C9 H11 N O3'    181.189 
VAL 'L-peptide linking' y VALINE          ? 'C5 H11 N O2'    117.146 
ZN  non-polymer         . 'ZINC ION'      ? 'Zn 2'           65.409  
# 
loop_
_pdbx_poly_seq_scheme.asym_id 
_pdbx_poly_seq_scheme.entity_id 
_pdbx_poly_seq_scheme.seq_id 
_pdbx_poly_seq_scheme.mon_id 
_pdbx_poly_seq_scheme.ndb_seq_num 
_pdbx_poly_seq_scheme.pdb_seq_num 
_pdbx_poly_seq_scheme.auth_seq_num 
_pdbx_poly_seq_scheme.pdb_mon_id 
_pdbx_poly_seq_scheme.auth_mon_id 
_pdbx_poly_seq_scheme.pdb_strand_id 
_pdbx_poly_seq_scheme.pdb_ins_code 
_pdbx_poly_seq_scheme.hetero 
A 1 1   ASN 1   257 257 ASN ASN A . n 
A 1 2   SER 2   258 258 SER SER A . n 
A 1 3   VAL 3   259 259 VAL VAL A . n 
A 1 4   PHE 4   260 260 PHE PHE A . n 
A 1 5   SER 5   261 261 SER SER A . n 
A 1 6   GLY 6   262 262 GLY GLY A . n 
A 1 7   LEU 7   263 263 LEU LEU A . n 
A 1 8   ASP 8   264 264 ASP ASP A . n 
A 1 9   MET 9   265 265 MET MET A . n 
A 1 10  LEU 10  266 266 LEU LEU A . n 
A 1 11  ILE 11  267 267 ILE ILE A . n 
A 1 12  LEU 12  268 268 LEU LEU A . n 
A 1 13  LEU 13  269 269 LEU LEU A . n 
A 1 14  PRO 14  270 270 PRO PRO A . n 
A 1 15  TYR 15  271 271 TYR TYR A . n 
A 1 16  GLU 16  272 272 GLU GLU A . n 
A 1 17  ARG 17  273 273 ARG ARG A . n 
A 1 18  ARG 18  274 274 ARG ARG A . n 
A 1 19  GLY 19  275 275 GLY GLY A . n 
A 1 20  THR 20  276 276 THR THR A . n 
A 1 21  ARG 21  277 277 ARG ARG A . n 
A 1 22  LEU 22  278 278 LEU LEU A . n 
A 1 23  VAL 23  279 279 VAL VAL A . n 
A 1 24  VAL 24  280 280 VAL VAL A . n 
A 1 25  GLU 25  281 281 GLU GLU A . n 
A 1 26  ASP 26  282 282 ASP ASP A . n 
A 1 27  TYR 27  283 283 TYR TYR A . n 
A 1 28  ARG 28  284 284 ARG ARG A . n 
A 1 29  PRO 29  285 285 PRO PRO A . n 
A 1 30  ASP 30  286 286 ASP ASP A . n 
A 1 31  HIS 31  287 287 HIS HIS A . n 
A 1 32  ILE 32  288 288 ILE ILE A . n 
A 1 33  TYR 33  289 289 TYR TYR A . n 
A 1 34  CYS 34  290 290 CYS CYS A . n 
A 1 35  ILE 35  291 291 ILE ILE A . n 
A 1 36  GLY 36  292 292 GLY GLY A . n 
A 1 37  ALA 37  293 293 ALA ALA A . n 
A 1 38  ASP 38  294 294 ASP ASP A . n 
A 1 39  PHE 39  295 295 PHE PHE A . n 
A 1 40  GLY 40  296 296 GLY GLY A . n 
A 1 41  LYS 41  297 ?   ?   ?   A . n 
A 1 42  ASN 42  298 298 ASN ASN A . n 
A 1 43  GLN 43  299 299 GLN GLN A . n 
A 1 44  ASP 44  300 300 ASP ASP A . n 
A 1 45  TYR 45  301 301 TYR TYR A . n 
A 1 46  SER 46  302 302 SER SER A . n 
A 1 47  VAL 47  303 303 VAL VAL A . n 
A 1 48  PHE 48  304 304 PHE PHE A . n 
A 1 49  SER 49  305 305 SER SER A . n 
A 1 50  VAL 50  306 306 VAL VAL A . n 
A 1 51  LEU 51  307 307 LEU LEU A . n 
A 1 52  ASP 52  308 308 ASP ASP A . n 
A 1 53  LEU 53  309 309 LEU LEU A . n 
A 1 54  ASP 54  310 310 ASP ASP A . n 
A 1 55  THR 55  311 311 THR THR A . n 
A 1 56  GLY 56  312 312 GLY GLY A . n 
A 1 57  ALA 57  313 313 ALA ALA A . n 
A 1 58  ILE 58  314 314 ILE ILE A . n 
A 1 59  ALA 59  315 315 ALA ALA A . n 
A 1 60  CYS 60  316 316 CYS CYS A . n 
A 1 61  LEU 61  317 317 LEU LEU A . n 
A 1 62  GLU 62  318 318 GLU GLU A . n 
A 1 63  ARG 63  319 319 ARG ARG A . n 
A 1 64  MET 64  320 320 MET MET A . n 
A 1 65  ASN 65  321 321 ASN ASN A . n 
A 1 66  GLY 66  322 322 GLY GLY A . n 
A 1 67  ALA 67  323 323 ALA ALA A . n 
A 1 68  THR 68  324 324 THR THR A . n 
A 1 69  TRP 69  325 325 TRP TRP A . n 
A 1 70  SER 70  326 326 SER SER A . n 
A 1 71  ASP 71  327 327 ASP ASP A . n 
A 1 72  GLN 72  328 328 GLN GLN A . n 
A 1 73  VAL 73  329 329 VAL VAL A . n 
A 1 74  ALA 74  330 330 ALA ALA A . n 
A 1 75  ARG 75  331 331 ARG ARG A . n 
A 1 76  LEU 76  332 332 LEU LEU A . n 
A 1 77  LYS 77  333 333 LYS LYS A . n 
A 1 78  ALA 78  334 334 ALA ALA A . n 
A 1 79  LEU 79  335 335 LEU LEU A . n 
A 1 80  SER 80  336 336 SER SER A . n 
A 1 81  GLU 81  337 337 GLU GLU A . n 
A 1 82  ASP 82  338 338 ASP ASP A . n 
A 1 83  TYR 83  339 339 TYR TYR A . n 
A 1 84  GLY 84  340 340 GLY GLY A . n 
A 1 85  HIS 85  341 341 HIS HIS A . n 
A 1 86  ALA 86  342 342 ALA ALA A . n 
A 1 87  TYR 87  343 343 TYR TYR A . n 
A 1 88  VAL 88  344 344 VAL VAL A . n 
A 1 89  VAL 89  345 345 VAL VAL A . n 
A 1 90  ALA 90  346 346 ALA ALA A . n 
A 1 91  ASP 91  347 347 ASP ASP A . n 
A 1 92  THR 92  348 348 THR THR A . n 
A 1 93  TRP 93  349 349 TRP TRP A . n 
A 1 94  GLY 94  350 350 GLY GLY A . n 
A 1 95  VAL 95  351 351 VAL VAL A . n 
A 1 96  GLY 96  352 352 GLY GLY A . n 
A 1 97  ASP 97  353 353 ASP ASP A . n 
A 1 98  ALA 98  354 354 ALA ALA A . n 
A 1 99  ILE 99  355 355 ILE ILE A . n 
A 1 100 ALA 100 356 356 ALA ALA A . n 
A 1 101 GLU 101 357 357 GLU GLU A . n 
A 1 102 GLU 102 358 358 GLU GLU A . n 
A 1 103 LEU 103 359 359 LEU LEU A . n 
A 1 104 ASP 104 360 360 ASP ASP A . n 
A 1 105 ALA 105 361 361 ALA ALA A . n 
A 1 106 GLN 106 362 362 GLN GLN A . n 
A 1 107 GLY 107 363 363 GLY GLY A . n 
A 1 108 ILE 108 364 364 ILE ILE A . n 
A 1 109 ASN 109 365 365 ASN ASN A . n 
A 1 110 TYR 110 366 366 TYR TYR A . n 
A 1 111 THR 111 367 367 THR THR A . n 
A 1 112 PRO 112 368 368 PRO PRO A . n 
A 1 113 LEU 113 369 369 LEU LEU A . n 
A 1 114 PRO 114 370 370 PRO PRO A . n 
A 1 115 VAL 115 371 371 VAL VAL A . n 
A 1 116 LYS 116 372 372 LYS LYS A . n 
A 1 117 SER 117 373 373 SER SER A . n 
A 1 118 SER 118 374 374 SER SER A . n 
A 1 119 SER 119 375 375 SER SER A . n 
A 1 120 VAL 120 376 376 VAL VAL A . n 
A 1 121 LYS 121 377 377 LYS LYS A . n 
A 1 122 GLU 122 378 378 GLU GLU A . n 
A 1 123 GLN 123 379 379 GLN GLN A . n 
A 1 124 LEU 124 380 380 LEU LEU A . n 
A 1 125 ILE 125 381 381 ILE ILE A . n 
A 1 126 SER 126 382 382 SER SER A . n 
A 1 127 ASN 127 383 383 ASN ASN A . n 
A 1 128 LEU 128 384 384 LEU LEU A . n 
A 1 129 ALA 129 385 385 ALA ALA A . n 
A 1 130 LEU 130 386 386 LEU LEU A . n 
A 1 131 LEU 131 387 387 LEU LEU A . n 
A 1 132 MET 132 388 388 MET MET A . n 
A 1 133 GLU 133 389 389 GLU GLU A . n 
A 1 134 LYS 134 390 390 LYS LYS A . n 
A 1 135 GLY 135 391 391 GLY GLY A . n 
A 1 136 GLN 136 392 392 GLN GLN A . n 
A 1 137 VAL 137 393 393 VAL VAL A . n 
A 1 138 ALA 138 394 394 ALA ALA A . n 
A 1 139 VAL 139 395 395 VAL VAL A . n 
A 1 140 PRO 140 396 396 PRO PRO A . n 
A 1 141 ASN 141 397 397 ASN ASN A . n 
A 1 142 ASP 142 398 398 ASP ASP A . n 
A 1 143 LYS 143 399 399 LYS LYS A . n 
A 1 144 THR 144 400 400 THR THR A . n 
A 1 145 ILE 145 401 401 ILE ILE A . n 
A 1 146 LEU 146 402 402 LEU LEU A . n 
A 1 147 ASP 147 403 403 ASP ASP A . n 
A 1 148 GLU 148 404 404 GLU GLU A . n 
A 1 149 LEU 149 405 405 LEU LEU A . n 
A 1 150 ARG 150 406 406 ARG ARG A . n 
A 1 151 ASN 151 407 407 ASN ASN A . n 
A 1 152 PHE 152 408 408 PHE PHE A . n 
A 1 153 ARG 153 409 409 ARG ARG A . n 
A 1 154 TYR 154 410 410 TYR TYR A . n 
A 1 155 TYR 155 411 411 TYR TYR A . n 
A 1 156 ARG 156 412 ?   ?   ?   A . n 
A 1 157 THR 157 413 ?   ?   ?   A . n 
A 1 158 ALA 158 414 ?   ?   ?   A . n 
A 1 159 SER 159 415 ?   ?   ?   A . n 
A 1 160 GLY 160 416 ?   ?   ?   A . n 
A 1 161 ASN 161 417 ?   ?   ?   A . n 
A 1 162 GLN 162 418 ?   ?   ?   A . n 
A 1 163 VAL 163 419 ?   ?   ?   A . n 
A 1 164 MET 164 420 ?   ?   ?   A . n 
A 1 165 ARG 165 421 ?   ?   ?   A . n 
A 1 166 ALA 166 422 ?   ?   ?   A . n 
A 1 167 TYR 167 423 ?   ?   ?   A . n 
A 1 168 GLY 168 424 ?   ?   ?   A . n 
A 1 169 ARG 169 425 ?   ?   ?   A . n 
A 1 170 GLY 170 426 426 GLY GLY A . n 
A 1 171 HIS 171 427 427 HIS HIS A . n 
A 1 172 ASP 172 428 428 ASP ASP A . n 
A 1 173 ASP 173 429 429 ASP ASP A . n 
A 1 174 ILE 174 430 430 ILE ILE A . n 
A 1 175 VAL 175 431 431 VAL VAL A . n 
A 1 176 MET 176 432 432 MET MET A . n 
A 1 177 SER 177 433 433 SER SER A . n 
A 1 178 LEU 178 434 434 LEU LEU A . n 
A 1 179 ALA 179 435 435 ALA ALA A . n 
A 1 180 LEU 180 436 436 LEU LEU A . n 
A 1 181 ALA 181 437 437 ALA ALA A . n 
A 1 182 TYR 182 438 438 TYR TYR A . n 
A 1 183 SER 183 439 439 SER SER A . n 
A 1 184 GLN 184 440 440 GLN GLN A . n 
A 1 185 TYR 185 441 441 TYR TYR A . n 
A 1 186 GLU 186 442 442 GLU GLU A . n 
A 1 187 GLY 187 443 ?   ?   ?   A . n 
# 
loop_
_pdbx_nonpoly_scheme.asym_id 
_pdbx_nonpoly_scheme.entity_id 
_pdbx_nonpoly_scheme.mon_id 
_pdbx_nonpoly_scheme.ndb_seq_num 
_pdbx_nonpoly_scheme.pdb_seq_num 
_pdbx_nonpoly_scheme.auth_seq_num 
_pdbx_nonpoly_scheme.pdb_mon_id 
_pdbx_nonpoly_scheme.auth_mon_id 
_pdbx_nonpoly_scheme.pdb_strand_id 
_pdbx_nonpoly_scheme.pdb_ins_code 
B 2 ZN  1   501 1   ZN  ZN  A . 
C 2 ZN  1   502 2   ZN  ZN  A . 
D 2 ZN  1   503 4   ZN  ZN  A . 
E 2 ZN  1   504 5   ZN  ZN  A . 
F 3 HOH 1   601 146 HOH HOH A . 
F 3 HOH 2   602 30  HOH HOH A . 
F 3 HOH 3   603 12  HOH HOH A . 
F 3 HOH 4   604 143 HOH HOH A . 
F 3 HOH 5   605 45  HOH HOH A . 
F 3 HOH 6   606 15  HOH HOH A . 
F 3 HOH 7   607 86  HOH HOH A . 
F 3 HOH 8   608 63  HOH HOH A . 
F 3 HOH 9   609 50  HOH HOH A . 
F 3 HOH 10  610 64  HOH HOH A . 
F 3 HOH 11  611 109 HOH HOH A . 
F 3 HOH 12  612 128 HOH HOH A . 
F 3 HOH 13  613 126 HOH HOH A . 
F 3 HOH 14  614 156 HOH HOH A . 
F 3 HOH 15  615 122 HOH HOH A . 
F 3 HOH 16  616 121 HOH HOH A . 
F 3 HOH 17  617 71  HOH HOH A . 
F 3 HOH 18  618 17  HOH HOH A . 
F 3 HOH 19  619 38  HOH HOH A . 
F 3 HOH 20  620 55  HOH HOH A . 
F 3 HOH 21  621 104 HOH HOH A . 
F 3 HOH 22  622 133 HOH HOH A . 
F 3 HOH 23  623 68  HOH HOH A . 
F 3 HOH 24  624 91  HOH HOH A . 
F 3 HOH 25  625 97  HOH HOH A . 
F 3 HOH 26  626 52  HOH HOH A . 
F 3 HOH 27  627 53  HOH HOH A . 
F 3 HOH 28  628 10  HOH HOH A . 
F 3 HOH 29  629 5   HOH HOH A . 
F 3 HOH 30  630 25  HOH HOH A . 
F 3 HOH 31  631 134 HOH HOH A . 
F 3 HOH 32  632 21  HOH HOH A . 
F 3 HOH 33  633 151 HOH HOH A . 
F 3 HOH 34  634 4   HOH HOH A . 
F 3 HOH 35  635 72  HOH HOH A . 
F 3 HOH 36  636 65  HOH HOH A . 
F 3 HOH 37  637 139 HOH HOH A . 
F 3 HOH 38  638 8   HOH HOH A . 
F 3 HOH 39  639 13  HOH HOH A . 
F 3 HOH 40  640 49  HOH HOH A . 
F 3 HOH 41  641 154 HOH HOH A . 
F 3 HOH 42  642 145 HOH HOH A . 
F 3 HOH 43  643 150 HOH HOH A . 
F 3 HOH 44  644 131 HOH HOH A . 
F 3 HOH 45  645 84  HOH HOH A . 
F 3 HOH 46  646 22  HOH HOH A . 
F 3 HOH 47  647 32  HOH HOH A . 
F 3 HOH 48  648 19  HOH HOH A . 
F 3 HOH 49  649 75  HOH HOH A . 
F 3 HOH 50  650 58  HOH HOH A . 
F 3 HOH 51  651 34  HOH HOH A . 
F 3 HOH 52  652 6   HOH HOH A . 
F 3 HOH 53  653 60  HOH HOH A . 
F 3 HOH 54  654 82  HOH HOH A . 
F 3 HOH 55  655 37  HOH HOH A . 
F 3 HOH 56  656 51  HOH HOH A . 
F 3 HOH 57  657 85  HOH HOH A . 
F 3 HOH 58  658 44  HOH HOH A . 
F 3 HOH 59  659 9   HOH HOH A . 
F 3 HOH 60  660 1   HOH HOH A . 
F 3 HOH 61  661 130 HOH HOH A . 
F 3 HOH 62  662 98  HOH HOH A . 
F 3 HOH 63  663 115 HOH HOH A . 
F 3 HOH 64  664 56  HOH HOH A . 
F 3 HOH 65  665 136 HOH HOH A . 
F 3 HOH 66  666 35  HOH HOH A . 
F 3 HOH 67  667 61  HOH HOH A . 
F 3 HOH 68  668 149 HOH HOH A . 
F 3 HOH 69  669 117 HOH HOH A . 
F 3 HOH 70  670 11  HOH HOH A . 
F 3 HOH 71  671 138 HOH HOH A . 
F 3 HOH 72  672 135 HOH HOH A . 
F 3 HOH 73  673 46  HOH HOH A . 
F 3 HOH 74  674 106 HOH HOH A . 
F 3 HOH 75  675 120 HOH HOH A . 
F 3 HOH 76  676 123 HOH HOH A . 
F 3 HOH 77  677 36  HOH HOH A . 
F 3 HOH 78  678 80  HOH HOH A . 
F 3 HOH 79  679 137 HOH HOH A . 
F 3 HOH 80  680 79  HOH HOH A . 
F 3 HOH 81  681 59  HOH HOH A . 
F 3 HOH 82  682 148 HOH HOH A . 
F 3 HOH 83  683 124 HOH HOH A . 
F 3 HOH 84  684 144 HOH HOH A . 
F 3 HOH 85  685 125 HOH HOH A . 
F 3 HOH 86  686 119 HOH HOH A . 
F 3 HOH 87  687 127 HOH HOH A . 
F 3 HOH 88  688 70  HOH HOH A . 
F 3 HOH 89  689 27  HOH HOH A . 
F 3 HOH 90  690 14  HOH HOH A . 
F 3 HOH 91  691 118 HOH HOH A . 
F 3 HOH 92  692 48  HOH HOH A . 
F 3 HOH 93  693 81  HOH HOH A . 
F 3 HOH 94  694 155 HOH HOH A . 
F 3 HOH 95  695 141 HOH HOH A . 
F 3 HOH 96  696 132 HOH HOH A . 
F 3 HOH 97  697 78  HOH HOH A . 
F 3 HOH 98  698 129 HOH HOH A . 
F 3 HOH 99  699 152 HOH HOH A . 
F 3 HOH 100 700 147 HOH HOH A . 
F 3 HOH 101 701 102 HOH HOH A . 
F 3 HOH 102 702 153 HOH HOH A . 
F 3 HOH 103 703 142 HOH HOH A . 
# 
loop_
_pdbx_unobs_or_zero_occ_atoms.id 
_pdbx_unobs_or_zero_occ_atoms.PDB_model_num 
_pdbx_unobs_or_zero_occ_atoms.polymer_flag 
_pdbx_unobs_or_zero_occ_atoms.occupancy_flag 
_pdbx_unobs_or_zero_occ_atoms.auth_asym_id 
_pdbx_unobs_or_zero_occ_atoms.auth_comp_id 
_pdbx_unobs_or_zero_occ_atoms.auth_seq_id 
_pdbx_unobs_or_zero_occ_atoms.PDB_ins_code 
_pdbx_unobs_or_zero_occ_atoms.auth_atom_id 
_pdbx_unobs_or_zero_occ_atoms.label_alt_id 
_pdbx_unobs_or_zero_occ_atoms.label_asym_id 
_pdbx_unobs_or_zero_occ_atoms.label_comp_id 
_pdbx_unobs_or_zero_occ_atoms.label_seq_id 
_pdbx_unobs_or_zero_occ_atoms.label_atom_id 
1  1 Y 1 A ASN 298 ? CG  ? A ASN 42  CG  
2  1 Y 1 A ASN 298 ? OD1 ? A ASN 42  OD1 
3  1 Y 1 A ASN 298 ? ND2 ? A ASN 42  ND2 
4  1 Y 1 A TRP 325 ? CG  ? A TRP 69  CG  
5  1 Y 1 A TRP 325 ? CD1 ? A TRP 69  CD1 
6  1 Y 1 A TRP 325 ? CD2 ? A TRP 69  CD2 
7  1 Y 1 A TRP 325 ? NE1 ? A TRP 69  NE1 
8  1 Y 1 A TRP 325 ? CE2 ? A TRP 69  CE2 
9  1 Y 1 A TRP 325 ? CE3 ? A TRP 69  CE3 
10 1 Y 1 A TRP 325 ? CZ2 ? A TRP 69  CZ2 
11 1 Y 1 A TRP 325 ? CZ3 ? A TRP 69  CZ3 
12 1 Y 1 A TRP 325 ? CH2 ? A TRP 69  CH2 
13 1 Y 1 A ASP 353 ? CG  ? A ASP 97  CG  
14 1 Y 1 A ASP 353 ? OD1 ? A ASP 97  OD1 
15 1 Y 1 A ASP 353 ? OD2 ? A ASP 97  OD2 
16 1 Y 1 A GLU 357 ? CG  ? A GLU 101 CG  
17 1 Y 1 A GLU 357 ? CD  ? A GLU 101 CD  
18 1 Y 1 A GLU 357 ? OE1 ? A GLU 101 OE1 
19 1 Y 1 A GLU 357 ? OE2 ? A GLU 101 OE2 
20 1 Y 1 A ASP 360 ? CG  ? A ASP 104 CG  
21 1 Y 1 A ASP 360 ? OD1 ? A ASP 104 OD1 
22 1 Y 1 A ASP 360 ? OD2 ? A ASP 104 OD2 
23 1 Y 1 A ARG 409 ? CG  ? A ARG 153 CG  
24 1 Y 1 A ARG 409 ? CD  ? A ARG 153 CD  
25 1 Y 1 A ARG 409 ? NE  ? A ARG 153 NE  
26 1 Y 1 A ARG 409 ? CZ  ? A ARG 153 CZ  
27 1 Y 1 A ARG 409 ? NH1 ? A ARG 153 NH1 
28 1 Y 1 A ARG 409 ? NH2 ? A ARG 153 NH2 
29 1 Y 1 A TYR 411 ? CG  ? A TYR 155 CG  
30 1 Y 1 A TYR 411 ? CD1 ? A TYR 155 CD1 
31 1 Y 1 A TYR 411 ? CD2 ? A TYR 155 CD2 
32 1 Y 1 A TYR 411 ? CE1 ? A TYR 155 CE1 
33 1 Y 1 A TYR 411 ? CE2 ? A TYR 155 CE2 
34 1 Y 1 A TYR 411 ? CZ  ? A TYR 155 CZ  
35 1 Y 1 A TYR 411 ? OH  ? A TYR 155 OH  
# 
loop_
_software.citation_id 
_software.classification 
_software.compiler_name 
_software.compiler_version 
_software.contact_author 
_software.contact_author_email 
_software.date 
_software.description 
_software.dependencies 
_software.hardware 
_software.language 
_software.location 
_software.mods 
_software.name 
_software.os 
_software.os_version 
_software.type 
_software.version 
_software.pdbx_ordinal 
? refinement        ? ? ? ? ? ? ? ? ? ? ? REFMAC      ? ? ? 5.8.0155 1 
? 'data scaling'    ? ? ? ? ? ? ? ? ? ? ? Aimless     ? ? ? 0.5.27   2 
? 'data extraction' ? ? ? ? ? ? ? ? ? ? ? PDB_EXTRACT ? ? ? 3.20     3 
? 'data reduction'  ? ? ? ? ? ? ? ? ? ? ? XDS         ? ? ? .        4 
? phasing           ? ? ? ? ? ? ? ? ? ? ? PHASER      ? ? ? .        5 
# 
_cell.angle_alpha                  90.000 
_cell.angle_alpha_esd              ? 
_cell.angle_beta                   90.000 
_cell.angle_beta_esd               ? 
_cell.angle_gamma                  120.000 
_cell.angle_gamma_esd              ? 
_cell.entry_id                     5M1Q 
_cell.details                      ? 
_cell.formula_units_Z              ? 
_cell.length_a                     60.983 
_cell.length_a_esd                 ? 
_cell.length_b                     60.983 
_cell.length_b_esd                 ? 
_cell.length_c                     90.396 
_cell.length_c_esd                 ? 
_cell.volume                       ? 
_cell.volume_esd                   ? 
_cell.Z_PDB                        6 
_cell.reciprocal_angle_alpha       ? 
_cell.reciprocal_angle_beta        ? 
_cell.reciprocal_angle_gamma       ? 
_cell.reciprocal_angle_alpha_esd   ? 
_cell.reciprocal_angle_beta_esd    ? 
_cell.reciprocal_angle_gamma_esd   ? 
_cell.reciprocal_length_a          ? 
_cell.reciprocal_length_b          ? 
_cell.reciprocal_length_c          ? 
_cell.reciprocal_length_a_esd      ? 
_cell.reciprocal_length_b_esd      ? 
_cell.reciprocal_length_c_esd      ? 
_cell.pdbx_unique_axis             ? 
# 
_symmetry.entry_id                         5M1Q 
_symmetry.cell_setting                     ? 
_symmetry.Int_Tables_number                170 
_symmetry.space_group_name_Hall            ? 
_symmetry.space_group_name_H-M             'P 65' 
_symmetry.pdbx_full_space_group_name_H-M   ? 
# 
_exptl.absorpt_coefficient_mu     ? 
_exptl.absorpt_correction_T_max   ? 
_exptl.absorpt_correction_T_min   ? 
_exptl.absorpt_correction_type    ? 
_exptl.absorpt_process_details    ? 
_exptl.entry_id                   5M1Q 
_exptl.crystals_number            1 
_exptl.details                    ? 
_exptl.method                     'X-RAY DIFFRACTION' 
_exptl.method_details             ? 
# 
_exptl_crystal.colour                      ? 
_exptl_crystal.density_diffrn              ? 
_exptl_crystal.density_Matthews            2.34 
_exptl_crystal.density_method              ? 
_exptl_crystal.density_percent_sol         47.37 
_exptl_crystal.description                 ? 
_exptl_crystal.F_000                       ? 
_exptl_crystal.id                          1 
_exptl_crystal.preparation                 ? 
_exptl_crystal.size_max                    ? 
_exptl_crystal.size_mid                    ? 
_exptl_crystal.size_min                    ? 
_exptl_crystal.size_rad                    ? 
_exptl_crystal.colour_lustre               ? 
_exptl_crystal.colour_modifier             ? 
_exptl_crystal.colour_primary              ? 
_exptl_crystal.density_meas                ? 
_exptl_crystal.density_meas_esd            ? 
_exptl_crystal.density_meas_gt             ? 
_exptl_crystal.density_meas_lt             ? 
_exptl_crystal.density_meas_temp           ? 
_exptl_crystal.density_meas_temp_esd       ? 
_exptl_crystal.density_meas_temp_gt        ? 
_exptl_crystal.density_meas_temp_lt        ? 
_exptl_crystal.pdbx_crystal_image_url      ? 
_exptl_crystal.pdbx_crystal_image_format   ? 
_exptl_crystal.pdbx_mosaicity              ? 
_exptl_crystal.pdbx_mosaicity_esd          ? 
# 
_exptl_crystal_grow.apparatus       ? 
_exptl_crystal_grow.atmosphere      ? 
_exptl_crystal_grow.crystal_id      1 
_exptl_crystal_grow.details         ? 
_exptl_crystal_grow.method          'VAPOR DIFFUSION, SITTING DROP' 
_exptl_crystal_grow.method_ref      ? 
_exptl_crystal_grow.pH              6.0 
_exptl_crystal_grow.pressure        ? 
_exptl_crystal_grow.pressure_esd    ? 
_exptl_crystal_grow.seeding         ? 
_exptl_crystal_grow.seeding_ref     ? 
_exptl_crystal_grow.temp            293 
_exptl_crystal_grow.temp_details    ? 
_exptl_crystal_grow.temp_esd        ? 
_exptl_crystal_grow.time            ? 
_exptl_crystal_grow.pdbx_details    '0.01 M Zinc chloride, 0.1 M MES pH 6.0, 20% PEG 6000' 
_exptl_crystal_grow.pdbx_pH_range   ? 
# 
_diffrn.ambient_environment    ? 
_diffrn.ambient_temp           100 
_diffrn.ambient_temp_details   ? 
_diffrn.ambient_temp_esd       ? 
_diffrn.crystal_id             1 
_diffrn.crystal_support        ? 
_diffrn.crystal_treatment      ? 
_diffrn.details                ? 
_diffrn.id                     1 
_diffrn.ambient_pressure       ? 
_diffrn.ambient_pressure_esd   ? 
_diffrn.ambient_pressure_gt    ? 
_diffrn.ambient_pressure_lt    ? 
_diffrn.ambient_temp_gt        ? 
_diffrn.ambient_temp_lt        ? 
# 
_diffrn_detector.details                      ? 
_diffrn_detector.detector                     PIXEL 
_diffrn_detector.diffrn_id                    1 
_diffrn_detector.type                         'DECTRIS PILATUS 6M-F' 
_diffrn_detector.area_resol_mean              ? 
_diffrn_detector.dtime                        ? 
_diffrn_detector.pdbx_frames_total            ? 
_diffrn_detector.pdbx_collection_time_total   ? 
_diffrn_detector.pdbx_collection_date         2012-07-07 
# 
_diffrn_radiation.collimation                      ? 
_diffrn_radiation.diffrn_id                        1 
_diffrn_radiation.filter_edge                      ? 
_diffrn_radiation.inhomogeneity                    ? 
_diffrn_radiation.monochromator                    ? 
_diffrn_radiation.polarisn_norm                    ? 
_diffrn_radiation.polarisn_ratio                   ? 
_diffrn_radiation.probe                            ? 
_diffrn_radiation.type                             ? 
_diffrn_radiation.xray_symbol                      ? 
_diffrn_radiation.wavelength_id                    1 
_diffrn_radiation.pdbx_monochromatic_or_laue_m_l   M 
_diffrn_radiation.pdbx_wavelength_list             ? 
_diffrn_radiation.pdbx_wavelength                  ? 
_diffrn_radiation.pdbx_diffrn_protocol             'SINGLE WAVELENGTH' 
_diffrn_radiation.pdbx_analyzer                    ? 
_diffrn_radiation.pdbx_scattering_type             x-ray 
# 
_diffrn_radiation_wavelength.id           1 
_diffrn_radiation_wavelength.wavelength   0.9763 
_diffrn_radiation_wavelength.wt           1.0 
# 
_diffrn_source.current                     ? 
_diffrn_source.details                     ? 
_diffrn_source.diffrn_id                   1 
_diffrn_source.power                       ? 
_diffrn_source.size                        ? 
_diffrn_source.source                      SYNCHROTRON 
_diffrn_source.target                      ? 
_diffrn_source.type                        'DIAMOND BEAMLINE I03' 
_diffrn_source.voltage                     ? 
_diffrn_source.take-off_angle              ? 
_diffrn_source.pdbx_wavelength_list        0.9763 
_diffrn_source.pdbx_wavelength             ? 
_diffrn_source.pdbx_synchrotron_beamline   I03 
_diffrn_source.pdbx_synchrotron_site       Diamond 
# 
_reflns.B_iso_Wilson_estimate            ? 
_reflns.entry_id                         5M1Q 
_reflns.data_reduction_details           ? 
_reflns.data_reduction_method            ? 
_reflns.d_resolution_high                1.450 
_reflns.d_resolution_low                 45.600 
_reflns.details                          ? 
_reflns.limit_h_max                      ? 
_reflns.limit_h_min                      ? 
_reflns.limit_k_max                      ? 
_reflns.limit_k_min                      ? 
_reflns.limit_l_max                      ? 
_reflns.limit_l_min                      ? 
_reflns.number_all                       ? 
_reflns.number_obs                       33635 
_reflns.observed_criterion               ? 
_reflns.observed_criterion_F_max         ? 
_reflns.observed_criterion_F_min         ? 
_reflns.observed_criterion_I_max         ? 
_reflns.observed_criterion_I_min         ? 
_reflns.observed_criterion_sigma_F       ? 
_reflns.observed_criterion_sigma_I       ? 
_reflns.percent_possible_obs             99.700 
_reflns.R_free_details                   ? 
_reflns.Rmerge_F_all                     ? 
_reflns.Rmerge_F_obs                     ? 
_reflns.Friedel_coverage                 ? 
_reflns.number_gt                        ? 
_reflns.threshold_expression             ? 
_reflns.pdbx_redundancy                  4.500 
_reflns.pdbx_Rmerge_I_obs                0.086 
_reflns.pdbx_Rmerge_I_all                ? 
_reflns.pdbx_Rsym_value                  ? 
_reflns.pdbx_netI_over_av_sigmaI         ? 
_reflns.pdbx_netI_over_sigmaI            8.200 
_reflns.pdbx_res_netI_over_av_sigmaI_2   ? 
_reflns.pdbx_res_netI_over_sigmaI_2      ? 
_reflns.pdbx_chi_squared                 ? 
_reflns.pdbx_scaling_rejects             ? 
_reflns.pdbx_d_res_high_opt              ? 
_reflns.pdbx_d_res_low_opt               ? 
_reflns.pdbx_d_res_opt_method            ? 
_reflns.phase_calculation_details        ? 
_reflns.pdbx_Rrim_I_all                  0.097 
_reflns.pdbx_Rpim_I_all                  0.045 
_reflns.pdbx_d_opt                       ? 
_reflns.pdbx_number_measured_all         151672 
_reflns.pdbx_diffrn_id                   1 
_reflns.pdbx_ordinal                     1 
_reflns.pdbx_CC_half                     0.997 
_reflns.pdbx_R_split                     ? 
# 
loop_
_reflns_shell.d_res_high 
_reflns_shell.d_res_low 
_reflns_shell.meanI_over_sigI_all 
_reflns_shell.meanI_over_sigI_obs 
_reflns_shell.number_measured_all 
_reflns_shell.number_measured_obs 
_reflns_shell.number_possible 
_reflns_shell.number_unique_all 
_reflns_shell.number_unique_obs 
_reflns_shell.percent_possible_all 
_reflns_shell.percent_possible_obs 
_reflns_shell.Rmerge_F_all 
_reflns_shell.Rmerge_F_obs 
_reflns_shell.Rmerge_I_all 
_reflns_shell.Rmerge_I_obs 
_reflns_shell.meanI_over_sigI_gt 
_reflns_shell.meanI_over_uI_all 
_reflns_shell.meanI_over_uI_gt 
_reflns_shell.number_measured_gt 
_reflns_shell.number_unique_gt 
_reflns_shell.percent_possible_gt 
_reflns_shell.Rmerge_F_gt 
_reflns_shell.Rmerge_I_gt 
_reflns_shell.pdbx_redundancy 
_reflns_shell.pdbx_Rsym_value 
_reflns_shell.pdbx_chi_squared 
_reflns_shell.pdbx_netI_over_sigmaI_all 
_reflns_shell.pdbx_netI_over_sigmaI_obs 
_reflns_shell.pdbx_Rrim_I_all 
_reflns_shell.pdbx_Rpim_I_all 
_reflns_shell.pdbx_rejects 
_reflns_shell.pdbx_ordinal 
_reflns_shell.pdbx_diffrn_id 
_reflns_shell.pdbx_CC_half 
_reflns_shell.pdbx_R_split 
1.450 1.470  ? ? ? ? ? ? ? 99.500 ? ? ? ? 1.291 ? ? ? ? ? ? ? ? 3.900 ? ? ? ? ? ? ? 1 1 0.420 ? 
7.940 45.600 ? ? ? ? ? ? ? 98.100 ? ? ? ? 0.047 ? ? ? ? ? ? ? ? 4.400 ? ? ? ? ? ? ? 2 1 0.997 ? 
# 
_refine.aniso_B[1][1]                            0.2800 
_refine.aniso_B[1][2]                            0.1400 
_refine.aniso_B[1][3]                            0.0000 
_refine.aniso_B[2][2]                            0.2800 
_refine.aniso_B[2][3]                            -0.0000 
_refine.aniso_B[3][3]                            -0.9000 
_refine.B_iso_max                                57.460 
_refine.B_iso_mean                               23.6010 
_refine.B_iso_min                                10.280 
_refine.correlation_coeff_Fo_to_Fc               0.9610 
_refine.correlation_coeff_Fo_to_Fc_free          0.9610 
_refine.details                                  
'HYDROGENS HAVE BEEN ADDED IN THE RIDING POSITIONS U VALUES      : REFINED INDIVIDUALLY' 
_refine.diff_density_max                         ? 
_refine.diff_density_max_esd                     ? 
_refine.diff_density_min                         ? 
_refine.diff_density_min_esd                     ? 
_refine.diff_density_rms                         ? 
_refine.diff_density_rms_esd                     ? 
_refine.entry_id                                 5M1Q 
_refine.pdbx_refine_id                           'X-RAY DIFFRACTION' 
_refine.ls_abs_structure_details                 ? 
_refine.ls_abs_structure_Flack                   ? 
_refine.ls_abs_structure_Flack_esd               ? 
_refine.ls_abs_structure_Rogers                  ? 
_refine.ls_abs_structure_Rogers_esd              ? 
_refine.ls_d_res_high                            1.4500 
_refine.ls_d_res_low                             45.6000 
_refine.ls_extinction_coef                       ? 
_refine.ls_extinction_coef_esd                   ? 
_refine.ls_extinction_expression                 ? 
_refine.ls_extinction_method                     ? 
_refine.ls_goodness_of_fit_all                   ? 
_refine.ls_goodness_of_fit_all_esd               ? 
_refine.ls_goodness_of_fit_obs                   ? 
_refine.ls_goodness_of_fit_obs_esd               ? 
_refine.ls_hydrogen_treatment                    ? 
_refine.ls_matrix_type                           ? 
_refine.ls_number_constraints                    ? 
_refine.ls_number_parameters                     ? 
_refine.ls_number_reflns_all                     ? 
_refine.ls_number_reflns_obs                     32017 
_refine.ls_number_reflns_R_free                  1603 
_refine.ls_number_reflns_R_work                  ? 
_refine.ls_number_restraints                     ? 
_refine.ls_percent_reflns_obs                    99.6200 
_refine.ls_percent_reflns_R_free                 4.8000 
_refine.ls_R_factor_all                          ? 
_refine.ls_R_factor_obs                          0.2019 
_refine.ls_R_factor_R_free                       0.2110 
_refine.ls_R_factor_R_free_error                 ? 
_refine.ls_R_factor_R_free_error_details         ? 
_refine.ls_R_factor_R_work                       0.2014 
_refine.ls_R_Fsqd_factor_obs                     ? 
_refine.ls_R_I_factor_obs                        ? 
_refine.ls_redundancy_reflns_all                 ? 
_refine.ls_redundancy_reflns_obs                 ? 
_refine.ls_restrained_S_all                      ? 
_refine.ls_restrained_S_obs                      ? 
_refine.ls_shift_over_esd_max                    ? 
_refine.ls_shift_over_esd_mean                   ? 
_refine.ls_structure_factor_coef                 ? 
_refine.ls_weighting_details                     ? 
_refine.ls_weighting_scheme                      ? 
_refine.ls_wR_factor_all                         ? 
_refine.ls_wR_factor_obs                         ? 
_refine.ls_wR_factor_R_free                      ? 
_refine.ls_wR_factor_R_work                      ? 
_refine.occupancy_max                            ? 
_refine.occupancy_min                            ? 
_refine.solvent_model_details                    ? 
_refine.solvent_model_param_bsol                 ? 
_refine.solvent_model_param_ksol                 ? 
_refine.ls_R_factor_gt                           ? 
_refine.ls_goodness_of_fit_gt                    ? 
_refine.ls_goodness_of_fit_ref                   ? 
_refine.ls_shift_over_su_max                     ? 
_refine.ls_shift_over_su_max_lt                  ? 
_refine.ls_shift_over_su_mean                    ? 
_refine.ls_shift_over_su_mean_lt                 ? 
_refine.pdbx_ls_sigma_I                          ? 
_refine.pdbx_ls_sigma_F                          0.000 
_refine.pdbx_ls_sigma_Fsqd                       ? 
_refine.pdbx_data_cutoff_high_absF               ? 
_refine.pdbx_data_cutoff_high_rms_absF           ? 
_refine.pdbx_data_cutoff_low_absF                ? 
_refine.pdbx_isotropic_thermal_model             ? 
_refine.pdbx_ls_cross_valid_method               THROUGHOUT 
_refine.pdbx_method_to_determine_struct          'MOLECULAR REPLACEMENT' 
_refine.pdbx_starting_model                      'in house model' 
_refine.pdbx_stereochemistry_target_values       ? 
_refine.pdbx_R_Free_selection_details            RANDOM 
_refine.pdbx_stereochem_target_val_spec_case     ? 
_refine.pdbx_overall_ESU_R                       0.0700 
_refine.pdbx_overall_ESU_R_Free                  0.0660 
_refine.pdbx_solvent_vdw_probe_radii             1.2000 
_refine.pdbx_solvent_ion_probe_radii             0.8000 
_refine.pdbx_solvent_shrinkage_radii             0.8000 
_refine.pdbx_real_space_R                        ? 
_refine.pdbx_density_correlation                 ? 
_refine.pdbx_pd_number_of_powder_patterns        ? 
_refine.pdbx_pd_number_of_points                 ? 
_refine.pdbx_pd_meas_number_of_points            ? 
_refine.pdbx_pd_proc_ls_prof_R_factor            ? 
_refine.pdbx_pd_proc_ls_prof_wR_factor           ? 
_refine.pdbx_pd_Marquardt_correlation_coeff      ? 
_refine.pdbx_pd_Fsqrd_R_factor                   ? 
_refine.pdbx_pd_ls_matrix_band_width             ? 
_refine.pdbx_overall_phase_error                 ? 
_refine.pdbx_overall_SU_R_free_Cruickshank_DPI   ? 
_refine.pdbx_overall_SU_R_free_Blow_DPI          ? 
_refine.pdbx_overall_SU_R_Blow_DPI               ? 
_refine.pdbx_TLS_residual_ADP_flag               ? 
_refine.pdbx_diffrn_id                           1 
_refine.overall_SU_B                             1.6010 
_refine.overall_SU_ML                            0.0580 
_refine.overall_SU_R_Cruickshank_DPI             ? 
_refine.overall_SU_R_free                        ? 
_refine.overall_FOM_free_R_set                   ? 
_refine.overall_FOM_work_R_set                   ? 
_refine.pdbx_average_fsc_overall                 ? 
_refine.pdbx_average_fsc_work                    ? 
_refine.pdbx_average_fsc_free                    ? 
# 
_refine_hist.cycle_id                         final 
_refine_hist.pdbx_refine_id                   'X-RAY DIFFRACTION' 
_refine_hist.d_res_high                       1.4500 
_refine_hist.d_res_low                        45.6000 
_refine_hist.pdbx_number_atoms_ligand         5 
_refine_hist.number_atoms_solvent             107 
_refine_hist.number_atoms_total               1418 
_refine_hist.pdbx_number_residues_total       171 
_refine_hist.pdbx_B_iso_mean_ligand           24.27 
_refine_hist.pdbx_B_iso_mean_solvent          33.37 
_refine_hist.pdbx_number_atoms_protein        1306 
_refine_hist.pdbx_number_atoms_nucleic_acid   0 
# 
loop_
_refine_ls_restr.pdbx_refine_id 
_refine_ls_restr.criterion 
_refine_ls_restr.dev_ideal 
_refine_ls_restr.dev_ideal_target 
_refine_ls_restr.number 
_refine_ls_restr.rejects 
_refine_ls_restr.type 
_refine_ls_restr.weight 
_refine_ls_restr.pdbx_restraint_function 
'X-RAY DIFFRACTION' ? 0.009  0.019  1373 ? r_bond_refined_d       ? ? 
'X-RAY DIFFRACTION' ? 0.002  0.020  1285 ? r_bond_other_d         ? ? 
'X-RAY DIFFRACTION' ? 1.271  1.974  1872 ? r_angle_refined_deg    ? ? 
'X-RAY DIFFRACTION' ? 0.836  3.000  2949 ? r_angle_other_deg      ? ? 
'X-RAY DIFFRACTION' ? 6.102  5.000  178  ? r_dihedral_angle_1_deg ? ? 
'X-RAY DIFFRACTION' ? 37.612 24.839 62   ? r_dihedral_angle_2_deg ? ? 
'X-RAY DIFFRACTION' ? 10.573 15.000 222  ? r_dihedral_angle_3_deg ? ? 
'X-RAY DIFFRACTION' ? 17.970 15.000 7    ? r_dihedral_angle_4_deg ? ? 
'X-RAY DIFFRACTION' ? 0.065  0.200  216  ? r_chiral_restr         ? ? 
'X-RAY DIFFRACTION' ? 0.005  0.020  1594 ? r_gen_planes_refined   ? ? 
'X-RAY DIFFRACTION' ? 0.002  0.020  303  ? r_gen_planes_other     ? ? 
'X-RAY DIFFRACTION' ? 1.447  2.274  706  ? r_mcbond_it            ? ? 
'X-RAY DIFFRACTION' ? 1.446  2.272  705  ? r_mcbond_other         ? ? 
'X-RAY DIFFRACTION' ? 2.376  3.389  886  ? r_mcangle_it           ? ? 
# 
_refine_ls_shell.pdbx_refine_id                   'X-RAY DIFFRACTION' 
_refine_ls_shell.d_res_high                       1.4500 
_refine_ls_shell.d_res_low                        1.4880 
_refine_ls_shell.number_reflns_all                2484 
_refine_ls_shell.number_reflns_obs                ? 
_refine_ls_shell.number_reflns_R_free             141 
_refine_ls_shell.number_reflns_R_work             2343 
_refine_ls_shell.percent_reflns_obs               99.5600 
_refine_ls_shell.percent_reflns_R_free            ? 
_refine_ls_shell.R_factor_all                     ? 
_refine_ls_shell.R_factor_obs                     ? 
_refine_ls_shell.R_factor_R_free                  0.2980 
_refine_ls_shell.R_factor_R_free_error            ? 
_refine_ls_shell.R_factor_R_work                  0.3240 
_refine_ls_shell.redundancy_reflns_all            ? 
_refine_ls_shell.redundancy_reflns_obs            ? 
_refine_ls_shell.wR_factor_all                    ? 
_refine_ls_shell.wR_factor_obs                    ? 
_refine_ls_shell.wR_factor_R_free                 ? 
_refine_ls_shell.wR_factor_R_work                 ? 
_refine_ls_shell.pdbx_total_number_of_bins_used   20 
_refine_ls_shell.pdbx_phase_error                 ? 
_refine_ls_shell.pdbx_fsc_work                    ? 
_refine_ls_shell.pdbx_fsc_free                    ? 
# 
_struct.entry_id                     5M1Q 
_struct.title                        
'Crystal structure of the large terminase nuclease from thermophilic phage G20c with bound Zinc' 
_struct.pdbx_model_details           ? 
_struct.pdbx_formula_weight          ? 
_struct.pdbx_formula_weight_method   ? 
_struct.pdbx_model_type_details      ? 
_struct.pdbx_CASP_flag               N 
# 
_struct_keywords.entry_id        5M1Q 
_struct_keywords.text            'large terminase, nuclease domain, viral protein' 
_struct_keywords.pdbx_keywords   'VIRAL PROTEIN' 
# 
loop_
_struct_asym.id 
_struct_asym.pdbx_blank_PDB_chainid_flag 
_struct_asym.pdbx_modified 
_struct_asym.entity_id 
_struct_asym.details 
A N N 1 ? 
B N N 2 ? 
C N N 2 ? 
D N N 2 ? 
E N N 2 ? 
F N N 3 ? 
# 
_struct_ref.id                         1 
_struct_ref.db_name                    PDB 
_struct_ref.db_code                    5M1Q 
_struct_ref.pdbx_db_accession          5M1Q 
_struct_ref.pdbx_db_isoform            ? 
_struct_ref.entity_id                  1 
_struct_ref.pdbx_seq_one_letter_code   ? 
_struct_ref.pdbx_align_begin           1 
# 
_struct_ref_seq.align_id                      1 
_struct_ref_seq.ref_id                        1 
_struct_ref_seq.pdbx_PDB_id_code              5M1Q 
_struct_ref_seq.pdbx_strand_id                A 
_struct_ref_seq.seq_align_beg                 1 
_struct_ref_seq.pdbx_seq_align_beg_ins_code   ? 
_struct_ref_seq.seq_align_end                 187 
_struct_ref_seq.pdbx_seq_align_end_ins_code   ? 
_struct_ref_seq.pdbx_db_accession             5M1Q 
_struct_ref_seq.db_align_beg                  257 
_struct_ref_seq.pdbx_db_align_beg_ins_code    ? 
_struct_ref_seq.db_align_end                  443 
_struct_ref_seq.pdbx_db_align_end_ins_code    ? 
_struct_ref_seq.pdbx_auth_seq_align_beg       257 
_struct_ref_seq.pdbx_auth_seq_align_end       443 
# 
_pdbx_struct_assembly.id                   1 
_pdbx_struct_assembly.details              author_and_software_defined_assembly 
_pdbx_struct_assembly.method_details       PISA 
_pdbx_struct_assembly.oligomeric_details   monomeric 
_pdbx_struct_assembly.oligomeric_count     1 
# 
loop_
_pdbx_struct_assembly_prop.biol_id 
_pdbx_struct_assembly_prop.type 
_pdbx_struct_assembly_prop.value 
_pdbx_struct_assembly_prop.details 
1 'ABSA (A^2)' 370  ? 
1 MORE         -114 ? 
1 'SSA (A^2)'  8270 ? 
# 
_pdbx_struct_assembly_gen.assembly_id       1 
_pdbx_struct_assembly_gen.oper_expression   1 
_pdbx_struct_assembly_gen.asym_id_list      A,B,C,D,E,F 
# 
_pdbx_struct_oper_list.id                   1 
_pdbx_struct_oper_list.type                 'identity operation' 
_pdbx_struct_oper_list.name                 1_555 
_pdbx_struct_oper_list.symmetry_operation   x,y,z 
_pdbx_struct_oper_list.matrix[1][1]         1.0000000000 
_pdbx_struct_oper_list.matrix[1][2]         0.0000000000 
_pdbx_struct_oper_list.matrix[1][3]         0.0000000000 
_pdbx_struct_oper_list.vector[1]            0.0000000000 
_pdbx_struct_oper_list.matrix[2][1]         0.0000000000 
_pdbx_struct_oper_list.matrix[2][2]         1.0000000000 
_pdbx_struct_oper_list.matrix[2][3]         0.0000000000 
_pdbx_struct_oper_list.vector[2]            0.0000000000 
_pdbx_struct_oper_list.matrix[3][1]         0.0000000000 
_pdbx_struct_oper_list.matrix[3][2]         0.0000000000 
_pdbx_struct_oper_list.matrix[3][3]         1.0000000000 
_pdbx_struct_oper_list.vector[3]            0.0000000000 
# 
loop_
_struct_conf.conf_type_id 
_struct_conf.id 
_struct_conf.pdbx_PDB_helix_id 
_struct_conf.beg_label_comp_id 
_struct_conf.beg_label_asym_id 
_struct_conf.beg_label_seq_id 
_struct_conf.pdbx_beg_PDB_ins_code 
_struct_conf.end_label_comp_id 
_struct_conf.end_label_asym_id 
_struct_conf.end_label_seq_id 
_struct_conf.pdbx_end_PDB_ins_code 
_struct_conf.beg_auth_comp_id 
_struct_conf.beg_auth_asym_id 
_struct_conf.beg_auth_seq_id 
_struct_conf.end_auth_comp_id 
_struct_conf.end_auth_asym_id 
_struct_conf.end_auth_seq_id 
_struct_conf.pdbx_PDB_helix_class 
_struct_conf.details 
_struct_conf.pdbx_PDB_helix_length 
HELX_P HELX_P1 AA1 GLY A 6   ? LEU A 10  ? GLY A 262 LEU A 266 5 ? 5  
HELX_P HELX_P2 AA2 THR A 68  ? TYR A 83  ? THR A 324 TYR A 339 1 ? 16 
HELX_P HELX_P3 AA3 ASP A 97  ? GLN A 106 ? ASP A 353 GLN A 362 1 ? 10 
HELX_P HELX_P4 AA4 SER A 117 ? LYS A 134 ? SER A 373 LYS A 390 1 ? 18 
HELX_P HELX_P5 AA5 ASP A 142 ? ASN A 151 ? ASP A 398 ASN A 407 1 ? 10 
HELX_P HELX_P6 AA6 ASP A 172 ? SER A 183 ? ASP A 428 SER A 439 1 ? 12 
# 
_struct_conf_type.id          HELX_P 
_struct_conf_type.criteria    ? 
_struct_conf_type.reference   ? 
# 
loop_
_struct_conn.id 
_struct_conn.conn_type_id 
_struct_conn.pdbx_leaving_atom_flag 
_struct_conn.pdbx_PDB_id 
_struct_conn.ptnr1_label_asym_id 
_struct_conn.ptnr1_label_comp_id 
_struct_conn.ptnr1_label_seq_id 
_struct_conn.ptnr1_label_atom_id 
_struct_conn.pdbx_ptnr1_label_alt_id 
_struct_conn.pdbx_ptnr1_PDB_ins_code 
_struct_conn.pdbx_ptnr1_standard_comp_id 
_struct_conn.ptnr1_symmetry 
_struct_conn.ptnr2_label_asym_id 
_struct_conn.ptnr2_label_comp_id 
_struct_conn.ptnr2_label_seq_id 
_struct_conn.ptnr2_label_atom_id 
_struct_conn.pdbx_ptnr2_label_alt_id 
_struct_conn.pdbx_ptnr2_PDB_ins_code 
_struct_conn.ptnr1_auth_asym_id 
_struct_conn.ptnr1_auth_comp_id 
_struct_conn.ptnr1_auth_seq_id 
_struct_conn.ptnr2_auth_asym_id 
_struct_conn.ptnr2_auth_comp_id 
_struct_conn.ptnr2_auth_seq_id 
_struct_conn.ptnr2_symmetry 
_struct_conn.pdbx_ptnr3_label_atom_id 
_struct_conn.pdbx_ptnr3_label_seq_id 
_struct_conn.pdbx_ptnr3_label_comp_id 
_struct_conn.pdbx_ptnr3_label_asym_id 
_struct_conn.pdbx_ptnr3_label_alt_id 
_struct_conn.pdbx_ptnr3_PDB_ins_code 
_struct_conn.details 
_struct_conn.pdbx_dist_value 
_struct_conn.pdbx_value_order 
_struct_conn.pdbx_role 
metalc1  metalc ? ? A ASP 8   OD1 ? ? ? 1_555 E ZN  . ZN A ? A ASP 264 A ZN  504 1_555 ? ? ? ? ? ? ? 1.973 ? ? 
metalc2  metalc ? ? A ASP 8   OD2 ? ? ? 1_555 E ZN  . ZN B ? A ASP 264 A ZN  504 1_555 ? ? ? ? ? ? ? 2.265 ? ? 
metalc3  metalc ? ? A ASP 38  OD2 A ? ? 1_555 D ZN  . ZN ? ? A ASP 294 A ZN  503 1_555 ? ? ? ? ? ? ? 2.163 ? ? 
metalc4  metalc ? ? A ASP 44  OD1 ? ? ? 1_555 B ZN  . ZN ? ? A ASP 300 A ZN  501 1_555 ? ? ? ? ? ? ? 2.014 ? ? 
metalc5  metalc ? ? A GLU 81  OE2 ? ? ? 1_555 C ZN  . ZN ? ? A GLU 337 A ZN  502 1_555 ? ? ? ? ? ? ? 1.878 ? ? 
metalc6  metalc ? ? A HIS 85  NE2 ? ? ? 1_555 C ZN  . ZN ? ? A HIS 341 A ZN  502 1_555 ? ? ? ? ? ? ? 2.111 ? ? 
metalc7  metalc ? ? A GLU 122 OE1 ? ? ? 1_555 E ZN  . ZN B ? A GLU 378 A ZN  504 6_554 ? ? ? ? ? ? ? 2.197 ? ? 
metalc8  metalc ? ? A GLU 122 OE2 ? ? ? 1_555 E ZN  . ZN A ? A GLU 378 A ZN  504 6_554 ? ? ? ? ? ? ? 2.186 ? ? 
metalc9  metalc ? ? A GLU 133 OE2 ? ? ? 1_555 C ZN  . ZN ? ? A GLU 389 A ZN  502 6_654 ? ? ? ? ? ? ? 2.036 ? ? 
metalc10 metalc ? ? A HIS 171 ND1 ? ? ? 1_555 B ZN  . ZN ? ? A HIS 427 A ZN  501 1_555 ? ? ? ? ? ? ? 2.183 ? ? 
metalc11 metalc ? ? A ASP 173 OD2 ? ? ? 1_555 B ZN  . ZN ? ? A ASP 429 A ZN  501 1_555 ? ? ? ? ? ? ? 2.102 ? ? 
metalc12 metalc ? ? A ASP 173 OD1 ? ? ? 1_555 D ZN  . ZN ? ? A ASP 429 A ZN  503 1_555 ? ? ? ? ? ? ? 2.008 ? ? 
metalc13 metalc ? ? B ZN  .   ZN  ? ? ? 1_555 F HOH . O  ? ? A ZN  501 A HOH 694 1_555 ? ? ? ? ? ? ? 2.208 ? ? 
metalc14 metalc ? ? C ZN  .   ZN  ? ? ? 1_555 F HOH . O  ? ? A ZN  502 A HOH 624 1_555 ? ? ? ? ? ? ? 2.159 ? ? 
metalc15 metalc ? ? D ZN  .   ZN  ? ? ? 1_555 F HOH . O  ? ? A ZN  503 A HOH 602 1_555 ? ? ? ? ? ? ? 1.973 ? ? 
metalc16 metalc ? ? D ZN  .   ZN  ? ? ? 1_555 F HOH . O  ? ? A ZN  503 A HOH 617 1_555 ? ? ? ? ? ? ? 2.270 ? ? 
metalc17 metalc ? ? D ZN  .   ZN  ? ? ? 1_555 F HOH . O  ? ? A ZN  503 A HOH 646 1_555 ? ? ? ? ? ? ? 2.064 ? ? 
metalc18 metalc ? ? D ZN  .   ZN  ? ? ? 1_555 F HOH . O  ? ? A ZN  503 A HOH 649 1_555 ? ? ? ? ? ? ? 1.962 ? ? 
metalc19 metalc ? ? E ZN  .   ZN  A ? ? 1_555 F HOH . O  ? ? A ZN  504 A HOH 675 5_555 ? ? ? ? ? ? ? 1.995 ? ? 
metalc20 metalc ? ? E ZN  .   ZN  B ? ? 1_555 F HOH . O  ? ? A ZN  504 A HOH 675 5_555 ? ? ? ? ? ? ? 2.522 ? ? 
metalc21 metalc ? ? E ZN  .   ZN  A ? ? 1_555 F HOH . O  ? ? A ZN  504 A HOH 691 1_555 ? ? ? ? ? ? ? 2.386 ? ? 
# 
_struct_conn_type.id          metalc 
_struct_conn_type.criteria    ? 
_struct_conn_type.reference   ? 
# 
loop_
_pdbx_struct_conn_angle.id 
_pdbx_struct_conn_angle.ptnr1_label_atom_id 
_pdbx_struct_conn_angle.ptnr1_label_alt_id 
_pdbx_struct_conn_angle.ptnr1_label_asym_id 
_pdbx_struct_conn_angle.ptnr1_label_comp_id 
_pdbx_struct_conn_angle.ptnr1_label_seq_id 
_pdbx_struct_conn_angle.ptnr1_auth_atom_id 
_pdbx_struct_conn_angle.ptnr1_auth_asym_id 
_pdbx_struct_conn_angle.ptnr1_auth_comp_id 
_pdbx_struct_conn_angle.ptnr1_auth_seq_id 
_pdbx_struct_conn_angle.ptnr1_PDB_ins_code 
_pdbx_struct_conn_angle.ptnr1_symmetry 
_pdbx_struct_conn_angle.ptnr2_label_atom_id 
_pdbx_struct_conn_angle.ptnr2_label_alt_id 
_pdbx_struct_conn_angle.ptnr2_label_asym_id 
_pdbx_struct_conn_angle.ptnr2_label_comp_id 
_pdbx_struct_conn_angle.ptnr2_label_seq_id 
_pdbx_struct_conn_angle.ptnr2_auth_atom_id 
_pdbx_struct_conn_angle.ptnr2_auth_asym_id 
_pdbx_struct_conn_angle.ptnr2_auth_comp_id 
_pdbx_struct_conn_angle.ptnr2_auth_seq_id 
_pdbx_struct_conn_angle.ptnr2_PDB_ins_code 
_pdbx_struct_conn_angle.ptnr2_symmetry 
_pdbx_struct_conn_angle.ptnr3_label_atom_id 
_pdbx_struct_conn_angle.ptnr3_label_alt_id 
_pdbx_struct_conn_angle.ptnr3_label_asym_id 
_pdbx_struct_conn_angle.ptnr3_label_comp_id 
_pdbx_struct_conn_angle.ptnr3_label_seq_id 
_pdbx_struct_conn_angle.ptnr3_auth_atom_id 
_pdbx_struct_conn_angle.ptnr3_auth_asym_id 
_pdbx_struct_conn_angle.ptnr3_auth_comp_id 
_pdbx_struct_conn_angle.ptnr3_auth_seq_id 
_pdbx_struct_conn_angle.ptnr3_PDB_ins_code 
_pdbx_struct_conn_angle.ptnr3_symmetry 
_pdbx_struct_conn_angle.value 
_pdbx_struct_conn_angle.value_esd 
1  OD1 ? A ASP 8   ? A ASP 264 ? 1_555 ZN A E ZN . ? A ZN 504 ? 1_555 OE2 ? A GLU 122 ? A GLU 378 ? 1_555 75.0  ? 
2  OD1 ? A ASP 8   ? A ASP 264 ? 1_555 ZN A E ZN . ? A ZN 504 ? 1_555 O   ? F HOH .   ? A HOH 675 ? 5_555 172.2 ? 
3  OE2 ? A GLU 122 ? A GLU 378 ? 1_555 ZN A E ZN . ? A ZN 504 ? 1_555 O   ? F HOH .   ? A HOH 675 ? 5_555 97.5  ? 
4  OD1 ? A ASP 8   ? A ASP 264 ? 1_555 ZN A E ZN . ? A ZN 504 ? 1_555 O   ? F HOH .   ? A HOH 691 ? 1_555 98.4  ? 
5  OE2 ? A GLU 122 ? A GLU 378 ? 1_555 ZN A E ZN . ? A ZN 504 ? 1_555 O   ? F HOH .   ? A HOH 691 ? 1_555 24.1  ? 
6  O   ? F HOH .   ? A HOH 675 ? 5_555 ZN A E ZN . ? A ZN 504 ? 1_555 O   ? F HOH .   ? A HOH 691 ? 1_555 74.4  ? 
7  OD2 ? A ASP 8   ? A ASP 264 ? 1_555 ZN B E ZN . ? A ZN 504 ? 1_555 OE1 ? A GLU 122 ? A GLU 378 ? 1_555 65.2  ? 
8  OD2 ? A ASP 8   ? A ASP 264 ? 1_555 ZN B E ZN . ? A ZN 504 ? 1_555 O   ? F HOH .   ? A HOH 675 ? 5_555 140.3 ? 
9  OE1 ? A GLU 122 ? A GLU 378 ? 1_555 ZN B E ZN . ? A ZN 504 ? 1_555 O   ? F HOH .   ? A HOH 675 ? 5_555 88.8  ? 
10 OD2 A A ASP 38  ? A ASP 294 ? 1_555 ZN ? D ZN . ? A ZN 503 ? 1_555 OD1 ? A ASP 173 ? A ASP 429 ? 1_555 97.9  ? 
11 OD2 A A ASP 38  ? A ASP 294 ? 1_555 ZN ? D ZN . ? A ZN 503 ? 1_555 O   ? F HOH .   ? A HOH 602 ? 1_555 73.8  ? 
12 OD1 ? A ASP 173 ? A ASP 429 ? 1_555 ZN ? D ZN . ? A ZN 503 ? 1_555 O   ? F HOH .   ? A HOH 602 ? 1_555 83.4  ? 
13 OD2 A A ASP 38  ? A ASP 294 ? 1_555 ZN ? D ZN . ? A ZN 503 ? 1_555 O   ? F HOH .   ? A HOH 617 ? 1_555 178.1 ? 
14 OD1 ? A ASP 173 ? A ASP 429 ? 1_555 ZN ? D ZN . ? A ZN 503 ? 1_555 O   ? F HOH .   ? A HOH 617 ? 1_555 80.5  ? 
15 O   ? F HOH .   ? A HOH 602 ? 1_555 ZN ? D ZN . ? A ZN 503 ? 1_555 O   ? F HOH .   ? A HOH 617 ? 1_555 104.9 ? 
16 OD2 A A ASP 38  ? A ASP 294 ? 1_555 ZN ? D ZN . ? A ZN 503 ? 1_555 O   ? F HOH .   ? A HOH 646 ? 1_555 92.5  ? 
17 OD1 ? A ASP 173 ? A ASP 429 ? 1_555 ZN ? D ZN . ? A ZN 503 ? 1_555 O   ? F HOH .   ? A HOH 646 ? 1_555 98.2  ? 
18 O   ? F HOH .   ? A HOH 602 ? 1_555 ZN ? D ZN . ? A ZN 503 ? 1_555 O   ? F HOH .   ? A HOH 646 ? 1_555 166.3 ? 
19 O   ? F HOH .   ? A HOH 617 ? 1_555 ZN ? D ZN . ? A ZN 503 ? 1_555 O   ? F HOH .   ? A HOH 646 ? 1_555 88.8  ? 
20 OD2 A A ASP 38  ? A ASP 294 ? 1_555 ZN ? D ZN . ? A ZN 503 ? 1_555 O   ? F HOH .   ? A HOH 649 ? 1_555 90.4  ? 
21 OD1 ? A ASP 173 ? A ASP 429 ? 1_555 ZN ? D ZN . ? A ZN 503 ? 1_555 O   ? F HOH .   ? A HOH 649 ? 1_555 163.5 ? 
22 O   ? F HOH .   ? A HOH 602 ? 1_555 ZN ? D ZN . ? A ZN 503 ? 1_555 O   ? F HOH .   ? A HOH 649 ? 1_555 85.3  ? 
23 O   ? F HOH .   ? A HOH 617 ? 1_555 ZN ? D ZN . ? A ZN 503 ? 1_555 O   ? F HOH .   ? A HOH 649 ? 1_555 90.9  ? 
24 O   ? F HOH .   ? A HOH 646 ? 1_555 ZN ? D ZN . ? A ZN 503 ? 1_555 O   ? F HOH .   ? A HOH 649 ? 1_555 95.7  ? 
25 OD1 ? A ASP 44  ? A ASP 300 ? 1_555 ZN ? B ZN . ? A ZN 501 ? 1_555 ND1 ? A HIS 171 ? A HIS 427 ? 1_555 97.9  ? 
26 OD1 ? A ASP 44  ? A ASP 300 ? 1_555 ZN ? B ZN . ? A ZN 501 ? 1_555 OD2 ? A ASP 173 ? A ASP 429 ? 1_555 107.6 ? 
27 ND1 ? A HIS 171 ? A HIS 427 ? 1_555 ZN ? B ZN . ? A ZN 501 ? 1_555 OD2 ? A ASP 173 ? A ASP 429 ? 1_555 108.7 ? 
28 OD1 ? A ASP 44  ? A ASP 300 ? 1_555 ZN ? B ZN . ? A ZN 501 ? 1_555 O   ? F HOH .   ? A HOH 694 ? 1_555 126.1 ? 
29 ND1 ? A HIS 171 ? A HIS 427 ? 1_555 ZN ? B ZN . ? A ZN 501 ? 1_555 O   ? F HOH .   ? A HOH 694 ? 1_555 105.5 ? 
30 OD2 ? A ASP 173 ? A ASP 429 ? 1_555 ZN ? B ZN . ? A ZN 501 ? 1_555 O   ? F HOH .   ? A HOH 694 ? 1_555 109.6 ? 
31 OE2 ? A GLU 81  ? A GLU 337 ? 1_555 ZN ? C ZN . ? A ZN 502 ? 1_555 NE2 ? A HIS 85  ? A HIS 341 ? 1_555 122.8 ? 
32 OE2 ? A GLU 81  ? A GLU 337 ? 1_555 ZN ? C ZN . ? A ZN 502 ? 1_555 OE2 ? A GLU 133 ? A GLU 389 ? 1_555 93.3  ? 
33 NE2 ? A HIS 85  ? A HIS 341 ? 1_555 ZN ? C ZN . ? A ZN 502 ? 1_555 OE2 ? A GLU 133 ? A GLU 389 ? 1_555 39.7  ? 
34 OE2 ? A GLU 81  ? A GLU 337 ? 1_555 ZN ? C ZN . ? A ZN 502 ? 1_555 O   ? F HOH .   ? A HOH 624 ? 1_555 107.4 ? 
35 NE2 ? A HIS 85  ? A HIS 341 ? 1_555 ZN ? C ZN . ? A ZN 502 ? 1_555 O   ? F HOH .   ? A HOH 624 ? 1_555 101.5 ? 
36 OE2 ? A GLU 133 ? A GLU 389 ? 1_555 ZN ? C ZN . ? A ZN 502 ? 1_555 O   ? F HOH .   ? A HOH 624 ? 1_555 87.4  ? 
# 
loop_
_struct_sheet.id 
_struct_sheet.type 
_struct_sheet.number_strands 
_struct_sheet.details 
AA1 ? 2 ? 
AA2 ? 7 ? 
# 
loop_
_struct_sheet_order.sheet_id 
_struct_sheet_order.range_id_1 
_struct_sheet_order.range_id_2 
_struct_sheet_order.offset 
_struct_sheet_order.sense 
AA1 1 2 ? parallel      
AA2 1 2 ? anti-parallel 
AA2 2 3 ? anti-parallel 
AA2 3 4 ? anti-parallel 
AA2 4 5 ? anti-parallel 
AA2 5 6 ? parallel      
AA2 6 7 ? parallel      
# 
loop_
_struct_sheet_range.sheet_id 
_struct_sheet_range.id 
_struct_sheet_range.beg_label_comp_id 
_struct_sheet_range.beg_label_asym_id 
_struct_sheet_range.beg_label_seq_id 
_struct_sheet_range.pdbx_beg_PDB_ins_code 
_struct_sheet_range.end_label_comp_id 
_struct_sheet_range.end_label_asym_id 
_struct_sheet_range.end_label_seq_id 
_struct_sheet_range.pdbx_end_PDB_ins_code 
_struct_sheet_range.beg_auth_comp_id 
_struct_sheet_range.beg_auth_asym_id 
_struct_sheet_range.beg_auth_seq_id 
_struct_sheet_range.end_auth_comp_id 
_struct_sheet_range.end_auth_asym_id 
_struct_sheet_range.end_auth_seq_id 
AA1 1 ILE A 11  ? LEU A 13  ? ILE A 267 LEU A 269 
AA1 2 ALA A 138 ? PRO A 140 ? ALA A 394 PRO A 396 
AA2 1 GLU A 16  ? ARG A 18  ? GLU A 272 ARG A 274 
AA2 2 ARG A 21  ? VAL A 23  ? ARG A 277 VAL A 279 
AA2 3 ALA A 57  ? MET A 64  ? ALA A 313 MET A 320 
AA2 4 SER A 46  ? ASP A 52  ? SER A 302 ASP A 308 
AA2 5 TYR A 33  ? ASP A 38  ? TYR A 289 ASP A 294 
AA2 6 TYR A 87  ? ALA A 90  ? TYR A 343 ALA A 346 
AA2 7 TYR A 110 ? PRO A 112 ? TYR A 366 PRO A 368 
# 
loop_
_pdbx_struct_sheet_hbond.sheet_id 
_pdbx_struct_sheet_hbond.range_id_1 
_pdbx_struct_sheet_hbond.range_id_2 
_pdbx_struct_sheet_hbond.range_1_label_atom_id 
_pdbx_struct_sheet_hbond.range_1_label_comp_id 
_pdbx_struct_sheet_hbond.range_1_label_asym_id 
_pdbx_struct_sheet_hbond.range_1_label_seq_id 
_pdbx_struct_sheet_hbond.range_1_PDB_ins_code 
_pdbx_struct_sheet_hbond.range_1_auth_atom_id 
_pdbx_struct_sheet_hbond.range_1_auth_comp_id 
_pdbx_struct_sheet_hbond.range_1_auth_asym_id 
_pdbx_struct_sheet_hbond.range_1_auth_seq_id 
_pdbx_struct_sheet_hbond.range_2_label_atom_id 
_pdbx_struct_sheet_hbond.range_2_label_comp_id 
_pdbx_struct_sheet_hbond.range_2_label_asym_id 
_pdbx_struct_sheet_hbond.range_2_label_seq_id 
_pdbx_struct_sheet_hbond.range_2_PDB_ins_code 
_pdbx_struct_sheet_hbond.range_2_auth_atom_id 
_pdbx_struct_sheet_hbond.range_2_auth_comp_id 
_pdbx_struct_sheet_hbond.range_2_auth_asym_id 
_pdbx_struct_sheet_hbond.range_2_auth_seq_id 
AA1 1 2 N LEU A 13 ? N LEU A 269 O VAL A 139 ? O VAL A 395 
AA2 1 2 N ARG A 18 ? N ARG A 274 O ARG A 21  ? O ARG A 277 
AA2 2 3 N LEU A 22 ? N LEU A 278 O LEU A 61  ? O LEU A 317 
AA2 3 4 O CYS A 60 ? O CYS A 316 N VAL A 50  ? N VAL A 306 
AA2 4 5 O LEU A 51 ? O LEU A 307 N CYS A 34  ? N CYS A 290 
AA2 5 6 N ILE A 35 ? N ILE A 291 O VAL A 89  ? O VAL A 345 
AA2 6 7 N VAL A 88 ? N VAL A 344 O THR A 111 ? O THR A 367 
# 
loop_
_struct_site.id 
_struct_site.pdbx_evidence_code 
_struct_site.pdbx_auth_asym_id 
_struct_site.pdbx_auth_comp_id 
_struct_site.pdbx_auth_seq_id 
_struct_site.pdbx_auth_ins_code 
_struct_site.pdbx_num_residues 
_struct_site.details 
AC1 Software A ZN 501 ? 4 'binding site for residue ZN A 501' 
AC2 Software A ZN 502 ? 4 'binding site for residue ZN A 502' 
AC3 Software A ZN 503 ? 6 'binding site for residue ZN A 503' 
AC4 Software A ZN 504 ? 5 'binding site for residue ZN A 504' 
# 
loop_
_struct_site_gen.id 
_struct_site_gen.site_id 
_struct_site_gen.pdbx_num_res 
_struct_site_gen.label_comp_id 
_struct_site_gen.label_asym_id 
_struct_site_gen.label_seq_id 
_struct_site_gen.pdbx_auth_ins_code 
_struct_site_gen.auth_comp_id 
_struct_site_gen.auth_asym_id 
_struct_site_gen.auth_seq_id 
_struct_site_gen.label_atom_id 
_struct_site_gen.label_alt_id 
_struct_site_gen.symmetry 
_struct_site_gen.details 
1  AC1 4 ASP A 44  ? ASP A 300 . ? 1_555 ? 
2  AC1 4 HIS A 171 ? HIS A 427 . ? 1_555 ? 
3  AC1 4 ASP A 173 ? ASP A 429 . ? 1_555 ? 
4  AC1 4 HOH F .   ? HOH A 694 . ? 1_555 ? 
5  AC2 4 GLU A 81  ? GLU A 337 . ? 1_555 ? 
6  AC2 4 HIS A 85  ? HIS A 341 . ? 1_555 ? 
7  AC2 4 GLU A 133 ? GLU A 389 . ? 5_565 ? 
8  AC2 4 HOH F .   ? HOH A 624 . ? 1_555 ? 
9  AC3 6 ASP A 38  ? ASP A 294 . ? 1_555 ? 
10 AC3 6 ASP A 173 ? ASP A 429 . ? 1_555 ? 
11 AC3 6 HOH F .   ? HOH A 602 . ? 1_555 ? 
12 AC3 6 HOH F .   ? HOH A 617 . ? 1_555 ? 
13 AC3 6 HOH F .   ? HOH A 646 . ? 1_555 ? 
14 AC3 6 HOH F .   ? HOH A 649 . ? 1_555 ? 
15 AC4 5 ASP A 8   ? ASP A 264 . ? 1_555 ? 
16 AC4 5 GLU A 122 ? GLU A 378 . ? 5_555 ? 
17 AC4 5 HOH F .   ? HOH A 675 . ? 5_555 ? 
18 AC4 5 HOH F .   ? HOH A 686 . ? 1_555 ? 
19 AC4 5 HOH F .   ? HOH A 691 . ? 1_555 ? 
# 
_pdbx_validate_torsion.id              1 
_pdbx_validate_torsion.PDB_model_num   1 
_pdbx_validate_torsion.auth_comp_id    PHE 
_pdbx_validate_torsion.auth_asym_id    A 
_pdbx_validate_torsion.auth_seq_id     260 
_pdbx_validate_torsion.PDB_ins_code    ? 
_pdbx_validate_torsion.label_alt_id    ? 
_pdbx_validate_torsion.phi             -102.43 
_pdbx_validate_torsion.psi             79.65 
# 
loop_
_pdbx_unobs_or_zero_occ_residues.id 
_pdbx_unobs_or_zero_occ_residues.PDB_model_num 
_pdbx_unobs_or_zero_occ_residues.polymer_flag 
_pdbx_unobs_or_zero_occ_residues.occupancy_flag 
_pdbx_unobs_or_zero_occ_residues.auth_asym_id 
_pdbx_unobs_or_zero_occ_residues.auth_comp_id 
_pdbx_unobs_or_zero_occ_residues.auth_seq_id 
_pdbx_unobs_or_zero_occ_residues.PDB_ins_code 
_pdbx_unobs_or_zero_occ_residues.label_asym_id 
_pdbx_unobs_or_zero_occ_residues.label_comp_id 
_pdbx_unobs_or_zero_occ_residues.label_seq_id 
1  1 Y 1 A LYS 297 ? A LYS 41  
2  1 Y 1 A ARG 412 ? A ARG 156 
3  1 Y 1 A THR 413 ? A THR 157 
4  1 Y 1 A ALA 414 ? A ALA 158 
5  1 Y 1 A SER 415 ? A SER 159 
6  1 Y 1 A GLY 416 ? A GLY 160 
7  1 Y 1 A ASN 417 ? A ASN 161 
8  1 Y 1 A GLN 418 ? A GLN 162 
9  1 Y 1 A VAL 419 ? A VAL 163 
10 1 Y 1 A MET 420 ? A MET 164 
11 1 Y 1 A ARG 421 ? A ARG 165 
12 1 Y 1 A ALA 422 ? A ALA 166 
13 1 Y 1 A TYR 423 ? A TYR 167 
14 1 Y 1 A GLY 424 ? A GLY 168 
15 1 Y 1 A ARG 425 ? A ARG 169 
16 1 Y 1 A GLY 443 ? A GLY 187 
# 
loop_
_chem_comp_atom.comp_id 
_chem_comp_atom.atom_id 
_chem_comp_atom.type_symbol 
_chem_comp_atom.pdbx_aromatic_flag 
_chem_comp_atom.pdbx_stereo_config 
_chem_comp_atom.pdbx_ordinal 
ALA N    N  N N 1   
ALA CA   C  N S 2   
ALA C    C  N N 3   
ALA O    O  N N 4   
ALA CB   C  N N 5   
ALA OXT  O  N N 6   
ALA H    H  N N 7   
ALA H2   H  N N 8   
ALA HA   H  N N 9   
ALA HB1  H  N N 10  
ALA HB2  H  N N 11  
ALA HB3  H  N N 12  
ALA HXT  H  N N 13  
ARG N    N  N N 14  
ARG CA   C  N S 15  
ARG C    C  N N 16  
ARG O    O  N N 17  
ARG CB   C  N N 18  
ARG CG   C  N N 19  
ARG CD   C  N N 20  
ARG NE   N  N N 21  
ARG CZ   C  N N 22  
ARG NH1  N  N N 23  
ARG NH2  N  N N 24  
ARG OXT  O  N N 25  
ARG H    H  N N 26  
ARG H2   H  N N 27  
ARG HA   H  N N 28  
ARG HB2  H  N N 29  
ARG HB3  H  N N 30  
ARG HG2  H  N N 31  
ARG HG3  H  N N 32  
ARG HD2  H  N N 33  
ARG HD3  H  N N 34  
ARG HE   H  N N 35  
ARG HH11 H  N N 36  
ARG HH12 H  N N 37  
ARG HH21 H  N N 38  
ARG HH22 H  N N 39  
ARG HXT  H  N N 40  
ASN N    N  N N 41  
ASN CA   C  N S 42  
ASN C    C  N N 43  
ASN O    O  N N 44  
ASN CB   C  N N 45  
ASN CG   C  N N 46  
ASN OD1  O  N N 47  
ASN ND2  N  N N 48  
ASN OXT  O  N N 49  
ASN H    H  N N 50  
ASN H2   H  N N 51  
ASN HA   H  N N 52  
ASN HB2  H  N N 53  
ASN HB3  H  N N 54  
ASN HD21 H  N N 55  
ASN HD22 H  N N 56  
ASN HXT  H  N N 57  
ASP N    N  N N 58  
ASP CA   C  N S 59  
ASP C    C  N N 60  
ASP O    O  N N 61  
ASP CB   C  N N 62  
ASP CG   C  N N 63  
ASP OD1  O  N N 64  
ASP OD2  O  N N 65  
ASP OXT  O  N N 66  
ASP H    H  N N 67  
ASP H2   H  N N 68  
ASP HA   H  N N 69  
ASP HB2  H  N N 70  
ASP HB3  H  N N 71  
ASP HD2  H  N N 72  
ASP HXT  H  N N 73  
CYS N    N  N N 74  
CYS CA   C  N R 75  
CYS C    C  N N 76  
CYS O    O  N N 77  
CYS CB   C  N N 78  
CYS SG   S  N N 79  
CYS OXT  O  N N 80  
CYS H    H  N N 81  
CYS H2   H  N N 82  
CYS HA   H  N N 83  
CYS HB2  H  N N 84  
CYS HB3  H  N N 85  
CYS HG   H  N N 86  
CYS HXT  H  N N 87  
GLN N    N  N N 88  
GLN CA   C  N S 89  
GLN C    C  N N 90  
GLN O    O  N N 91  
GLN CB   C  N N 92  
GLN CG   C  N N 93  
GLN CD   C  N N 94  
GLN OE1  O  N N 95  
GLN NE2  N  N N 96  
GLN OXT  O  N N 97  
GLN H    H  N N 98  
GLN H2   H  N N 99  
GLN HA   H  N N 100 
GLN HB2  H  N N 101 
GLN HB3  H  N N 102 
GLN HG2  H  N N 103 
GLN HG3  H  N N 104 
GLN HE21 H  N N 105 
GLN HE22 H  N N 106 
GLN HXT  H  N N 107 
GLU N    N  N N 108 
GLU CA   C  N S 109 
GLU C    C  N N 110 
GLU O    O  N N 111 
GLU CB   C  N N 112 
GLU CG   C  N N 113 
GLU CD   C  N N 114 
GLU OE1  O  N N 115 
GLU OE2  O  N N 116 
GLU OXT  O  N N 117 
GLU H    H  N N 118 
GLU H2   H  N N 119 
GLU HA   H  N N 120 
GLU HB2  H  N N 121 
GLU HB3  H  N N 122 
GLU HG2  H  N N 123 
GLU HG3  H  N N 124 
GLU HE2  H  N N 125 
GLU HXT  H  N N 126 
GLY N    N  N N 127 
GLY CA   C  N N 128 
GLY C    C  N N 129 
GLY O    O  N N 130 
GLY OXT  O  N N 131 
GLY H    H  N N 132 
GLY H2   H  N N 133 
GLY HA2  H  N N 134 
GLY HA3  H  N N 135 
GLY HXT  H  N N 136 
HIS N    N  N N 137 
HIS CA   C  N S 138 
HIS C    C  N N 139 
HIS O    O  N N 140 
HIS CB   C  N N 141 
HIS CG   C  Y N 142 
HIS ND1  N  Y N 143 
HIS CD2  C  Y N 144 
HIS CE1  C  Y N 145 
HIS NE2  N  Y N 146 
HIS OXT  O  N N 147 
HIS H    H  N N 148 
HIS H2   H  N N 149 
HIS HA   H  N N 150 
HIS HB2  H  N N 151 
HIS HB3  H  N N 152 
HIS HD1  H  N N 153 
HIS HD2  H  N N 154 
HIS HE1  H  N N 155 
HIS HE2  H  N N 156 
HIS HXT  H  N N 157 
HOH O    O  N N 158 
HOH H1   H  N N 159 
HOH H2   H  N N 160 
ILE N    N  N N 161 
ILE CA   C  N S 162 
ILE C    C  N N 163 
ILE O    O  N N 164 
ILE CB   C  N S 165 
ILE CG1  C  N N 166 
ILE CG2  C  N N 167 
ILE CD1  C  N N 168 
ILE OXT  O  N N 169 
ILE H    H  N N 170 
ILE H2   H  N N 171 
ILE HA   H  N N 172 
ILE HB   H  N N 173 
ILE HG12 H  N N 174 
ILE HG13 H  N N 175 
ILE HG21 H  N N 176 
ILE HG22 H  N N 177 
ILE HG23 H  N N 178 
ILE HD11 H  N N 179 
ILE HD12 H  N N 180 
ILE HD13 H  N N 181 
ILE HXT  H  N N 182 
LEU N    N  N N 183 
LEU CA   C  N S 184 
LEU C    C  N N 185 
LEU O    O  N N 186 
LEU CB   C  N N 187 
LEU CG   C  N N 188 
LEU CD1  C  N N 189 
LEU CD2  C  N N 190 
LEU OXT  O  N N 191 
LEU H    H  N N 192 
LEU H2   H  N N 193 
LEU HA   H  N N 194 
LEU HB2  H  N N 195 
LEU HB3  H  N N 196 
LEU HG   H  N N 197 
LEU HD11 H  N N 198 
LEU HD12 H  N N 199 
LEU HD13 H  N N 200 
LEU HD21 H  N N 201 
LEU HD22 H  N N 202 
LEU HD23 H  N N 203 
LEU HXT  H  N N 204 
LYS N    N  N N 205 
LYS CA   C  N S 206 
LYS C    C  N N 207 
LYS O    O  N N 208 
LYS CB   C  N N 209 
LYS CG   C  N N 210 
LYS CD   C  N N 211 
LYS CE   C  N N 212 
LYS NZ   N  N N 213 
LYS OXT  O  N N 214 
LYS H    H  N N 215 
LYS H2   H  N N 216 
LYS HA   H  N N 217 
LYS HB2  H  N N 218 
LYS HB3  H  N N 219 
LYS HG2  H  N N 220 
LYS HG3  H  N N 221 
LYS HD2  H  N N 222 
LYS HD3  H  N N 223 
LYS HE2  H  N N 224 
LYS HE3  H  N N 225 
LYS HZ1  H  N N 226 
LYS HZ2  H  N N 227 
LYS HZ3  H  N N 228 
LYS HXT  H  N N 229 
MET N    N  N N 230 
MET CA   C  N S 231 
MET C    C  N N 232 
MET O    O  N N 233 
MET CB   C  N N 234 
MET CG   C  N N 235 
MET SD   S  N N 236 
MET CE   C  N N 237 
MET OXT  O  N N 238 
MET H    H  N N 239 
MET H2   H  N N 240 
MET HA   H  N N 241 
MET HB2  H  N N 242 
MET HB3  H  N N 243 
MET HG2  H  N N 244 
MET HG3  H  N N 245 
MET HE1  H  N N 246 
MET HE2  H  N N 247 
MET HE3  H  N N 248 
MET HXT  H  N N 249 
PHE N    N  N N 250 
PHE CA   C  N S 251 
PHE C    C  N N 252 
PHE O    O  N N 253 
PHE CB   C  N N 254 
PHE CG   C  Y N 255 
PHE CD1  C  Y N 256 
PHE CD2  C  Y N 257 
PHE CE1  C  Y N 258 
PHE CE2  C  Y N 259 
PHE CZ   C  Y N 260 
PHE OXT  O  N N 261 
PHE H    H  N N 262 
PHE H2   H  N N 263 
PHE HA   H  N N 264 
PHE HB2  H  N N 265 
PHE HB3  H  N N 266 
PHE HD1  H  N N 267 
PHE HD2  H  N N 268 
PHE HE1  H  N N 269 
PHE HE2  H  N N 270 
PHE HZ   H  N N 271 
PHE HXT  H  N N 272 
PRO N    N  N N 273 
PRO CA   C  N S 274 
PRO C    C  N N 275 
PRO O    O  N N 276 
PRO CB   C  N N 277 
PRO CG   C  N N 278 
PRO CD   C  N N 279 
PRO OXT  O  N N 280 
PRO H    H  N N 281 
PRO HA   H  N N 282 
PRO HB2  H  N N 283 
PRO HB3  H  N N 284 
PRO HG2  H  N N 285 
PRO HG3  H  N N 286 
PRO HD2  H  N N 287 
PRO HD3  H  N N 288 
PRO HXT  H  N N 289 
SER N    N  N N 290 
SER CA   C  N S 291 
SER C    C  N N 292 
SER O    O  N N 293 
SER CB   C  N N 294 
SER OG   O  N N 295 
SER OXT  O  N N 296 
SER H    H  N N 297 
SER H2   H  N N 298 
SER HA   H  N N 299 
SER HB2  H  N N 300 
SER HB3  H  N N 301 
SER HG   H  N N 302 
SER HXT  H  N N 303 
THR N    N  N N 304 
THR CA   C  N S 305 
THR C    C  N N 306 
THR O    O  N N 307 
THR CB   C  N R 308 
THR OG1  O  N N 309 
THR CG2  C  N N 310 
THR OXT  O  N N 311 
THR H    H  N N 312 
THR H2   H  N N 313 
THR HA   H  N N 314 
THR HB   H  N N 315 
THR HG1  H  N N 316 
THR HG21 H  N N 317 
THR HG22 H  N N 318 
THR HG23 H  N N 319 
THR HXT  H  N N 320 
TRP N    N  N N 321 
TRP CA   C  N S 322 
TRP C    C  N N 323 
TRP O    O  N N 324 
TRP CB   C  N N 325 
TRP CG   C  Y N 326 
TRP CD1  C  Y N 327 
TRP CD2  C  Y N 328 
TRP NE1  N  Y N 329 
TRP CE2  C  Y N 330 
TRP CE3  C  Y N 331 
TRP CZ2  C  Y N 332 
TRP CZ3  C  Y N 333 
TRP CH2  C  Y N 334 
TRP OXT  O  N N 335 
TRP H    H  N N 336 
TRP H2   H  N N 337 
TRP HA   H  N N 338 
TRP HB2  H  N N 339 
TRP HB3  H  N N 340 
TRP HD1  H  N N 341 
TRP HE1  H  N N 342 
TRP HE3  H  N N 343 
TRP HZ2  H  N N 344 
TRP HZ3  H  N N 345 
TRP HH2  H  N N 346 
TRP HXT  H  N N 347 
TYR N    N  N N 348 
TYR CA   C  N S 349 
TYR C    C  N N 350 
TYR O    O  N N 351 
TYR CB   C  N N 352 
TYR CG   C  Y N 353 
TYR CD1  C  Y N 354 
TYR CD2  C  Y N 355 
TYR CE1  C  Y N 356 
TYR CE2  C  Y N 357 
TYR CZ   C  Y N 358 
TYR OH   O  N N 359 
TYR OXT  O  N N 360 
TYR H    H  N N 361 
TYR H2   H  N N 362 
TYR HA   H  N N 363 
TYR HB2  H  N N 364 
TYR HB3  H  N N 365 
TYR HD1  H  N N 366 
TYR HD2  H  N N 367 
TYR HE1  H  N N 368 
TYR HE2  H  N N 369 
TYR HH   H  N N 370 
TYR HXT  H  N N 371 
VAL N    N  N N 372 
VAL CA   C  N S 373 
VAL C    C  N N 374 
VAL O    O  N N 375 
VAL CB   C  N N 376 
VAL CG1  C  N N 377 
VAL CG2  C  N N 378 
VAL OXT  O  N N 379 
VAL H    H  N N 380 
VAL H2   H  N N 381 
VAL HA   H  N N 382 
VAL HB   H  N N 383 
VAL HG11 H  N N 384 
VAL HG12 H  N N 385 
VAL HG13 H  N N 386 
VAL HG21 H  N N 387 
VAL HG22 H  N N 388 
VAL HG23 H  N N 389 
VAL HXT  H  N N 390 
ZN  ZN   ZN N N 391 
# 
loop_
_chem_comp_bond.comp_id 
_chem_comp_bond.atom_id_1 
_chem_comp_bond.atom_id_2 
_chem_comp_bond.value_order 
_chem_comp_bond.pdbx_aromatic_flag 
_chem_comp_bond.pdbx_stereo_config 
_chem_comp_bond.pdbx_ordinal 
ALA N   CA   sing N N 1   
ALA N   H    sing N N 2   
ALA N   H2   sing N N 3   
ALA CA  C    sing N N 4   
ALA CA  CB   sing N N 5   
ALA CA  HA   sing N N 6   
ALA C   O    doub N N 7   
ALA C   OXT  sing N N 8   
ALA CB  HB1  sing N N 9   
ALA CB  HB2  sing N N 10  
ALA CB  HB3  sing N N 11  
ALA OXT HXT  sing N N 12  
ARG N   CA   sing N N 13  
ARG N   H    sing N N 14  
ARG N   H2   sing N N 15  
ARG CA  C    sing N N 16  
ARG CA  CB   sing N N 17  
ARG CA  HA   sing N N 18  
ARG C   O    doub N N 19  
ARG C   OXT  sing N N 20  
ARG CB  CG   sing N N 21  
ARG CB  HB2  sing N N 22  
ARG CB  HB3  sing N N 23  
ARG CG  CD   sing N N 24  
ARG CG  HG2  sing N N 25  
ARG CG  HG3  sing N N 26  
ARG CD  NE   sing N N 27  
ARG CD  HD2  sing N N 28  
ARG CD  HD3  sing N N 29  
ARG NE  CZ   sing N N 30  
ARG NE  HE   sing N N 31  
ARG CZ  NH1  sing N N 32  
ARG CZ  NH2  doub N N 33  
ARG NH1 HH11 sing N N 34  
ARG NH1 HH12 sing N N 35  
ARG NH2 HH21 sing N N 36  
ARG NH2 HH22 sing N N 37  
ARG OXT HXT  sing N N 38  
ASN N   CA   sing N N 39  
ASN N   H    sing N N 40  
ASN N   H2   sing N N 41  
ASN CA  C    sing N N 42  
ASN CA  CB   sing N N 43  
ASN CA  HA   sing N N 44  
ASN C   O    doub N N 45  
ASN C   OXT  sing N N 46  
ASN CB  CG   sing N N 47  
ASN CB  HB2  sing N N 48  
ASN CB  HB3  sing N N 49  
ASN CG  OD1  doub N N 50  
ASN CG  ND2  sing N N 51  
ASN ND2 HD21 sing N N 52  
ASN ND2 HD22 sing N N 53  
ASN OXT HXT  sing N N 54  
ASP N   CA   sing N N 55  
ASP N   H    sing N N 56  
ASP N   H2   sing N N 57  
ASP CA  C    sing N N 58  
ASP CA  CB   sing N N 59  
ASP CA  HA   sing N N 60  
ASP C   O    doub N N 61  
ASP C   OXT  sing N N 62  
ASP CB  CG   sing N N 63  
ASP CB  HB2  sing N N 64  
ASP CB  HB3  sing N N 65  
ASP CG  OD1  doub N N 66  
ASP CG  OD2  sing N N 67  
ASP OD2 HD2  sing N N 68  
ASP OXT HXT  sing N N 69  
CYS N   CA   sing N N 70  
CYS N   H    sing N N 71  
CYS N   H2   sing N N 72  
CYS CA  C    sing N N 73  
CYS CA  CB   sing N N 74  
CYS CA  HA   sing N N 75  
CYS C   O    doub N N 76  
CYS C   OXT  sing N N 77  
CYS CB  SG   sing N N 78  
CYS CB  HB2  sing N N 79  
CYS CB  HB3  sing N N 80  
CYS SG  HG   sing N N 81  
CYS OXT HXT  sing N N 82  
GLN N   CA   sing N N 83  
GLN N   H    sing N N 84  
GLN N   H2   sing N N 85  
GLN CA  C    sing N N 86  
GLN CA  CB   sing N N 87  
GLN CA  HA   sing N N 88  
GLN C   O    doub N N 89  
GLN C   OXT  sing N N 90  
GLN CB  CG   sing N N 91  
GLN CB  HB2  sing N N 92  
GLN CB  HB3  sing N N 93  
GLN CG  CD   sing N N 94  
GLN CG  HG2  sing N N 95  
GLN CG  HG3  sing N N 96  
GLN CD  OE1  doub N N 97  
GLN CD  NE2  sing N N 98  
GLN NE2 HE21 sing N N 99  
GLN NE2 HE22 sing N N 100 
GLN OXT HXT  sing N N 101 
GLU N   CA   sing N N 102 
GLU N   H    sing N N 103 
GLU N   H2   sing N N 104 
GLU CA  C    sing N N 105 
GLU CA  CB   sing N N 106 
GLU CA  HA   sing N N 107 
GLU C   O    doub N N 108 
GLU C   OXT  sing N N 109 
GLU CB  CG   sing N N 110 
GLU CB  HB2  sing N N 111 
GLU CB  HB3  sing N N 112 
GLU CG  CD   sing N N 113 
GLU CG  HG2  sing N N 114 
GLU CG  HG3  sing N N 115 
GLU CD  OE1  doub N N 116 
GLU CD  OE2  sing N N 117 
GLU OE2 HE2  sing N N 118 
GLU OXT HXT  sing N N 119 
GLY N   CA   sing N N 120 
GLY N   H    sing N N 121 
GLY N   H2   sing N N 122 
GLY CA  C    sing N N 123 
GLY CA  HA2  sing N N 124 
GLY CA  HA3  sing N N 125 
GLY C   O    doub N N 126 
GLY C   OXT  sing N N 127 
GLY OXT HXT  sing N N 128 
HIS N   CA   sing N N 129 
HIS N   H    sing N N 130 
HIS N   H2   sing N N 131 
HIS CA  C    sing N N 132 
HIS CA  CB   sing N N 133 
HIS CA  HA   sing N N 134 
HIS C   O    doub N N 135 
HIS C   OXT  sing N N 136 
HIS CB  CG   sing N N 137 
HIS CB  HB2  sing N N 138 
HIS CB  HB3  sing N N 139 
HIS CG  ND1  sing Y N 140 
HIS CG  CD2  doub Y N 141 
HIS ND1 CE1  doub Y N 142 
HIS ND1 HD1  sing N N 143 
HIS CD2 NE2  sing Y N 144 
HIS CD2 HD2  sing N N 145 
HIS CE1 NE2  sing Y N 146 
HIS CE1 HE1  sing N N 147 
HIS NE2 HE2  sing N N 148 
HIS OXT HXT  sing N N 149 
HOH O   H1   sing N N 150 
HOH O   H2   sing N N 151 
ILE N   CA   sing N N 152 
ILE N   H    sing N N 153 
ILE N   H2   sing N N 154 
ILE CA  C    sing N N 155 
ILE CA  CB   sing N N 156 
ILE CA  HA   sing N N 157 
ILE C   O    doub N N 158 
ILE C   OXT  sing N N 159 
ILE CB  CG1  sing N N 160 
ILE CB  CG2  sing N N 161 
ILE CB  HB   sing N N 162 
ILE CG1 CD1  sing N N 163 
ILE CG1 HG12 sing N N 164 
ILE CG1 HG13 sing N N 165 
ILE CG2 HG21 sing N N 166 
ILE CG2 HG22 sing N N 167 
ILE CG2 HG23 sing N N 168 
ILE CD1 HD11 sing N N 169 
ILE CD1 HD12 sing N N 170 
ILE CD1 HD13 sing N N 171 
ILE OXT HXT  sing N N 172 
LEU N   CA   sing N N 173 
LEU N   H    sing N N 174 
LEU N   H2   sing N N 175 
LEU CA  C    sing N N 176 
LEU CA  CB   sing N N 177 
LEU CA  HA   sing N N 178 
LEU C   O    doub N N 179 
LEU C   OXT  sing N N 180 
LEU CB  CG   sing N N 181 
LEU CB  HB2  sing N N 182 
LEU CB  HB3  sing N N 183 
LEU CG  CD1  sing N N 184 
LEU CG  CD2  sing N N 185 
LEU CG  HG   sing N N 186 
LEU CD1 HD11 sing N N 187 
LEU CD1 HD12 sing N N 188 
LEU CD1 HD13 sing N N 189 
LEU CD2 HD21 sing N N 190 
LEU CD2 HD22 sing N N 191 
LEU CD2 HD23 sing N N 192 
LEU OXT HXT  sing N N 193 
LYS N   CA   sing N N 194 
LYS N   H    sing N N 195 
LYS N   H2   sing N N 196 
LYS CA  C    sing N N 197 
LYS CA  CB   sing N N 198 
LYS CA  HA   sing N N 199 
LYS C   O    doub N N 200 
LYS C   OXT  sing N N 201 
LYS CB  CG   sing N N 202 
LYS CB  HB2  sing N N 203 
LYS CB  HB3  sing N N 204 
LYS CG  CD   sing N N 205 
LYS CG  HG2  sing N N 206 
LYS CG  HG3  sing N N 207 
LYS CD  CE   sing N N 208 
LYS CD  HD2  sing N N 209 
LYS CD  HD3  sing N N 210 
LYS CE  NZ   sing N N 211 
LYS CE  HE2  sing N N 212 
LYS CE  HE3  sing N N 213 
LYS NZ  HZ1  sing N N 214 
LYS NZ  HZ2  sing N N 215 
LYS NZ  HZ3  sing N N 216 
LYS OXT HXT  sing N N 217 
MET N   CA   sing N N 218 
MET N   H    sing N N 219 
MET N   H2   sing N N 220 
MET CA  C    sing N N 221 
MET CA  CB   sing N N 222 
MET CA  HA   sing N N 223 
MET C   O    doub N N 224 
MET C   OXT  sing N N 225 
MET CB  CG   sing N N 226 
MET CB  HB2  sing N N 227 
MET CB  HB3  sing N N 228 
MET CG  SD   sing N N 229 
MET CG  HG2  sing N N 230 
MET CG  HG3  sing N N 231 
MET SD  CE   sing N N 232 
MET CE  HE1  sing N N 233 
MET CE  HE2  sing N N 234 
MET CE  HE3  sing N N 235 
MET OXT HXT  sing N N 236 
PHE N   CA   sing N N 237 
PHE N   H    sing N N 238 
PHE N   H2   sing N N 239 
PHE CA  C    sing N N 240 
PHE CA  CB   sing N N 241 
PHE CA  HA   sing N N 242 
PHE C   O    doub N N 243 
PHE C   OXT  sing N N 244 
PHE CB  CG   sing N N 245 
PHE CB  HB2  sing N N 246 
PHE CB  HB3  sing N N 247 
PHE CG  CD1  doub Y N 248 
PHE CG  CD2  sing Y N 249 
PHE CD1 CE1  sing Y N 250 
PHE CD1 HD1  sing N N 251 
PHE CD2 CE2  doub Y N 252 
PHE CD2 HD2  sing N N 253 
PHE CE1 CZ   doub Y N 254 
PHE CE1 HE1  sing N N 255 
PHE CE2 CZ   sing Y N 256 
PHE CE2 HE2  sing N N 257 
PHE CZ  HZ   sing N N 258 
PHE OXT HXT  sing N N 259 
PRO N   CA   sing N N 260 
PRO N   CD   sing N N 261 
PRO N   H    sing N N 262 
PRO CA  C    sing N N 263 
PRO CA  CB   sing N N 264 
PRO CA  HA   sing N N 265 
PRO C   O    doub N N 266 
PRO C   OXT  sing N N 267 
PRO CB  CG   sing N N 268 
PRO CB  HB2  sing N N 269 
PRO CB  HB3  sing N N 270 
PRO CG  CD   sing N N 271 
PRO CG  HG2  sing N N 272 
PRO CG  HG3  sing N N 273 
PRO CD  HD2  sing N N 274 
PRO CD  HD3  sing N N 275 
PRO OXT HXT  sing N N 276 
SER N   CA   sing N N 277 
SER N   H    sing N N 278 
SER N   H2   sing N N 279 
SER CA  C    sing N N 280 
SER CA  CB   sing N N 281 
SER CA  HA   sing N N 282 
SER C   O    doub N N 283 
SER C   OXT  sing N N 284 
SER CB  OG   sing N N 285 
SER CB  HB2  sing N N 286 
SER CB  HB3  sing N N 287 
SER OG  HG   sing N N 288 
SER OXT HXT  sing N N 289 
THR N   CA   sing N N 290 
THR N   H    sing N N 291 
THR N   H2   sing N N 292 
THR CA  C    sing N N 293 
THR CA  CB   sing N N 294 
THR CA  HA   sing N N 295 
THR C   O    doub N N 296 
THR C   OXT  sing N N 297 
THR CB  OG1  sing N N 298 
THR CB  CG2  sing N N 299 
THR CB  HB   sing N N 300 
THR OG1 HG1  sing N N 301 
THR CG2 HG21 sing N N 302 
THR CG2 HG22 sing N N 303 
THR CG2 HG23 sing N N 304 
THR OXT HXT  sing N N 305 
TRP N   CA   sing N N 306 
TRP N   H    sing N N 307 
TRP N   H2   sing N N 308 
TRP CA  C    sing N N 309 
TRP CA  CB   sing N N 310 
TRP CA  HA   sing N N 311 
TRP C   O    doub N N 312 
TRP C   OXT  sing N N 313 
TRP CB  CG   sing N N 314 
TRP CB  HB2  sing N N 315 
TRP CB  HB3  sing N N 316 
TRP CG  CD1  doub Y N 317 
TRP CG  CD2  sing Y N 318 
TRP CD1 NE1  sing Y N 319 
TRP CD1 HD1  sing N N 320 
TRP CD2 CE2  doub Y N 321 
TRP CD2 CE3  sing Y N 322 
TRP NE1 CE2  sing Y N 323 
TRP NE1 HE1  sing N N 324 
TRP CE2 CZ2  sing Y N 325 
TRP CE3 CZ3  doub Y N 326 
TRP CE3 HE3  sing N N 327 
TRP CZ2 CH2  doub Y N 328 
TRP CZ2 HZ2  sing N N 329 
TRP CZ3 CH2  sing Y N 330 
TRP CZ3 HZ3  sing N N 331 
TRP CH2 HH2  sing N N 332 
TRP OXT HXT  sing N N 333 
TYR N   CA   sing N N 334 
TYR N   H    sing N N 335 
TYR N   H2   sing N N 336 
TYR CA  C    sing N N 337 
TYR CA  CB   sing N N 338 
TYR CA  HA   sing N N 339 
TYR C   O    doub N N 340 
TYR C   OXT  sing N N 341 
TYR CB  CG   sing N N 342 
TYR CB  HB2  sing N N 343 
TYR CB  HB3  sing N N 344 
TYR CG  CD1  doub Y N 345 
TYR CG  CD2  sing Y N 346 
TYR CD1 CE1  sing Y N 347 
TYR CD1 HD1  sing N N 348 
TYR CD2 CE2  doub Y N 349 
TYR CD2 HD2  sing N N 350 
TYR CE1 CZ   doub Y N 351 
TYR CE1 HE1  sing N N 352 
TYR CE2 CZ   sing Y N 353 
TYR CE2 HE2  sing N N 354 
TYR CZ  OH   sing N N 355 
TYR OH  HH   sing N N 356 
TYR OXT HXT  sing N N 357 
VAL N   CA   sing N N 358 
VAL N   H    sing N N 359 
VAL N   H2   sing N N 360 
VAL CA  C    sing N N 361 
VAL CA  CB   sing N N 362 
VAL CA  HA   sing N N 363 
VAL C   O    doub N N 364 
VAL C   OXT  sing N N 365 
VAL CB  CG1  sing N N 366 
VAL CB  CG2  sing N N 367 
VAL CB  HB   sing N N 368 
VAL CG1 HG11 sing N N 369 
VAL CG1 HG12 sing N N 370 
VAL CG1 HG13 sing N N 371 
VAL CG2 HG21 sing N N 372 
VAL CG2 HG22 sing N N 373 
VAL CG2 HG23 sing N N 374 
VAL OXT HXT  sing N N 375 
# 
loop_
_pdbx_audit_support.funding_organization 
_pdbx_audit_support.country 
_pdbx_audit_support.grant_number 
_pdbx_audit_support.ordinal 
'Wellcome Trust' 'United Kingdom' 098230 1 
'Wellcome Trust' 'United Kingdom' 101528 2 
# 
_pdbx_initial_refinement_model.accession_code   ? 
_pdbx_initial_refinement_model.id               1 
_pdbx_initial_refinement_model.entity_id_list   ? 
_pdbx_initial_refinement_model.type             other 
_pdbx_initial_refinement_model.source_name      ? 
_pdbx_initial_refinement_model.details          'in house model' 
# 
_atom_sites.entry_id                    5M1Q 
_atom_sites.fract_transf_matrix[1][1]   0.00253154 
_atom_sites.fract_transf_matrix[1][2]   0.01321512 
_atom_sites.fract_transf_matrix[1][3]   0.01332180 
_atom_sites.fract_transf_matrix[2][1]   -0.00964826 
_atom_sites.fract_transf_matrix[2][2]   0.01627027 
_atom_sites.fract_transf_matrix[2][3]   -0.00085056 
_atom_sites.fract_transf_matrix[3][1]   -0.00812255 
_atom_sites.fract_transf_matrix[3][2]   -0.00450249 
_atom_sites.fract_transf_matrix[3][3]   0.00600996 
_atom_sites.fract_transf_vector[1]      0.274537 
_atom_sites.fract_transf_vector[2]      0.626593 
_atom_sites.fract_transf_vector[3]      0.023713 
# 
loop_
_atom_type.symbol 
C  
N  
O  
S  
ZN 
# 
loop_
_atom_site.group_PDB 
_atom_site.id 
_atom_site.type_symbol 
_atom_site.label_atom_id 
_atom_site.label_alt_id 
_atom_site.label_comp_id 
_atom_site.label_asym_id 
_atom_site.label_entity_id 
_atom_site.label_seq_id 
_atom_site.pdbx_PDB_ins_code 
_atom_site.Cartn_x 
_atom_site.Cartn_y 
_atom_site.Cartn_z 
_atom_site.occupancy 
_atom_site.B_iso_or_equiv 
_atom_site.pdbx_formal_charge 
_atom_site.auth_seq_id 
_atom_site.auth_comp_id 
_atom_site.auth_asym_id 
_atom_site.auth_atom_id 
_atom_site.pdbx_PDB_model_num 
ATOM   1    N  N   . ASN A 1 1   ? 16.046  -11.214 5.687   1.00 38.94 ? 257 ASN A N   1 
ATOM   2    C  CA  . ASN A 1 1   ? 15.569  -11.329 4.270   1.00 36.20 ? 257 ASN A CA  1 
ATOM   3    C  C   . ASN A 1 1   ? 16.619  -10.748 3.323   1.00 35.43 ? 257 ASN A C   1 
ATOM   4    O  O   . ASN A 1 1   ? 17.223  -9.712  3.617   1.00 34.93 ? 257 ASN A O   1 
ATOM   5    C  CB  . ASN A 1 1   ? 14.215  -10.612 4.098   1.00 35.34 ? 257 ASN A CB  1 
ATOM   6    C  CG  . ASN A 1 1   ? 13.636  -10.755 2.694   1.00 35.48 ? 257 ASN A CG  1 
ATOM   7    O  OD1 . ASN A 1 1   ? 13.864  -9.909  1.832   1.00 35.32 ? 257 ASN A OD1 1 
ATOM   8    N  ND2 . ASN A 1 1   ? 12.890  -11.828 2.457   1.00 33.59 ? 257 ASN A ND2 1 
ATOM   9    N  N   . SER A 1 2   ? 16.834  -11.411 2.191   1.00 35.02 ? 258 SER A N   1 
ATOM   10   C  CA  . SER A 1 2   ? 17.890  -11.012 1.256   1.00 36.85 ? 258 SER A CA  1 
ATOM   11   C  C   . SER A 1 2   ? 17.608  -9.646  0.623   1.00 34.76 ? 258 SER A C   1 
ATOM   12   O  O   . SER A 1 2   ? 18.522  -8.844  0.425   1.00 37.63 ? 258 SER A O   1 
ATOM   13   C  CB  . SER A 1 2   ? 18.070  -12.075 0.165   1.00 39.05 ? 258 SER A CB  1 
ATOM   14   O  OG  . SER A 1 2   ? 19.089  -11.700 -0.748  1.00 41.54 ? 258 SER A OG  1 
ATOM   15   N  N   . VAL A 1 3   ? 16.338  -9.386  0.322   1.00 30.47 ? 259 VAL A N   1 
ATOM   16   C  CA  . VAL A 1 3   ? 15.928  -8.114  -0.260  1.00 28.12 ? 259 VAL A CA  1 
ATOM   17   C  C   . VAL A 1 3   ? 15.792  -7.050  0.833   1.00 25.13 ? 259 VAL A C   1 
ATOM   18   O  O   . VAL A 1 3   ? 16.234  -5.921  0.650   1.00 27.28 ? 259 VAL A O   1 
ATOM   19   C  CB  . VAL A 1 3   ? 14.597  -8.255  -1.030  1.00 27.50 ? 259 VAL A CB  1 
ATOM   20   C  CG1 . VAL A 1 3   ? 14.159  -6.917  -1.602  1.00 28.02 ? 259 VAL A CG1 1 
ATOM   21   C  CG2 . VAL A 1 3   ? 14.746  -9.302  -2.134  1.00 27.57 ? 259 VAL A CG2 1 
ATOM   22   N  N   . PHE A 1 4   ? 15.158  -7.412  1.943   1.00 23.20 ? 260 PHE A N   1 
ATOM   23   C  CA  . PHE A 1 4   ? 14.948  -6.480  3.054   1.00 22.43 ? 260 PHE A CA  1 
ATOM   24   C  C   . PHE A 1 4   ? 15.939  -6.770  4.160   1.00 22.99 ? 260 PHE A C   1 
ATOM   25   O  O   . PHE A 1 4   ? 15.589  -7.368  5.172   1.00 23.84 ? 260 PHE A O   1 
ATOM   26   C  CB  . PHE A 1 4   ? 13.515  -6.553  3.561   1.00 20.91 ? 260 PHE A CB  1 
ATOM   27   C  CG  . PHE A 1 4   ? 12.498  -6.103  2.542   1.00 20.04 ? 260 PHE A CG  1 
ATOM   28   C  CD1 . PHE A 1 4   ? 12.487  -4.793  2.099   1.00 20.12 ? 260 PHE A CD1 1 
ATOM   29   C  CD2 . PHE A 1 4   ? 11.550  -6.978  2.050   1.00 19.67 ? 260 PHE A CD2 1 
ATOM   30   C  CE1 . PHE A 1 4   ? 11.564  -4.372  1.147   1.00 19.97 ? 260 PHE A CE1 1 
ATOM   31   C  CE2 . PHE A 1 4   ? 10.628  -6.568  1.110   1.00 19.63 ? 260 PHE A CE2 1 
ATOM   32   C  CZ  . PHE A 1 4   ? 10.644  -5.264  0.649   1.00 20.04 ? 260 PHE A CZ  1 
ATOM   33   N  N   . SER A 1 5   ? 17.157  -6.287  3.971   1.00 24.14 ? 261 SER A N   1 
ATOM   34   C  CA  . SER A 1 5   ? 18.206  -6.479  4.964   1.00 25.75 ? 261 SER A CA  1 
ATOM   35   C  C   . SER A 1 5   ? 17.941  -5.614  6.223   1.00 24.34 ? 261 SER A C   1 
ATOM   36   O  O   . SER A 1 5   ? 18.510  -5.881  7.289   1.00 23.88 ? 261 SER A O   1 
ATOM   37   C  CB  . SER A 1 5   ? 19.577  -6.204  4.350   1.00 27.64 ? 261 SER A CB  1 
ATOM   38   O  OG  . SER A 1 5   ? 19.702  -4.857  3.984   1.00 32.58 ? 261 SER A OG  1 
ATOM   39   N  N   . GLY A 1 6   ? 17.062  -4.609  6.107   1.00 21.63 ? 262 GLY A N   1 
ATOM   40   C  CA  . GLY A 1 6   ? 16.690  -3.750  7.229   1.00 20.23 ? 262 GLY A CA  1 
ATOM   41   C  C   . GLY A 1 6   ? 15.416  -4.124  7.974   1.00 19.21 ? 262 GLY A C   1 
ATOM   42   O  O   . GLY A 1 6   ? 14.882  -3.278  8.712   1.00 18.64 ? 262 GLY A O   1 
ATOM   43   N  N   . LEU A 1 7   ? 14.949  -5.367  7.840   1.00 18.86 ? 263 LEU A N   1 
ATOM   44   C  CA  . LEU A 1 7   ? 13.755  -5.843  8.557   1.00 20.69 ? 263 LEU A CA  1 
ATOM   45   C  C   . LEU A 1 7   ? 13.724  -5.573  10.060  1.00 19.60 ? 263 LEU A C   1 
ATOM   46   O  O   . LEU A 1 7   ? 12.658  -5.277  10.624  1.00 18.31 ? 263 LEU A O   1 
ATOM   47   C  CB  . LEU A 1 7   ? 13.534  -7.338  8.336   1.00 24.41 ? 263 LEU A CB  1 
ATOM   48   C  CG  . LEU A 1 7   ? 12.725  -7.819  7.142   1.00 28.93 ? 263 LEU A CG  1 
ATOM   49   C  CD1 . LEU A 1 7   ? 12.697  -9.342  7.184   1.00 30.72 ? 263 LEU A CD1 1 
ATOM   50   C  CD2 . LEU A 1 7   ? 11.313  -7.251  7.156   1.00 30.32 ? 263 LEU A CD2 1 
ATOM   51   N  N   . ASP A 1 8   ? 14.889  -5.624  10.709  1.00 19.39 ? 264 ASP A N   1 
ATOM   52   C  CA  . ASP A 1 8   ? 14.945  -5.367  12.157  1.00 19.02 ? 264 ASP A CA  1 
ATOM   53   C  C   . ASP A 1 8   ? 14.673  -3.927  12.531  1.00 17.91 ? 264 ASP A C   1 
ATOM   54   O  O   . ASP A 1 8   ? 14.399  -3.620  13.700  1.00 18.04 ? 264 ASP A O   1 
ATOM   55   C  CB  . ASP A 1 8   ? 16.317  -5.759  12.721  1.00 21.71 ? 264 ASP A CB  1 
ATOM   56   C  CG  . ASP A 1 8   ? 16.550  -7.234  12.709  1.00 24.38 ? 264 ASP A CG  1 
ATOM   57   O  OD1 . ASP A 1 8   ? 15.574  -8.002  12.667  1.00 24.85 ? 264 ASP A OD1 1 
ATOM   58   O  OD2 . ASP A 1 8   ? 17.730  -7.636  12.753  1.00 26.29 ? 264 ASP A OD2 1 
ATOM   59   N  N   . MET A 1 9   ? 14.776  -3.030  11.563  1.00 16.29 ? 265 MET A N   1 
ATOM   60   C  CA  . MET A 1 9   ? 14.548  -1.621  11.782  1.00 15.64 ? 265 MET A CA  1 
ATOM   61   C  C   . MET A 1 9   ? 13.107  -1.189  11.459  1.00 14.66 ? 265 MET A C   1 
ATOM   62   O  O   . MET A 1 9   ? 12.767  -0.036  11.689  1.00 14.43 ? 265 MET A O   1 
ATOM   63   C  CB  . MET A 1 9   ? 15.544  -0.786  10.968  1.00 17.68 ? 265 MET A CB  1 
ATOM   64   C  CG  . MET A 1 9   ? 17.022  -0.968  11.330  1.00 19.10 ? 265 MET A CG  1 
ATOM   65   S  SD  . MET A 1 9   ? 17.408  -0.586  13.069  1.00 23.56 ? 265 MET A SD  1 
ATOM   66   C  CE  . MET A 1 9   ? 17.328  1.189   13.081  1.00 25.28 ? 265 MET A CE  1 
ATOM   67   N  N   . LEU A 1 10  ? 12.299  -2.101  10.936  1.00 14.61 ? 266 LEU A N   1 
ATOM   68   C  CA  . LEU A 1 10  ? 10.885  -1.834  10.684  1.00 15.45 ? 266 LEU A CA  1 
ATOM   69   C  C   . LEU A 1 10  ? 10.184  -1.531  11.993  1.00 15.34 ? 266 LEU A C   1 
ATOM   70   O  O   . LEU A 1 10  ? 10.277  -2.310  12.945  1.00 15.69 ? 266 LEU A O   1 
ATOM   71   C  CB  . LEU A 1 10  ? 10.238  -3.053  10.012  1.00 16.50 ? 266 LEU A CB  1 
ATOM   72   C  CG  . LEU A 1 10  ? 8.777   -2.983  9.617   1.00 17.22 ? 266 LEU A CG  1 
ATOM   73   C  CD1 . LEU A 1 10  ? 8.614   -1.919  8.540   1.00 16.94 ? 266 LEU A CD1 1 
ATOM   74   C  CD2 . LEU A 1 10  ? 8.308   -4.336  9.114   1.00 18.15 ? 266 LEU A CD2 1 
ATOM   75   N  N   A ILE A 1 11  ? 9.495   -0.402  12.049  0.50 14.83 ? 267 ILE A N   1 
ATOM   76   N  N   B ILE A 1 11  ? 9.462   -0.421  12.035  0.50 14.62 ? 267 ILE A N   1 
ATOM   77   C  CA  A ILE A 1 11  ? 8.743   -0.027  13.235  0.50 15.18 ? 267 ILE A CA  1 
ATOM   78   C  CA  B ILE A 1 11  ? 8.732   -0.017  13.229  0.50 14.85 ? 267 ILE A CA  1 
ATOM   79   C  C   A ILE A 1 11  ? 7.385   -0.733  13.193  0.50 15.72 ? 267 ILE A C   1 
ATOM   80   C  C   B ILE A 1 11  ? 7.339   -0.652  13.222  0.50 15.59 ? 267 ILE A C   1 
ATOM   81   O  O   A ILE A 1 11  ? 6.717   -0.786  12.144  0.50 14.66 ? 267 ILE A O   1 
ATOM   82   O  O   B ILE A 1 11  ? 6.590   -0.555  12.241  0.50 14.57 ? 267 ILE A O   1 
ATOM   83   C  CB  A ILE A 1 11  ? 8.590   1.491   13.329  0.50 15.40 ? 267 ILE A CB  1 
ATOM   84   C  CB  B ILE A 1 11  ? 8.658   1.507   13.311  0.50 14.77 ? 267 ILE A CB  1 
ATOM   85   C  CG1 A ILE A 1 11  ? 9.953   2.152   13.535  0.50 15.76 ? 267 ILE A CG1 1 
ATOM   86   C  CG1 B ILE A 1 11  ? 10.058  2.085   13.495  0.50 14.91 ? 267 ILE A CG1 1 
ATOM   87   C  CG2 A ILE A 1 11  ? 7.617   1.869   14.432  0.50 15.15 ? 267 ILE A CG2 1 
ATOM   88   C  CG2 B ILE A 1 11  ? 7.726   1.946   14.429  0.50 14.55 ? 267 ILE A CG2 1 
ATOM   89   C  CD1 A ILE A 1 11  ? 10.749  1.579   14.693  0.50 16.14 ? 267 ILE A CD1 1 
ATOM   90   C  CD1 B ILE A 1 11  ? 10.141  3.574   13.265  0.50 14.85 ? 267 ILE A CD1 1 
ATOM   91   N  N   . LEU A 1 12  ? 6.991   -1.285  14.338  1.00 15.07 ? 268 LEU A N   1 
ATOM   92   C  CA  . LEU A 1 12  ? 5.825   -2.141  14.458  1.00 16.51 ? 268 LEU A CA  1 
ATOM   93   C  C   . LEU A 1 12  ? 4.713   -1.422  15.217  1.00 17.60 ? 268 LEU A C   1 
ATOM   94   O  O   . LEU A 1 12  ? 4.747   -1.319  16.450  1.00 19.81 ? 268 LEU A O   1 
ATOM   95   C  CB  . LEU A 1 12  ? 6.243   -3.398  15.208  1.00 18.48 ? 268 LEU A CB  1 
ATOM   96   C  CG  . LEU A 1 12  ? 7.356   -4.171  14.528  1.00 19.84 ? 268 LEU A CG  1 
ATOM   97   C  CD1 . LEU A 1 12  ? 7.645   -5.430  15.342  1.00 21.70 ? 268 LEU A CD1 1 
ATOM   98   C  CD2 . LEU A 1 12  ? 7.002   -4.520  13.096  1.00 20.63 ? 268 LEU A CD2 1 
ATOM   99   N  N   . LEU A 1 13  ? 3.722   -0.927  14.484  1.00 15.22 ? 269 LEU A N   1 
ATOM   100  C  CA  . LEU A 1 13  ? 2.725   -0.042  15.060  1.00 15.55 ? 269 LEU A CA  1 
ATOM   101  C  C   . LEU A 1 13  ? 1.531   -0.806  15.642  1.00 15.46 ? 269 LEU A C   1 
ATOM   102  O  O   . LEU A 1 13  ? 1.044   -1.751  15.029  1.00 15.53 ? 269 LEU A O   1 
ATOM   103  C  CB  . LEU A 1 13  ? 2.175   0.901   13.986  1.00 15.67 ? 269 LEU A CB  1 
ATOM   104  C  CG  . LEU A 1 13  ? 3.209   1.818   13.327  1.00 15.89 ? 269 LEU A CG  1 
ATOM   105  C  CD1 . LEU A 1 13  ? 2.640   2.470   12.072  1.00 16.45 ? 269 LEU A CD1 1 
ATOM   106  C  CD2 . LEU A 1 13  ? 3.708   2.843   14.308  1.00 16.98 ? 269 LEU A CD2 1 
ATOM   107  N  N   . PRO A 1 14  ? 1.021   -0.352  16.799  1.00 16.16 ? 270 PRO A N   1 
ATOM   108  C  CA  . PRO A 1 14  ? -0.238  -0.934  17.282  1.00 16.84 ? 270 PRO A CA  1 
ATOM   109  C  C   . PRO A 1 14  ? -1.389  -0.463  16.415  1.00 16.39 ? 270 PRO A C   1 
ATOM   110  O  O   . PRO A 1 14  ? -1.313  0.621   15.831  1.00 15.14 ? 270 PRO A O   1 
ATOM   111  C  CB  . PRO A 1 14  ? -0.385  -0.369  18.690  1.00 17.64 ? 270 PRO A CB  1 
ATOM   112  C  CG  . PRO A 1 14  ? 0.468   0.837   18.724  1.00 18.75 ? 270 PRO A CG  1 
ATOM   113  C  CD  . PRO A 1 14  ? 1.488   0.768   17.628  1.00 17.33 ? 270 PRO A CD  1 
ATOM   114  N  N   . TYR A 1 15  ? -2.433  -1.275  16.319  1.00 17.23 ? 271 TYR A N   1 
ATOM   115  C  CA  . TYR A 1 15  ? -3.559  -0.938  15.455  1.00 18.23 ? 271 TYR A CA  1 
ATOM   116  C  C   . TYR A 1 15  ? -4.844  -1.522  16.001  1.00 19.00 ? 271 TYR A C   1 
ATOM   117  O  O   . TYR A 1 15  ? -4.812  -2.395  16.882  1.00 19.63 ? 271 TYR A O   1 
ATOM   118  C  CB  . TYR A 1 15  ? -3.311  -1.483  14.035  1.00 18.99 ? 271 TYR A CB  1 
ATOM   119  C  CG  . TYR A 1 15  ? -3.299  -2.983  13.988  1.00 19.94 ? 271 TYR A CG  1 
ATOM   120  C  CD1 . TYR A 1 15  ? -2.167  -3.702  14.376  1.00 21.88 ? 271 TYR A CD1 1 
ATOM   121  C  CD2 . TYR A 1 15  ? -4.433  -3.696  13.599  1.00 22.26 ? 271 TYR A CD2 1 
ATOM   122  C  CE1 . TYR A 1 15  ? -2.161  -5.088  14.373  1.00 23.72 ? 271 TYR A CE1 1 
ATOM   123  C  CE2 . TYR A 1 15  ? -4.435  -5.081  13.602  1.00 24.41 ? 271 TYR A CE2 1 
ATOM   124  C  CZ  . TYR A 1 15  ? -3.297  -5.765  13.977  1.00 25.09 ? 271 TYR A CZ  1 
ATOM   125  O  OH  . TYR A 1 15  ? -3.298  -7.128  13.969  1.00 31.22 ? 271 TYR A OH  1 
ATOM   126  N  N   A GLU A 1 16  ? -5.961  -1.019  15.474  0.50 19.69 ? 272 GLU A N   1 
ATOM   127  N  N   B GLU A 1 16  ? -5.960  -1.032  15.473  0.50 19.57 ? 272 GLU A N   1 
ATOM   128  C  CA  A GLU A 1 16  ? -7.305  -1.551  15.724  0.50 21.13 ? 272 GLU A CA  1 
ATOM   129  C  CA  B GLU A 1 16  ? -7.278  -1.606  15.719  0.50 20.93 ? 272 GLU A CA  1 
ATOM   130  C  C   A GLU A 1 16  ? -7.810  -2.124  14.411  0.50 20.69 ? 272 GLU A C   1 
ATOM   131  C  C   B GLU A 1 16  ? -7.786  -2.142  14.406  0.50 20.55 ? 272 GLU A C   1 
ATOM   132  O  O   A GLU A 1 16  ? -7.680  -1.468  13.372  0.50 20.24 ? 272 GLU A O   1 
ATOM   133  O  O   B GLU A 1 16  ? -7.634  -1.492  13.368  0.50 20.09 ? 272 GLU A O   1 
ATOM   134  C  CB  A GLU A 1 16  ? -8.254  -0.436  16.192  0.50 23.19 ? 272 GLU A CB  1 
ATOM   135  C  CB  B GLU A 1 16  ? -8.243  -0.551  16.248  0.50 22.85 ? 272 GLU A CB  1 
ATOM   136  C  CG  A GLU A 1 16  ? -7.852  0.232   17.502  0.50 26.00 ? 272 GLU A CG  1 
ATOM   137  C  CG  B GLU A 1 16  ? -7.897  -0.056  17.641  0.50 25.54 ? 272 GLU A CG  1 
ATOM   138  C  CD  A GLU A 1 16  ? -8.842  1.289   17.982  0.50 27.49 ? 272 GLU A CD  1 
ATOM   139  C  CD  B GLU A 1 16  ? -7.964  -1.149  18.690  0.50 26.63 ? 272 GLU A CD  1 
ATOM   140  O  OE1 A GLU A 1 16  ? -9.993  1.304   17.500  0.50 30.30 ? 272 GLU A OE1 1 
ATOM   141  O  OE1 B GLU A 1 16  ? -7.226  -1.059  19.692  0.50 29.13 ? 272 GLU A OE1 1 
ATOM   142  O  OE2 A GLU A 1 16  ? -8.474  2.111   18.860  0.50 30.15 ? 272 GLU A OE2 1 
ATOM   143  O  OE2 B GLU A 1 16  ? -8.760  -2.097  18.523  0.50 29.70 ? 272 GLU A OE2 1 
ATOM   144  N  N   . ARG A 1 17  ? -8.384  -3.324  14.439  1.00 20.43 ? 273 ARG A N   1 
ATOM   145  C  CA  . ARG A 1 17  ? -9.009  -3.883  13.245  1.00 21.43 ? 273 ARG A CA  1 
ATOM   146  C  C   . ARG A 1 17  ? -10.373 -3.223  13.063  1.00 20.77 ? 273 ARG A C   1 
ATOM   147  O  O   . ARG A 1 17  ? -11.120 -3.015  14.025  1.00 18.58 ? 273 ARG A O   1 
ATOM   148  C  CB  . ARG A 1 17  ? -9.152  -5.403  13.276  1.00 25.04 ? 273 ARG A CB  1 
ATOM   149  C  CG  . ARG A 1 17  ? -9.643  -5.951  11.930  1.00 28.32 ? 273 ARG A CG  1 
ATOM   150  C  CD  . ARG A 1 17  ? -9.638  -7.462  11.846  1.00 31.22 ? 273 ARG A CD  1 
ATOM   151  N  NE  . ARG A 1 17  ? -8.281  -7.985  11.973  1.00 33.80 ? 273 ARG A NE  1 
ATOM   152  C  CZ  . ARG A 1 17  ? -7.389  -8.099  10.987  1.00 37.30 ? 273 ARG A CZ  1 
ATOM   153  N  NH1 . ARG A 1 17  ? -7.677  -7.733  9.738   1.00 37.76 ? 273 ARG A NH1 1 
ATOM   154  N  NH2 . ARG A 1 17  ? -6.181  -8.588  11.261  1.00 39.59 ? 273 ARG A NH2 1 
ATOM   155  N  N   . ARG A 1 18  ? -10.678 -2.892  11.815  1.00 20.13 ? 274 ARG A N   1 
ATOM   156  C  CA  . ARG A 1 18  ? -11.979 -2.381  11.411  1.00 22.62 ? 274 ARG A CA  1 
ATOM   157  C  C   . ARG A 1 18  ? -12.285 -3.076  10.084  1.00 21.65 ? 274 ARG A C   1 
ATOM   158  O  O   . ARG A 1 18  ? -12.119 -2.514  8.983   1.00 22.18 ? 274 ARG A O   1 
ATOM   159  C  CB  . ARG A 1 18  ? -11.919 -0.864  11.328  1.00 25.15 ? 274 ARG A CB  1 
ATOM   160  C  CG  . ARG A 1 18  ? -13.253 -0.149  11.405  1.00 29.67 ? 274 ARG A CG  1 
ATOM   161  C  CD  . ARG A 1 18  ? -13.027 1.317   11.695  1.00 32.72 ? 274 ARG A CD  1 
ATOM   162  N  NE  . ARG A 1 18  ? -12.262 1.514   12.927  1.00 35.55 ? 274 ARG A NE  1 
ATOM   163  C  CZ  . ARG A 1 18  ? -11.568 2.614   13.245  1.00 38.28 ? 274 ARG A CZ  1 
ATOM   164  N  NH1 . ARG A 1 18  ? -11.517 3.675   12.433  1.00 40.04 ? 274 ARG A NH1 1 
ATOM   165  N  NH2 . ARG A 1 18  ? -10.910 2.655   14.401  1.00 40.15 ? 274 ARG A NH2 1 
ATOM   166  N  N   . GLY A 1 19  ? -12.654 -4.347  10.207  1.00 21.60 ? 275 GLY A N   1 
ATOM   167  C  CA  . GLY A 1 19  ? -12.959 -5.202  9.060   1.00 21.10 ? 275 GLY A CA  1 
ATOM   168  C  C   . GLY A 1 19  ? -11.737 -5.480  8.209   1.00 20.78 ? 275 GLY A C   1 
ATOM   169  O  O   . GLY A 1 19  ? -10.779 -6.084  8.670   1.00 22.13 ? 275 GLY A O   1 
ATOM   170  N  N   . THR A 1 20  ? -11.791 -5.023  6.950   1.00 21.45 ? 276 THR A N   1 
ATOM   171  C  CA  . THR A 1 20  ? -10.672 -5.180  6.026   1.00 20.85 ? 276 THR A CA  1 
ATOM   172  C  C   . THR A 1 20  ? -9.571  -4.147  6.293   1.00 20.12 ? 276 THR A C   1 
ATOM   173  O  O   . THR A 1 20  ? -8.477  -4.277  5.725   1.00 20.49 ? 276 THR A O   1 
ATOM   174  C  CB  . THR A 1 20  ? -11.150 -5.090  4.555   1.00 20.90 ? 276 THR A CB  1 
ATOM   175  O  OG1 . THR A 1 20  ? -11.895 -3.889  4.359   1.00 22.23 ? 276 THR A OG1 1 
ATOM   176  C  CG2 . THR A 1 20  ? -12.006 -6.293  4.194   1.00 22.89 ? 276 THR A CG2 1 
ATOM   177  N  N   . ARG A 1 21  ? -9.839  -3.155  7.141   1.00 17.17 ? 277 ARG A N   1 
ATOM   178  C  CA  . ARG A 1 21  ? -8.840  -2.143  7.505   1.00 16.94 ? 277 ARG A CA  1 
ATOM   179  C  C   . ARG A 1 21  ? -8.123  -2.433  8.821   1.00 17.65 ? 277 ARG A C   1 
ATOM   180  O  O   . ARG A 1 21  ? -8.757  -2.794  9.825   1.00 17.36 ? 277 ARG A O   1 
ATOM   181  C  CB  . ARG A 1 21  ? -9.474  -0.787  7.675   1.00 17.28 ? 277 ARG A CB  1 
ATOM   182  C  CG  . ARG A 1 21  ? -10.142 -0.228  6.449   1.00 17.94 ? 277 ARG A CG  1 
ATOM   183  C  CD  . ARG A 1 21  ? -10.631 1.166   6.722   1.00 19.14 ? 277 ARG A CD  1 
ATOM   184  N  NE  . ARG A 1 21  ? -11.361 1.680   5.565   1.00 20.29 ? 277 ARG A NE  1 
ATOM   185  C  CZ  . ARG A 1 21  ? -11.795 2.928   5.435   1.00 19.30 ? 277 ARG A CZ  1 
ATOM   186  N  NH1 . ARG A 1 21  ? -11.569 3.847   6.372   1.00 20.81 ? 277 ARG A NH1 1 
ATOM   187  N  NH2 . ARG A 1 21  ? -12.444 3.266   4.326   1.00 21.38 ? 277 ARG A NH2 1 
ATOM   188  N  N   A LEU A 1 22  ? -6.803  -2.298  8.802   0.50 16.46 ? 278 LEU A N   1 
ATOM   189  N  N   B LEU A 1 22  ? -6.807  -2.225  8.810   0.50 16.17 ? 278 LEU A N   1 
ATOM   190  C  CA  A LEU A 1 22  ? -6.009  -2.155  10.011  0.50 16.37 ? 278 LEU A CA  1 
ATOM   191  C  CA  B LEU A 1 22  ? -5.978  -2.144  10.012  0.50 15.85 ? 278 LEU A CA  1 
ATOM   192  C  C   A LEU A 1 22  ? -5.789  -0.660  10.203  0.50 16.18 ? 278 LEU A C   1 
ATOM   193  C  C   B LEU A 1 22  ? -5.640  -0.681  10.294  0.50 15.94 ? 278 LEU A C   1 
ATOM   194  O  O   A LEU A 1 22  ? -5.223  -0.002  9.326   0.50 16.18 ? 278 LEU A O   1 
ATOM   195  O  O   B LEU A 1 22  ? -4.783  -0.084  9.617   0.50 16.00 ? 278 LEU A O   1 
ATOM   196  C  CB  A LEU A 1 22  ? -4.682  -2.904  9.872   0.50 16.84 ? 278 LEU A CB  1 
ATOM   197  C  CB  B LEU A 1 22  ? -4.692  -2.949  9.822   0.50 15.86 ? 278 LEU A CB  1 
ATOM   198  C  CG  A LEU A 1 22  ? -4.796  -4.423  9.903   0.50 17.39 ? 278 LEU A CG  1 
ATOM   199  C  CG  B LEU A 1 22  ? -4.929  -4.368  9.340   0.50 15.94 ? 278 LEU A CG  1 
ATOM   200  C  CD1 A LEU A 1 22  ? -5.462  -4.949  8.643   0.50 17.86 ? 278 LEU A CD1 1 
ATOM   201  C  CD1 B LEU A 1 22  ? -3.627  -5.126  9.116   0.50 16.49 ? 278 LEU A CD1 1 
ATOM   202  C  CD2 A LEU A 1 22  ? -3.436  -5.076  10.103  0.50 17.61 ? 278 LEU A CD2 1 
ATOM   203  C  CD2 B LEU A 1 22  ? -5.816  -5.078  10.353  0.50 15.88 ? 278 LEU A CD2 1 
ATOM   204  N  N   . VAL A 1 23  ? -6.276  -0.105  11.311  1.00 15.67 ? 279 VAL A N   1 
ATOM   205  C  CA  . VAL A 1 23  ? -6.211  1.330   11.558  1.00 15.86 ? 279 VAL A CA  1 
ATOM   206  C  C   . VAL A 1 23  ? -5.206  1.668   12.666  1.00 15.75 ? 279 VAL A C   1 
ATOM   207  O  O   . VAL A 1 23  ? -5.402  1.307   13.806  1.00 16.44 ? 279 VAL A O   1 
ATOM   208  C  CB  . VAL A 1 23  ? -7.602  1.916   11.937  1.00 17.05 ? 279 VAL A CB  1 
ATOM   209  C  CG1 . VAL A 1 23  ? -7.507  3.420   12.098  1.00 18.24 ? 279 VAL A CG1 1 
ATOM   210  C  CG2 . VAL A 1 23  ? -8.643  1.555   10.880  1.00 17.45 ? 279 VAL A CG2 1 
ATOM   211  N  N   . VAL A 1 24  ? -4.153  2.392   12.318  1.00 15.47 ? 280 VAL A N   1 
ATOM   212  C  CA  . VAL A 1 24  ? -3.190  2.871   13.290  1.00 16.66 ? 280 VAL A CA  1 
ATOM   213  C  C   . VAL A 1 24  ? -3.619  4.222   13.819  1.00 18.00 ? 280 VAL A C   1 
ATOM   214  O  O   . VAL A 1 24  ? -3.602  4.449   15.023  1.00 17.90 ? 280 VAL A O   1 
ATOM   215  C  CB  . VAL A 1 24  ? -1.779  2.978   12.671  1.00 16.03 ? 280 VAL A CB  1 
ATOM   216  C  CG1 . VAL A 1 24  ? -0.775  3.456   13.715  1.00 16.24 ? 280 VAL A CG1 1 
ATOM   217  C  CG2 . VAL A 1 24  ? -1.394  1.629   12.092  1.00 15.69 ? 280 VAL A CG2 1 
ATOM   218  N  N   . GLU A 1 25  ? -3.953  5.134   12.900  1.00 18.59 ? 281 GLU A N   1 
ATOM   219  C  CA  . GLU A 1 25  ? -4.396  6.478   13.260  1.00 20.37 ? 281 GLU A CA  1 
ATOM   220  C  C   . GLU A 1 25  ? -5.534  6.875   12.338  1.00 21.19 ? 281 GLU A C   1 
ATOM   221  O  O   . GLU A 1 25  ? -5.483  6.629   11.131  1.00 19.54 ? 281 GLU A O   1 
ATOM   222  C  CB  . GLU A 1 25  ? -3.272  7.485   13.104  1.00 23.55 ? 281 GLU A CB  1 
ATOM   223  C  CG  . GLU A 1 25  ? -2.091  7.273   14.026  1.00 27.99 ? 281 GLU A CG  1 
ATOM   224  C  CD  . GLU A 1 25  ? -1.228  8.511   14.194  1.00 33.33 ? 281 GLU A CD  1 
ATOM   225  O  OE1 . GLU A 1 25  ? -1.334  9.471   13.384  1.00 38.25 ? 281 GLU A OE1 1 
ATOM   226  O  OE2 . GLU A 1 25  ? -0.430  8.519   15.156  1.00 39.36 ? 281 GLU A OE2 1 
ATOM   227  N  N   . ASP A 1 26  ? -6.568  7.469   12.926  1.00 21.85 ? 282 ASP A N   1 
ATOM   228  C  CA  . ASP A 1 26  ? -7.590  8.162   12.154  1.00 24.69 ? 282 ASP A CA  1 
ATOM   229  C  C   . ASP A 1 26  ? -7.050  9.402   11.459  1.00 22.34 ? 282 ASP A C   1 
ATOM   230  O  O   . ASP A 1 26  ? -6.035  9.972   11.849  1.00 21.44 ? 282 ASP A O   1 
ATOM   231  C  CB  . ASP A 1 26  ? -8.747  8.580   13.066  1.00 27.40 ? 282 ASP A CB  1 
ATOM   232  C  CG  . ASP A 1 26  ? -9.463  7.396   13.667  1.00 31.87 ? 282 ASP A CG  1 
ATOM   233  O  OD1 . ASP A 1 26  ? -9.699  6.402   12.936  1.00 33.41 ? 282 ASP A OD1 1 
ATOM   234  O  OD2 . ASP A 1 26  ? -9.790  7.467   14.876  1.00 37.45 ? 282 ASP A OD2 1 
ATOM   235  N  N   . TYR A 1 27  ? -7.772  9.818   10.416  1.00 22.71 ? 283 TYR A N   1 
ATOM   236  C  CA  . TYR A 1 27  ? -7.406  10.988  9.623   1.00 23.74 ? 283 TYR A CA  1 
ATOM   237  C  C   . TYR A 1 27  ? -7.167  12.203  10.515  1.00 25.96 ? 283 TYR A C   1 
ATOM   238  O  O   . TYR A 1 27  ? -8.016  12.534  11.362  1.00 28.71 ? 283 TYR A O   1 
ATOM   239  C  CB  . TYR A 1 27  ? -8.519  11.282  8.618   1.00 23.53 ? 283 TYR A CB  1 
ATOM   240  C  CG  . TYR A 1 27  ? -8.322  12.516  7.778   1.00 24.62 ? 283 TYR A CG  1 
ATOM   241  C  CD1 . TYR A 1 27  ? -7.173  12.681  7.020   1.00 24.64 ? 283 TYR A CD1 1 
ATOM   242  C  CD2 . TYR A 1 27  ? -9.295  13.522  7.725   1.00 25.77 ? 283 TYR A CD2 1 
ATOM   243  C  CE1 . TYR A 1 27  ? -6.978  13.796  6.227   1.00 24.95 ? 283 TYR A CE1 1 
ATOM   244  C  CE2 . TYR A 1 27  ? -9.111  14.649  6.931   1.00 25.83 ? 283 TYR A CE2 1 
ATOM   245  C  CZ  . TYR A 1 27  ? -7.956  14.780  6.177   1.00 25.91 ? 283 TYR A CZ  1 
ATOM   246  O  OH  . TYR A 1 27  ? -7.718  15.890  5.392   1.00 26.82 ? 283 TYR A OH  1 
ATOM   247  N  N   . ARG A 1 28  ? -5.996  12.811  10.366  1.00 26.81 ? 284 ARG A N   1 
ATOM   248  C  CA  . ARG A 1 28  ? -5.692  14.109  10.939  1.00 28.85 ? 284 ARG A CA  1 
ATOM   249  C  C   . ARG A 1 28  ? -5.770  15.153  9.830   1.00 28.57 ? 284 ARG A C   1 
ATOM   250  O  O   . ARG A 1 28  ? -4.948  15.132  8.912   1.00 26.66 ? 284 ARG A O   1 
ATOM   251  C  CB  . ARG A 1 28  ? -4.276  14.135  11.473  1.00 32.07 ? 284 ARG A CB  1 
ATOM   252  C  CG  . ARG A 1 28  ? -3.933  13.160  12.572  1.00 35.88 ? 284 ARG A CG  1 
ATOM   253  C  CD  . ARG A 1 28  ? -2.539  13.540  13.049  1.00 40.02 ? 284 ARG A CD  1 
ATOM   254  N  NE  . ARG A 1 28  ? -2.145  12.894  14.296  1.00 43.93 ? 284 ARG A NE  1 
ATOM   255  C  CZ  . ARG A 1 28  ? -1.114  13.269  15.055  1.00 46.63 ? 284 ARG A CZ  1 
ATOM   256  N  NH1 . ARG A 1 28  ? -0.848  12.598  16.176  1.00 48.74 ? 284 ARG A NH1 1 
ATOM   257  N  NH2 . ARG A 1 28  ? -0.347  14.314  14.718  1.00 47.25 ? 284 ARG A NH2 1 
ATOM   258  N  N   . PRO A 1 29  ? -6.714  16.107  9.916   1.00 30.05 ? 285 PRO A N   1 
ATOM   259  C  CA  . PRO A 1 29  ? -6.801  17.075  8.801   1.00 31.04 ? 285 PRO A CA  1 
ATOM   260  C  C   . PRO A 1 29  ? -5.588  18.013  8.621   1.00 30.49 ? 285 PRO A C   1 
ATOM   261  O  O   . PRO A 1 29  ? -5.436  18.601  7.539   1.00 32.68 ? 285 PRO A O   1 
ATOM   262  C  CB  . PRO A 1 29  ? -8.092  17.852  9.091   1.00 31.21 ? 285 PRO A CB  1 
ATOM   263  C  CG  . PRO A 1 29  ? -8.418  17.608  10.521  1.00 32.21 ? 285 PRO A CG  1 
ATOM   264  C  CD  . PRO A 1 29  ? -7.608  16.444  11.038  1.00 31.43 ? 285 PRO A CD  1 
ATOM   265  N  N   . ASP A 1 30  ? -4.733  18.151  9.635   1.00 29.75 ? 286 ASP A N   1 
ATOM   266  C  CA  . ASP A 1 30  ? -3.484  18.923  9.490   1.00 31.88 ? 286 ASP A CA  1 
ATOM   267  C  C   . ASP A 1 30  ? -2.327  18.160  8.804   1.00 30.75 ? 286 ASP A C   1 
ATOM   268  O  O   . ASP A 1 30  ? -1.268  18.737  8.568   1.00 31.55 ? 286 ASP A O   1 
ATOM   269  C  CB  . ASP A 1 30  ? -3.017  19.518  10.837  1.00 35.99 ? 286 ASP A CB  1 
ATOM   270  C  CG  . ASP A 1 30  ? -2.595  18.464  11.857  1.00 38.19 ? 286 ASP A CG  1 
ATOM   271  O  OD1 . ASP A 1 30  ? -3.105  17.332  11.816  1.00 42.37 ? 286 ASP A OD1 1 
ATOM   272  O  OD2 . ASP A 1 30  ? -1.758  18.780  12.721  1.00 43.22 ? 286 ASP A OD2 1 
ATOM   273  N  N   . HIS A 1 31  ? -2.528  16.877  8.504   1.00 29.05 ? 287 HIS A N   1 
ATOM   274  C  CA  . HIS A 1 31  ? -1.521  16.072  7.803   1.00 28.52 ? 287 HIS A CA  1 
ATOM   275  C  C   . HIS A 1 31  ? -1.955  15.779  6.384   1.00 26.27 ? 287 HIS A C   1 
ATOM   276  O  O   . HIS A 1 31  ? -3.133  15.833  6.063   1.00 27.71 ? 287 HIS A O   1 
ATOM   277  C  CB  . HIS A 1 31  ? -1.253  14.772  8.577   1.00 28.36 ? 287 HIS A CB  1 
ATOM   278  C  CG  . HIS A 1 31  ? -0.401  14.966  9.794   1.00 30.17 ? 287 HIS A CG  1 
ATOM   279  N  ND1 . HIS A 1 31  ? 0.136   13.915  10.500  1.00 30.55 ? 287 HIS A ND1 1 
ATOM   280  C  CD2 . HIS A 1 31  ? 0.026   16.092  10.418  1.00 32.29 ? 287 HIS A CD2 1 
ATOM   281  C  CE1 . HIS A 1 31  ? 0.850   14.381  11.509  1.00 31.18 ? 287 HIS A CE1 1 
ATOM   282  N  NE2 . HIS A 1 31  ? 0.795   15.699  11.486  1.00 32.47 ? 287 HIS A NE2 1 
ATOM   283  N  N   . ILE A 1 32  ? -0.975  15.476  5.532   1.00 24.61 ? 288 ILE A N   1 
ATOM   284  C  CA  . ILE A 1 32  ? -1.220  15.091  4.154   1.00 23.53 ? 288 ILE A CA  1 
ATOM   285  C  C   . ILE A 1 32  ? -0.860  13.613  3.977   1.00 20.39 ? 288 ILE A C   1 
ATOM   286  O  O   . ILE A 1 32  ? 0.128   13.147  4.534   1.00 19.81 ? 288 ILE A O   1 
ATOM   287  C  CB  . ILE A 1 32  ? -0.384  15.919  3.166   1.00 26.59 ? 288 ILE A CB  1 
ATOM   288  C  CG1 . ILE A 1 32  ? -0.533  17.431  3.438   1.00 29.80 ? 288 ILE A CG1 1 
ATOM   289  C  CG2 . ILE A 1 32  ? -0.777  15.563  1.728   1.00 27.86 ? 288 ILE A CG2 1 
ATOM   290  C  CD1 . ILE A 1 32  ? -1.955  17.931  3.380   1.00 32.14 ? 288 ILE A CD1 1 
ATOM   291  N  N   . TYR A 1 33  ? -1.654  12.926  3.177   1.00 19.12 ? 289 TYR A N   1 
ATOM   292  C  CA  . TYR A 1 33  ? -1.602  11.473  3.017   1.00 18.32 ? 289 TYR A CA  1 
ATOM   293  C  C   . TYR A 1 33  ? -1.536  11.097  1.544   1.00 18.57 ? 289 TYR A C   1 
ATOM   294  O  O   . TYR A 1 33  ? -2.032  11.817  0.669   1.00 17.48 ? 289 TYR A O   1 
ATOM   295  C  CB  . TYR A 1 33  ? -2.847  10.822  3.638   1.00 18.19 ? 289 TYR A CB  1 
ATOM   296  C  CG  . TYR A 1 33  ? -3.014  11.069  5.119   1.00 18.51 ? 289 TYR A CG  1 
ATOM   297  C  CD1 . TYR A 1 33  ? -3.585  12.251  5.580   1.00 18.51 ? 289 TYR A CD1 1 
ATOM   298  C  CD2 . TYR A 1 33  ? -2.637  10.110  6.061   1.00 18.25 ? 289 TYR A CD2 1 
ATOM   299  C  CE1 . TYR A 1 33  ? -3.732  12.500  6.931   1.00 18.69 ? 289 TYR A CE1 1 
ATOM   300  C  CE2 . TYR A 1 33  ? -2.805  10.338  7.418   1.00 18.98 ? 289 TYR A CE2 1 
ATOM   301  C  CZ  . TYR A 1 33  ? -3.365  11.540  7.845   1.00 18.61 ? 289 TYR A CZ  1 
ATOM   302  O  OH  . TYR A 1 33  ? -3.545  11.775  9.172   1.00 19.98 ? 289 TYR A OH  1 
ATOM   303  N  N   . CYS A 1 34  ? -0.931  9.947   1.260   1.00 16.32 ? 290 CYS A N   1 
ATOM   304  C  CA  . CYS A 1 34  ? -1.120  9.288   -0.015  1.00 15.90 ? 290 CYS A CA  1 
ATOM   305  C  C   . CYS A 1 34  ? -1.444  7.818   0.236   1.00 15.76 ? 290 CYS A C   1 
ATOM   306  O  O   . CYS A 1 34  ? -1.302  7.321   1.379   1.00 15.58 ? 290 CYS A O   1 
ATOM   307  C  CB  . CYS A 1 34  ? 0.101   9.456   -0.905  1.00 16.06 ? 290 CYS A CB  1 
ATOM   308  S  SG  . CYS A 1 34  ? 1.545   8.525   -0.326  1.00 17.47 ? 290 CYS A SG  1 
ATOM   309  N  N   . ILE A 1 35  ? -1.890  7.149   -0.809  1.00 14.01 ? 291 ILE A N   1 
ATOM   310  C  CA  . ILE A 1 35  ? -2.257  5.749   -0.767  1.00 14.63 ? 291 ILE A CA  1 
ATOM   311  C  C   . ILE A 1 35  ? -1.513  4.990   -1.857  1.00 15.30 ? 291 ILE A C   1 
ATOM   312  O  O   . ILE A 1 35  ? -1.558  5.388   -3.038  1.00 16.87 ? 291 ILE A O   1 
ATOM   313  C  CB  . ILE A 1 35  ? -3.785  5.548   -0.968  1.00 14.51 ? 291 ILE A CB  1 
ATOM   314  C  CG1 . ILE A 1 35  ? -4.521  6.242   0.167   1.00 14.98 ? 291 ILE A CG1 1 
ATOM   315  C  CG2 . ILE A 1 35  ? -4.148  4.067   -1.088  1.00 16.05 ? 291 ILE A CG2 1 
ATOM   316  C  CD1 . ILE A 1 35  ? -6.020  6.266   0.017   1.00 15.53 ? 291 ILE A CD1 1 
ATOM   317  N  N   . GLY A 1 36  ? -0.861  3.894   -1.489  1.00 13.35 ? 292 GLY A N   1 
ATOM   318  C  CA  . GLY A 1 36  ? -0.344  2.954   -2.490  1.00 13.81 ? 292 GLY A CA  1 
ATOM   319  C  C   . GLY A 1 36  ? -1.370  1.890   -2.749  1.00 14.58 ? 292 GLY A C   1 
ATOM   320  O  O   . GLY A 1 36  ? -1.845  1.266   -1.796  1.00 14.66 ? 292 GLY A O   1 
ATOM   321  N  N   . ALA A 1 37  ? -1.741  1.670   -4.008  1.00 14.57 ? 293 ALA A N   1 
ATOM   322  C  CA  . ALA A 1 37  ? -2.773  0.676   -4.357  1.00 16.48 ? 293 ALA A CA  1 
ATOM   323  C  C   . ALA A 1 37  ? -2.331  -0.395  -5.354  1.00 17.17 ? 293 ALA A C   1 
ATOM   324  O  O   . ALA A 1 37  ? -1.917  -0.079  -6.475  1.00 16.38 ? 293 ALA A O   1 
ATOM   325  C  CB  . ALA A 1 37  ? -4.007  1.385   -4.889  1.00 16.44 ? 293 ALA A CB  1 
ATOM   326  N  N   A ASP A 1 38  ? -2.416  -1.652  -4.912  0.60 18.82 ? 294 ASP A N   1 
ATOM   327  N  N   B ASP A 1 38  ? -2.423  -1.661  -4.978  0.40 18.24 ? 294 ASP A N   1 
ATOM   328  C  CA  A ASP A 1 38  ? -2.223  -2.860  -5.716  0.60 20.10 ? 294 ASP A CA  1 
ATOM   329  C  CA  B ASP A 1 38  ? -2.343  -2.710  -5.977  0.40 19.23 ? 294 ASP A CA  1 
ATOM   330  C  C   A ASP A 1 38  ? -3.624  -3.491  -5.901  0.60 21.15 ? 294 ASP A C   1 
ATOM   331  C  C   B ASP A 1 38  ? -3.539  -3.620  -5.886  0.40 20.21 ? 294 ASP A C   1 
ATOM   332  O  O   A ASP A 1 38  ? -4.476  -3.340  -5.000  0.60 21.15 ? 294 ASP A O   1 
ATOM   333  O  O   B ASP A 1 38  ? -4.086  -3.875  -4.806  0.40 19.54 ? 294 ASP A O   1 
ATOM   334  C  CB  A ASP A 1 38  ? -1.274  -3.792  -4.949  0.60 20.48 ? 294 ASP A CB  1 
ATOM   335  C  CB  B ASP A 1 38  ? -1.061  -3.502  -5.874  0.40 19.12 ? 294 ASP A CB  1 
ATOM   336  C  CG  A ASP A 1 38  ? -0.785  -4.961  -5.770  0.60 21.32 ? 294 ASP A CG  1 
ATOM   337  C  CG  B ASP A 1 38  ? -0.970  -4.273  -4.613  0.40 19.30 ? 294 ASP A CG  1 
ATOM   338  O  OD1 A ASP A 1 38  ? -0.149  -4.740  -6.824  0.60 23.45 ? 294 ASP A OD1 1 
ATOM   339  O  OD1 B ASP A 1 38  ? -2.013  -4.747  -4.102  0.40 19.60 ? 294 ASP A OD1 1 
ATOM   340  O  OD2 A ASP A 1 38  ? -1.007  -6.115  -5.357  0.60 22.16 ? 294 ASP A OD2 1 
ATOM   341  O  OD2 B ASP A 1 38  ? 0.160   -4.397  -4.133  0.40 20.86 ? 294 ASP A OD2 1 
ATOM   342  N  N   . PHE A 1 39  ? -3.885  -4.132  -7.055  1.00 21.73 ? 295 PHE A N   1 
ATOM   343  C  CA  . PHE A 1 39  ? -5.198  -4.748  -7.353  1.00 22.97 ? 295 PHE A CA  1 
ATOM   344  C  C   . PHE A 1 39  ? -5.014  -6.217  -7.658  1.00 26.80 ? 295 PHE A C   1 
ATOM   345  O  O   . PHE A 1 39  ? -4.044  -6.594  -8.324  1.00 28.23 ? 295 PHE A O   1 
ATOM   346  C  CB  . PHE A 1 39  ? -5.845  -4.066  -8.554  1.00 23.56 ? 295 PHE A CB  1 
ATOM   347  C  CG  . PHE A 1 39  ? -6.033  -2.591  -8.375  1.00 23.02 ? 295 PHE A CG  1 
ATOM   348  C  CD1 . PHE A 1 39  ? -7.086  -2.103  -7.620  1.00 23.84 ? 295 PHE A CD1 1 
ATOM   349  C  CD2 . PHE A 1 39  ? -5.147  -1.691  -8.931  1.00 24.03 ? 295 PHE A CD2 1 
ATOM   350  C  CE1 . PHE A 1 39  ? -7.256  -0.735  -7.432  1.00 23.13 ? 295 PHE A CE1 1 
ATOM   351  C  CE2 . PHE A 1 39  ? -5.297  -0.324  -8.737  1.00 23.43 ? 295 PHE A CE2 1 
ATOM   352  C  CZ  . PHE A 1 39  ? -6.355  0.156   -7.990  1.00 22.98 ? 295 PHE A CZ  1 
ATOM   353  N  N   . GLY A 1 40  ? -5.954  -7.038  -7.187  1.00 28.31 ? 296 GLY A N   1 
ATOM   354  C  CA  . GLY A 1 40  ? -5.911  -8.487  -7.402  1.00 30.55 ? 296 GLY A CA  1 
ATOM   355  C  C   . GLY A 1 40  ? -6.906  -8.927  -8.473  1.00 33.17 ? 296 GLY A C   1 
ATOM   356  O  O   . GLY A 1 40  ? -7.976  -8.327  -8.602  1.00 35.31 ? 296 GLY A O   1 
ATOM   357  N  N   . ASN A 1 42  ? -8.707  -12.164 -8.133  1.00 41.48 ? 298 ASN A N   1 
ATOM   358  C  CA  . ASN A 1 42  ? -9.989  -12.772 -7.779  1.00 37.91 ? 298 ASN A CA  1 
ATOM   359  C  C   . ASN A 1 42  ? -9.897  -13.318 -6.354  1.00 39.63 ? 298 ASN A C   1 
ATOM   360  O  O   . ASN A 1 42  ? -10.376 -12.676 -5.407  1.00 40.64 ? 298 ASN A O   1 
ATOM   361  C  CB  . ASN A 1 42  ? -10.354 -13.867 -8.785  1.00 39.66 ? 298 ASN A CB  1 
ATOM   362  N  N   . GLN A 1 43  ? -9.267  -14.485 -6.197  1.00 36.66 ? 299 GLN A N   1 
ATOM   363  C  CA  . GLN A 1 43  ? -8.796  -14.932 -4.892  1.00 38.45 ? 299 GLN A CA  1 
ATOM   364  C  C   . GLN A 1 43  ? -7.459  -14.249 -4.534  1.00 33.21 ? 299 GLN A C   1 
ATOM   365  O  O   . GLN A 1 43  ? -6.992  -14.381 -3.403  1.00 35.51 ? 299 GLN A O   1 
ATOM   366  C  CB  . GLN A 1 43  ? -8.676  -16.461 -4.839  1.00 40.42 ? 299 GLN A CB  1 
ATOM   367  C  CG  . GLN A 1 43  ? -10.028 -17.176 -4.833  1.00 42.36 ? 299 GLN A CG  1 
ATOM   368  C  CD  . GLN A 1 43  ? -10.758 -17.070 -3.501  1.00 45.37 ? 299 GLN A CD  1 
ATOM   369  O  OE1 . GLN A 1 43  ? -11.903 -16.607 -3.445  1.00 47.44 ? 299 GLN A OE1 1 
ATOM   370  N  NE2 . GLN A 1 43  ? -10.099 -17.494 -2.421  1.00 44.55 ? 299 GLN A NE2 1 
ATOM   371  N  N   . ASP A 1 44  ? -6.841  -13.552 -5.496  1.00 31.35 ? 300 ASP A N   1 
ATOM   372  C  CA  . ASP A 1 44  ? -5.666  -12.715 -5.199  1.00 27.78 ? 300 ASP A CA  1 
ATOM   373  C  C   . ASP A 1 44  ? -6.122  -11.439 -4.493  1.00 26.57 ? 300 ASP A C   1 
ATOM   374  O  O   . ASP A 1 44  ? -7.269  -10.992 -4.655  1.00 26.32 ? 300 ASP A O   1 
ATOM   375  C  CB  . ASP A 1 44  ? -4.862  -12.365 -6.467  1.00 27.12 ? 300 ASP A CB  1 
ATOM   376  C  CG  . ASP A 1 44  ? -3.410  -11.993 -6.161  1.00 26.64 ? 300 ASP A CG  1 
ATOM   377  O  OD1 . ASP A 1 44  ? -2.991  -12.219 -5.011  1.00 23.86 ? 300 ASP A OD1 1 
ATOM   378  O  OD2 . ASP A 1 44  ? -2.688  -11.503 -7.059  1.00 27.43 ? 300 ASP A OD2 1 
ATOM   379  N  N   . TYR A 1 45  ? -5.204  -10.848 -3.728  1.00 25.11 ? 301 TYR A N   1 
ATOM   380  C  CA  . TYR A 1 45  ? -5.535  -9.725  -2.851  1.00 24.11 ? 301 TYR A CA  1 
ATOM   381  C  C   . TYR A 1 45  ? -5.280  -8.378  -3.473  1.00 23.35 ? 301 TYR A C   1 
ATOM   382  O  O   . TYR A 1 45  ? -4.283  -8.171  -4.183  1.00 22.68 ? 301 TYR A O   1 
ATOM   383  C  CB  . TYR A 1 45  ? -4.731  -9.816  -1.561  1.00 25.57 ? 301 TYR A CB  1 
ATOM   384  C  CG  . TYR A 1 45  ? -5.155  -10.970 -0.710  1.00 27.05 ? 301 TYR A CG  1 
ATOM   385  C  CD1 . TYR A 1 45  ? -4.647  -12.254 -0.937  1.00 29.53 ? 301 TYR A CD1 1 
ATOM   386  C  CD2 . TYR A 1 45  ? -6.083  -10.796 0.314   1.00 28.19 ? 301 TYR A CD2 1 
ATOM   387  C  CE1 . TYR A 1 45  ? -5.053  -13.328 -0.152  1.00 31.13 ? 301 TYR A CE1 1 
ATOM   388  C  CE2 . TYR A 1 45  ? -6.495  -11.861 1.097   1.00 29.92 ? 301 TYR A CE2 1 
ATOM   389  C  CZ  . TYR A 1 45  ? -5.978  -13.121 0.860   1.00 31.26 ? 301 TYR A CZ  1 
ATOM   390  O  OH  . TYR A 1 45  ? -6.379  -14.181 1.635   1.00 36.31 ? 301 TYR A OH  1 
ATOM   391  N  N   . SER A 1 46  ? -6.182  -7.457  -3.171  1.00 21.14 ? 302 SER A N   1 
ATOM   392  C  CA  . SER A 1 46  ? -5.949  -6.047  -3.374  1.00 20.46 ? 302 SER A CA  1 
ATOM   393  C  C   . SER A 1 46  ? -5.526  -5.433  -2.045  1.00 19.47 ? 302 SER A C   1 
ATOM   394  O  O   . SER A 1 46  ? -6.052  -5.801  -0.981  1.00 20.16 ? 302 SER A O   1 
ATOM   395  C  CB  . SER A 1 46  ? -7.195  -5.373  -3.879  1.00 21.51 ? 302 SER A CB  1 
ATOM   396  O  OG  . SER A 1 46  ? -7.612  -6.012  -5.067  1.00 24.82 ? 302 SER A OG  1 
ATOM   397  N  N   . VAL A 1 47  ? -4.573  -4.499  -2.098  1.00 16.05 ? 303 VAL A N   1 
ATOM   398  C  CA  . VAL A 1 47  ? -4.082  -3.869  -0.869  1.00 15.67 ? 303 VAL A CA  1 
ATOM   399  C  C   . VAL A 1 47  ? -3.902  -2.375  -1.070  1.00 14.61 ? 303 VAL A C   1 
ATOM   400  O  O   . VAL A 1 47  ? -3.237  -1.937  -2.019  1.00 14.23 ? 303 VAL A O   1 
ATOM   401  C  CB  . VAL A 1 47  ? -2.744  -4.476  -0.415  1.00 15.43 ? 303 VAL A CB  1 
ATOM   402  C  CG1 . VAL A 1 47  ? -2.271  -3.817  0.875   1.00 15.94 ? 303 VAL A CG1 1 
ATOM   403  C  CG2 . VAL A 1 47  ? -2.835  -6.004  -0.287  1.00 15.86 ? 303 VAL A CG2 1 
ATOM   404  N  N   . PHE A 1 48  ? -4.441  -1.587  -0.152  1.00 14.34 ? 304 PHE A N   1 
ATOM   405  C  CA  . PHE A 1 48  ? -4.361  -0.143  -0.188  1.00 14.48 ? 304 PHE A CA  1 
ATOM   406  C  C   . PHE A 1 48  ? -3.666  0.342   1.099   1.00 15.10 ? 304 PHE A C   1 
ATOM   407  O  O   . PHE A 1 48  ? -4.165  0.110   2.192   1.00 16.64 ? 304 PHE A O   1 
ATOM   408  C  CB  . PHE A 1 48  ? -5.757  0.499   -0.296  1.00 16.10 ? 304 PHE A CB  1 
ATOM   409  C  CG  . PHE A 1 48  ? -6.666  -0.129  -1.316  1.00 17.17 ? 304 PHE A CG  1 
ATOM   410  C  CD1 . PHE A 1 48  ? -6.192  -0.565  -2.559  1.00 18.54 ? 304 PHE A CD1 1 
ATOM   411  C  CD2 . PHE A 1 48  ? -8.036  -0.271  -1.040  1.00 18.53 ? 304 PHE A CD2 1 
ATOM   412  C  CE1 . PHE A 1 48  ? -7.033  -1.139  -3.499  1.00 18.99 ? 304 PHE A CE1 1 
ATOM   413  C  CE2 . PHE A 1 48  ? -8.880  -0.857  -1.982  1.00 19.36 ? 304 PHE A CE2 1 
ATOM   414  C  CZ  . PHE A 1 48  ? -8.387  -1.291  -3.204  1.00 19.57 ? 304 PHE A CZ  1 
ATOM   415  N  N   . SER A 1 49  ? -2.518  1.015   0.977   1.00 14.07 ? 305 SER A N   1 
ATOM   416  C  CA  . SER A 1 49  ? -1.738  1.460   2.139   1.00 13.62 ? 305 SER A CA  1 
ATOM   417  C  C   . SER A 1 49  ? -1.759  2.954   2.236   1.00 13.95 ? 305 SER A C   1 
ATOM   418  O  O   . SER A 1 49  ? -1.250  3.633   1.329   1.00 14.30 ? 305 SER A O   1 
ATOM   419  C  CB  . SER A 1 49  ? -0.270  1.033   2.017   1.00 14.16 ? 305 SER A CB  1 
ATOM   420  O  OG  . SER A 1 49  ? -0.159  -0.362  2.012   1.00 15.78 ? 305 SER A OG  1 
ATOM   421  N  N   . VAL A 1 50  ? -2.273  3.487   3.341   1.00 13.09 ? 306 VAL A N   1 
ATOM   422  C  CA  . VAL A 1 50  ? -2.345  4.911   3.576   1.00 12.88 ? 306 VAL A CA  1 
ATOM   423  C  C   . VAL A 1 50  ? -1.137  5.364   4.364   1.00 13.21 ? 306 VAL A C   1 
ATOM   424  O  O   . VAL A 1 50  ? -0.958  4.959   5.502   1.00 13.24 ? 306 VAL A O   1 
ATOM   425  C  CB  . VAL A 1 50  ? -3.615  5.325   4.363   1.00 13.83 ? 306 VAL A CB  1 
ATOM   426  C  CG1 . VAL A 1 50  ? -3.714  6.847   4.426   1.00 14.12 ? 306 VAL A CG1 1 
ATOM   427  C  CG2 . VAL A 1 50  ? -4.845  4.708   3.737   1.00 14.38 ? 306 VAL A CG2 1 
ATOM   428  N  N   . LEU A 1 51  ? -0.321  6.223   3.754   1.00 13.15 ? 307 LEU A N   1 
ATOM   429  C  CA  . LEU A 1 51  ? 0.885   6.763   4.345   1.00 12.90 ? 307 LEU A CA  1 
ATOM   430  C  C   . LEU A 1 51  ? 0.692   8.217   4.735   1.00 14.03 ? 307 LEU A C   1 
ATOM   431  O  O   . LEU A 1 51  ? 0.286   9.045   3.897   1.00 13.38 ? 307 LEU A O   1 
ATOM   432  C  CB  . LEU A 1 51  ? 2.060   6.663   3.348   1.00 13.80 ? 307 LEU A CB  1 
ATOM   433  C  CG  . LEU A 1 51  ? 3.398   7.244   3.788   1.00 13.87 ? 307 LEU A CG  1 
ATOM   434  C  CD1 . LEU A 1 51  ? 3.920   6.630   5.082   1.00 14.37 ? 307 LEU A CD1 1 
ATOM   435  C  CD2 . LEU A 1 51  ? 4.420   7.062   2.675   1.00 14.88 ? 307 LEU A CD2 1 
ATOM   436  N  N   . ASP A 1 52  ? 1.004   8.523   5.979   1.00 14.65 ? 308 ASP A N   1 
ATOM   437  C  CA  . ASP A 1 52  ? 1.057   9.881   6.462   1.00 16.32 ? 308 ASP A CA  1 
ATOM   438  C  C   . ASP A 1 52  ? 2.402   10.457  6.030   1.00 17.01 ? 308 ASP A C   1 
ATOM   439  O  O   . ASP A 1 52  ? 3.463   10.066  6.535   1.00 17.38 ? 308 ASP A O   1 
ATOM   440  C  CB  . ASP A 1 52  ? 0.853   9.884   7.982   1.00 17.86 ? 308 ASP A CB  1 
ATOM   441  C  CG  . ASP A 1 52  ? 0.855   11.265  8.593   1.00 19.51 ? 308 ASP A CG  1 
ATOM   442  O  OD1 . ASP A 1 52  ? 1.496   12.200  8.072   1.00 21.23 ? 308 ASP A OD1 1 
ATOM   443  O  OD2 . ASP A 1 52  ? 0.210   11.388  9.667   1.00 22.64 ? 308 ASP A OD2 1 
ATOM   444  N  N   . LEU A 1 53  ? 2.356   11.390  5.087   1.00 18.05 ? 309 LEU A N   1 
ATOM   445  C  CA  . LEU A 1 53  ? 3.579   11.933  4.518   1.00 20.25 ? 309 LEU A CA  1 
ATOM   446  C  C   . LEU A 1 53  ? 4.330   12.867  5.462   1.00 22.12 ? 309 LEU A C   1 
ATOM   447  O  O   . LEU A 1 53  ? 5.509   13.130  5.252   1.00 23.35 ? 309 LEU A O   1 
ATOM   448  C  CB  . LEU A 1 53  ? 3.298   12.604  3.171   1.00 21.44 ? 309 LEU A CB  1 
ATOM   449  C  CG  . LEU A 1 53  ? 2.901   11.626  2.056   1.00 22.41 ? 309 LEU A CG  1 
ATOM   450  C  CD1 . LEU A 1 53  ? 2.301   12.382  0.868   1.00 24.25 ? 309 LEU A CD1 1 
ATOM   451  C  CD2 . LEU A 1 53  ? 4.063   10.716  1.627   1.00 23.23 ? 309 LEU A CD2 1 
ATOM   452  N  N   . ASP A 1 54  ? 3.657   13.339  6.506   1.00 22.67 ? 310 ASP A N   1 
ATOM   453  C  CA  . ASP A 1 54  ? 4.285   14.156  7.529   1.00 25.03 ? 310 ASP A CA  1 
ATOM   454  C  C   . ASP A 1 54  ? 5.056   13.330  8.547   1.00 25.99 ? 310 ASP A C   1 
ATOM   455  O  O   . ASP A 1 54  ? 6.112   13.766  8.996   1.00 28.35 ? 310 ASP A O   1 
ATOM   456  C  CB  . ASP A 1 54  ? 3.234   15.068  8.176   1.00 27.20 ? 310 ASP A CB  1 
ATOM   457  C  CG  . ASP A 1 54  ? 2.665   16.056  7.173   1.00 29.26 ? 310 ASP A CG  1 
ATOM   458  O  OD1 . ASP A 1 54  ? 3.409   16.969  6.772   1.00 36.48 ? 310 ASP A OD1 1 
ATOM   459  O  OD2 . ASP A 1 54  ? 1.522   15.886  6.720   1.00 31.02 ? 310 ASP A OD2 1 
ATOM   460  N  N   . THR A 1 55  ? 4.576   12.130  8.882   1.00 23.88 ? 311 THR A N   1 
ATOM   461  C  CA  . THR A 1 55  ? 5.263   11.282  9.866   1.00 22.58 ? 311 THR A CA  1 
ATOM   462  C  C   . THR A 1 55  ? 6.110   10.167  9.260   1.00 21.39 ? 311 THR A C   1 
ATOM   463  O  O   . THR A 1 55  ? 6.977   9.625   9.947   1.00 21.54 ? 311 THR A O   1 
ATOM   464  C  CB  . THR A 1 55  ? 4.279   10.591  10.829  1.00 22.76 ? 311 THR A CB  1 
ATOM   465  O  OG1 . THR A 1 55  ? 3.410   9.709   10.102  1.00 22.52 ? 311 THR A OG1 1 
ATOM   466  C  CG2 . THR A 1 55  ? 3.460   11.590  11.610  1.00 24.43 ? 311 THR A CG2 1 
ATOM   467  N  N   . GLY A 1 56  ? 5.835   9.798   8.010   1.00 18.70 ? 312 GLY A N   1 
ATOM   468  C  CA  . GLY A 1 56  ? 6.421   8.603   7.405   1.00 17.79 ? 312 GLY A CA  1 
ATOM   469  C  C   . GLY A 1 56  ? 5.888   7.275   7.916   1.00 16.31 ? 312 GLY A C   1 
ATOM   470  O  O   . GLY A 1 56  ? 6.497   6.241   7.654   1.00 15.79 ? 312 GLY A O   1 
ATOM   471  N  N   . ALA A 1 57  ? 4.756   7.268   8.633   1.00 15.20 ? 313 ALA A N   1 
ATOM   472  C  CA  . ALA A 1 57  ? 4.165   6.039   9.158   1.00 14.89 ? 313 ALA A CA  1 
ATOM   473  C  C   . ALA A 1 57  ? 2.849   5.724   8.460   1.00 13.42 ? 313 ALA A C   1 
ATOM   474  O  O   . ALA A 1 57  ? 2.072   6.629   8.105   1.00 13.70 ? 313 ALA A O   1 
ATOM   475  C  CB  . ALA A 1 57  ? 3.932   6.184   10.642  1.00 15.59 ? 313 ALA A CB  1 
ATOM   476  N  N   . ILE A 1 58  ? 2.585   4.440   8.254   1.00 12.26 ? 314 ILE A N   1 
ATOM   477  C  CA  . ILE A 1 58  ? 1.309   3.976   7.717   1.00 12.64 ? 314 ILE A CA  1 
ATOM   478  C  C   . ILE A 1 58  ? 0.243   4.279   8.752   1.00 13.42 ? 314 ILE A C   1 
ATOM   479  O  O   . ILE A 1 58  ? 0.411   3.978   9.944   1.00 13.98 ? 314 ILE A O   1 
ATOM   480  C  CB  . ILE A 1 58  ? 1.360   2.470   7.382   1.00 12.85 ? 314 ILE A CB  1 
ATOM   481  C  CG1 . ILE A 1 58  ? 2.352   2.222   6.229   1.00 12.81 ? 314 ILE A CG1 1 
ATOM   482  C  CG2 . ILE A 1 58  ? -0.007  1.902   7.057   1.00 12.96 ? 314 ILE A CG2 1 
ATOM   483  C  CD1 . ILE A 1 58  ? 2.023   2.913   4.925   1.00 13.16 ? 314 ILE A CD1 1 
ATOM   484  N  N   . ALA A 1 59  ? -0.818  4.941   8.291   1.00 13.56 ? 315 ALA A N   1 
ATOM   485  C  CA  . ALA A 1 59  ? -1.960  5.273   9.135   1.00 14.41 ? 315 ALA A CA  1 
ATOM   486  C  C   . ALA A 1 59  ? -3.052  4.228   9.071   1.00 14.61 ? 315 ALA A C   1 
ATOM   487  O  O   . ALA A 1 59  ? -3.816  4.057   10.041  1.00 14.65 ? 315 ALA A O   1 
ATOM   488  C  CB  . ALA A 1 59  ? -2.501  6.628   8.739   1.00 14.61 ? 315 ALA A CB  1 
ATOM   489  N  N   . CYS A 1 60  ? -3.160  3.542   7.942   1.00 13.85 ? 316 CYS A N   1 
ATOM   490  C  CA  . CYS A 1 60  ? -4.195  2.549   7.709   1.00 15.09 ? 316 CYS A CA  1 
ATOM   491  C  C   . CYS A 1 60  ? -3.786  1.651   6.578   1.00 14.62 ? 316 CYS A C   1 
ATOM   492  O  O   . CYS A 1 60  ? -3.183  2.120   5.627   1.00 14.44 ? 316 CYS A O   1 
ATOM   493  C  CB  . CYS A 1 60  ? -5.490  3.257   7.342   1.00 15.27 ? 316 CYS A CB  1 
ATOM   494  S  SG  . CYS A 1 60  ? -6.927  2.192   7.157   1.00 19.28 ? 316 CYS A SG  1 
ATOM   495  N  N   . LEU A 1 61  ? -4.107  0.373   6.660   1.00 14.85 ? 317 LEU A N   1 
ATOM   496  C  CA  . LEU A 1 61  ? -3.833  -0.555  5.575   1.00 15.31 ? 317 LEU A CA  1 
ATOM   497  C  C   . LEU A 1 61  ? -5.074  -1.393  5.376   1.00 16.42 ? 317 LEU A C   1 
ATOM   498  O  O   . LEU A 1 61  ? -5.581  -1.982  6.342   1.00 18.03 ? 317 LEU A O   1 
ATOM   499  C  CB  . LEU A 1 61  ? -2.609  -1.410  5.875   1.00 16.20 ? 317 LEU A CB  1 
ATOM   500  C  CG  . LEU A 1 61  ? -2.113  -2.336  4.742   1.00 17.66 ? 317 LEU A CG  1 
ATOM   501  C  CD1 . LEU A 1 61  ? -0.591  -2.506  4.773   1.00 18.32 ? 317 LEU A CD1 1 
ATOM   502  C  CD2 . LEU A 1 61  ? -2.805  -3.685  4.779   1.00 18.21 ? 317 LEU A CD2 1 
ATOM   503  N  N   . GLU A 1 62  ? -5.564  -1.440  4.146   1.00 15.90 ? 318 GLU A N   1 
ATOM   504  C  CA  . GLU A 1 62  ? -6.767  -2.211  3.806   1.00 17.73 ? 318 GLU A CA  1 
ATOM   505  C  C   . GLU A 1 62  ? -6.417  -3.335  2.855   1.00 17.84 ? 318 GLU A C   1 
ATOM   506  O  O   . GLU A 1 62  ? -5.682  -3.138  1.887   1.00 17.32 ? 318 GLU A O   1 
ATOM   507  C  CB  . GLU A 1 62  ? -7.836  -1.302  3.217   1.00 19.09 ? 318 GLU A CB  1 
ATOM   508  C  CG  . GLU A 1 62  ? -9.144  -2.067  3.001   1.00 20.99 ? 318 GLU A CG  1 
ATOM   509  C  CD  . GLU A 1 62  ? -10.367 -1.212  2.766   1.00 24.35 ? 318 GLU A CD  1 
ATOM   510  O  OE1 . GLU A 1 62  ? -10.261 0.021   2.654   1.00 26.51 ? 318 GLU A OE1 1 
ATOM   511  O  OE2 . GLU A 1 62  ? -11.462 -1.818  2.691   1.00 26.84 ? 318 GLU A OE2 1 
ATOM   512  N  N   . ARG A 1 63  ? -6.912  -4.540  3.132   1.00 18.35 ? 319 ARG A N   1 
ATOM   513  C  CA  . ARG A 1 63  ? -6.572  -5.703  2.329   1.00 19.32 ? 319 ARG A CA  1 
ATOM   514  C  C   . ARG A 1 63  ? -7.804  -6.588  2.194   1.00 20.92 ? 319 ARG A C   1 
ATOM   515  O  O   . ARG A 1 63  ? -8.472  -6.838  3.185   1.00 20.01 ? 319 ARG A O   1 
ATOM   516  C  CB  . ARG A 1 63  ? -5.438  -6.489  2.975   1.00 20.85 ? 319 ARG A CB  1 
ATOM   517  C  CG  . ARG A 1 63  ? -5.074  -7.776  2.266   1.00 20.59 ? 319 ARG A CG  1 
ATOM   518  C  CD  . ARG A 1 63  ? -3.771  -8.306  2.829   1.00 22.55 ? 319 ARG A CD  1 
ATOM   519  N  NE  . ARG A 1 63  ? -3.296  -9.529  2.198   1.00 23.65 ? 319 ARG A NE  1 
ATOM   520  C  CZ  . ARG A 1 63  ? -3.527  -10.776 2.615   1.00 25.51 ? 319 ARG A CZ  1 
ATOM   521  N  NH1 . ARG A 1 63  ? -4.289  -11.037 3.675   1.00 26.98 ? 319 ARG A NH1 1 
ATOM   522  N  NH2 . ARG A 1 63  ? -2.986  -11.793 1.937   1.00 26.93 ? 319 ARG A NH2 1 
ATOM   523  N  N   . MET A 1 64  ? -8.091  -7.034  0.975   1.00 22.21 ? 320 MET A N   1 
ATOM   524  C  CA  . MET A 1 64  ? -9.249  -7.889  0.711   1.00 25.01 ? 320 MET A CA  1 
ATOM   525  C  C   . MET A 1 64  ? -9.035  -8.771  -0.502  1.00 25.16 ? 320 MET A C   1 
ATOM   526  O  O   . MET A 1 64  ? -8.322  -8.404  -1.431  1.00 23.67 ? 320 MET A O   1 
ATOM   527  C  CB  . MET A 1 64  ? -10.507 -7.038  0.509   1.00 28.41 ? 320 MET A CB  1 
ATOM   528  C  CG  . MET A 1 64  ? -10.468 -6.184  -0.749  1.00 31.07 ? 320 MET A CG  1 
ATOM   529  S  SD  . MET A 1 64  ? -11.608 -4.786  -0.727  1.00 38.33 ? 320 MET A SD  1 
ATOM   530  C  CE  . MET A 1 64  ? -10.673 -3.647  0.294   1.00 38.66 ? 320 MET A CE  1 
ATOM   531  N  N   . ASN A 1 65  ? -9.657  -9.942  -0.480  1.00 26.10 ? 321 ASN A N   1 
ATOM   532  C  CA  . ASN A 1 65  ? -9.809  -10.758 -1.686  1.00 27.91 ? 321 ASN A CA  1 
ATOM   533  C  C   . ASN A 1 65  ? -11.249 -11.218 -1.815  1.00 30.07 ? 321 ASN A C   1 
ATOM   534  O  O   . ASN A 1 65  ? -12.062 -11.020 -0.910  1.00 29.14 ? 321 ASN A O   1 
ATOM   535  C  CB  . ASN A 1 65  ? -8.851  -11.956 -1.704  1.00 29.68 ? 321 ASN A CB  1 
ATOM   536  C  CG  . ASN A 1 65  ? -9.209  -13.045 -0.696  1.00 31.35 ? 321 ASN A CG  1 
ATOM   537  O  OD1 . ASN A 1 65  ? -9.853  -12.801 0.327   1.00 31.37 ? 321 ASN A OD1 1 
ATOM   538  N  ND2 . ASN A 1 65  ? -8.740  -14.263 -0.973  1.00 32.19 ? 321 ASN A ND2 1 
ATOM   539  N  N   . GLY A 1 66  ? -11.562 -11.822 -2.953  1.00 32.93 ? 322 GLY A N   1 
ATOM   540  C  CA  . GLY A 1 66  ? -12.915 -12.313 -3.207  1.00 34.96 ? 322 GLY A CA  1 
ATOM   541  C  C   . GLY A 1 66  ? -13.974 -11.227 -3.304  1.00 36.99 ? 322 GLY A C   1 
ATOM   542  O  O   . GLY A 1 66  ? -15.166 -11.510 -3.157  1.00 41.56 ? 322 GLY A O   1 
ATOM   543  N  N   . ALA A 1 67  ? -13.547 -9.990  -3.554  1.00 39.48 ? 323 ALA A N   1 
ATOM   544  C  CA  . ALA A 1 67  ? -14.446 -8.866  -3.743  1.00 39.82 ? 323 ALA A CA  1 
ATOM   545  C  C   . ALA A 1 67  ? -14.480 -8.568  -5.229  1.00 40.49 ? 323 ALA A C   1 
ATOM   546  O  O   . ALA A 1 67  ? -13.472 -8.707  -5.924  1.00 38.53 ? 323 ALA A O   1 
ATOM   547  C  CB  . ALA A 1 67  ? -13.955 -7.651  -2.972  1.00 40.48 ? 323 ALA A CB  1 
ATOM   548  N  N   . THR A 1 68  ? -15.641 -8.141  -5.707  1.00 42.25 ? 324 THR A N   1 
ATOM   549  C  CA  . THR A 1 68  ? -15.822 -7.776  -7.111  1.00 42.16 ? 324 THR A CA  1 
ATOM   550  C  C   . THR A 1 68  ? -14.983 -6.543  -7.444  1.00 42.05 ? 324 THR A C   1 
ATOM   551  O  O   . THR A 1 68  ? -14.603 -5.785  -6.549  1.00 42.08 ? 324 THR A O   1 
ATOM   552  C  CB  . THR A 1 68  ? -17.298 -7.461  -7.412  1.00 42.48 ? 324 THR A CB  1 
ATOM   553  O  OG1 . THR A 1 68  ? -17.734 -6.406  -6.551  1.00 42.68 ? 324 THR A OG1 1 
ATOM   554  C  CG2 . THR A 1 68  ? -18.180 -8.692  -7.189  1.00 42.19 ? 324 THR A CG2 1 
ATOM   555  N  N   . TRP A 1 69  ? -14.705 -6.344  -8.729  1.00 41.96 ? 325 TRP A N   1 
ATOM   556  C  CA  . TRP A 1 69  ? -13.920 -5.199  -9.193  1.00 41.63 ? 325 TRP A CA  1 
ATOM   557  C  C   . TRP A 1 69  ? -14.505 -3.859  -8.746  1.00 41.96 ? 325 TRP A C   1 
ATOM   558  O  O   . TRP A 1 69  ? -13.770 -2.984  -8.288  1.00 39.85 ? 325 TRP A O   1 
ATOM   559  C  CB  . TRP A 1 69  ? -13.783 -5.215  -10.719 1.00 41.70 ? 325 TRP A CB  1 
ATOM   560  N  N   . SER A 1 70  ? -15.823 -3.703  -8.871  1.00 41.27 ? 326 SER A N   1 
ATOM   561  C  CA  . SER A 1 70  ? -16.479 -2.448  -8.497  1.00 41.56 ? 326 SER A CA  1 
ATOM   562  C  C   . SER A 1 70  ? -16.417 -2.173  -6.988  1.00 40.11 ? 326 SER A C   1 
ATOM   563  O  O   . SER A 1 70  ? -16.233 -1.026  -6.582  1.00 38.52 ? 326 SER A O   1 
ATOM   564  C  CB  . SER A 1 70  ? -17.937 -2.436  -8.976  1.00 43.48 ? 326 SER A CB  1 
ATOM   565  O  OG  . SER A 1 70  ? -18.522 -1.163  -8.764  1.00 44.48 ? 326 SER A OG  1 
ATOM   566  N  N   . ASP A 1 71  ? -16.574 -3.222  -6.176  1.00 39.35 ? 327 ASP A N   1 
ATOM   567  C  CA  . ASP A 1 71  ? -16.470 -3.119  -4.715  1.00 40.21 ? 327 ASP A CA  1 
ATOM   568  C  C   . ASP A 1 71  ? -15.063 -2.744  -4.265  1.00 37.45 ? 327 ASP A C   1 
ATOM   569  O  O   . ASP A 1 71  ? -14.915 -1.964  -3.328  1.00 36.65 ? 327 ASP A O   1 
ATOM   570  C  CB  . ASP A 1 71  ? -16.867 -4.432  -4.026  1.00 43.32 ? 327 ASP A CB  1 
ATOM   571  C  CG  . ASP A 1 71  ? -18.345 -4.743  -4.157  1.00 46.39 ? 327 ASP A CG  1 
ATOM   572  O  OD1 . ASP A 1 71  ? -19.098 -3.899  -4.707  1.00 49.83 ? 327 ASP A OD1 1 
ATOM   573  O  OD2 . ASP A 1 71  ? -18.744 -5.847  -3.719  1.00 46.99 ? 327 ASP A OD2 1 
ATOM   574  N  N   . GLN A 1 72  ? -14.050 -3.321  -4.915  1.00 34.65 ? 328 GLN A N   1 
ATOM   575  C  CA  . GLN A 1 72  ? -12.649 -2.937  -4.680  1.00 34.59 ? 328 GLN A CA  1 
ATOM   576  C  C   . GLN A 1 72  ? -12.435 -1.454  -4.930  1.00 32.12 ? 328 GLN A C   1 
ATOM   577  O  O   . GLN A 1 72  ? -11.869 -0.762  -4.089  1.00 29.96 ? 328 GLN A O   1 
ATOM   578  C  CB  . GLN A 1 72  ? -11.688 -3.710  -5.588  1.00 35.65 ? 328 GLN A CB  1 
ATOM   579  C  CG  . GLN A 1 72  ? -11.509 -5.170  -5.230  1.00 37.49 ? 328 GLN A CG  1 
ATOM   580  C  CD  . GLN A 1 72  ? -10.651 -5.898  -6.243  1.00 39.32 ? 328 GLN A CD  1 
ATOM   581  O  OE1 . GLN A 1 72  ? -9.657  -5.361  -6.730  1.00 41.41 ? 328 GLN A OE1 1 
ATOM   582  N  NE2 . GLN A 1 72  ? -11.028 -7.129  -6.562  1.00 41.39 ? 328 GLN A NE2 1 
ATOM   583  N  N   . VAL A 1 73  ? -12.897 -0.981  -6.085  1.00 31.41 ? 329 VAL A N   1 
ATOM   584  C  CA  . VAL A 1 73  ? -12.763 0.432   -6.469  1.00 31.32 ? 329 VAL A CA  1 
ATOM   585  C  C   . VAL A 1 73  ? -13.588 1.312   -5.518  1.00 30.52 ? 329 VAL A C   1 
ATOM   586  O  O   . VAL A 1 73  ? -13.145 2.402   -5.150  1.00 28.07 ? 329 VAL A O   1 
ATOM   587  C  CB  . VAL A 1 73  ? -13.163 0.683   -7.947  1.00 34.87 ? 329 VAL A CB  1 
ATOM   588  C  CG1 . VAL A 1 73  ? -13.090 2.167   -8.293  1.00 35.80 ? 329 VAL A CG1 1 
ATOM   589  C  CG2 . VAL A 1 73  ? -12.260 -0.089  -8.903  1.00 35.37 ? 329 VAL A CG2 1 
ATOM   590  N  N   . ALA A 1 74  ? -14.764 0.822   -5.104  1.00 29.41 ? 330 ALA A N   1 
ATOM   591  C  CA  . ALA A 1 74  ? -15.591 1.511   -4.104  1.00 29.97 ? 330 ALA A CA  1 
ATOM   592  C  C   . ALA A 1 74  ? -14.865 1.668   -2.767  1.00 28.09 ? 330 ALA A C   1 
ATOM   593  O  O   . ALA A 1 74  ? -14.950 2.734   -2.148  1.00 28.60 ? 330 ALA A O   1 
ATOM   594  C  CB  . ALA A 1 74  ? -16.920 0.787   -3.889  1.00 30.50 ? 330 ALA A CB  1 
ATOM   595  N  N   . ARG A 1 75  ? -14.156 0.620   -2.327  1.00 26.09 ? 331 ARG A N   1 
ATOM   596  C  CA  . ARG A 1 75  ? -13.396 0.677   -1.062  1.00 24.84 ? 331 ARG A CA  1 
ATOM   597  C  C   . ARG A 1 75  ? -12.229 1.660   -1.195  1.00 22.69 ? 331 ARG A C   1 
ATOM   598  O  O   . ARG A 1 75  ? -11.943 2.430   -0.266  1.00 21.41 ? 331 ARG A O   1 
ATOM   599  C  CB  . ARG A 1 75  ? -12.875 -0.708  -0.638  1.00 26.28 ? 331 ARG A CB  1 
ATOM   600  C  CG  . ARG A 1 75  ? -13.922 -1.688  -0.122  1.00 26.39 ? 331 ARG A CG  1 
ATOM   601  C  CD  . ARG A 1 75  ? -14.481 -1.273  1.239   1.00 28.67 ? 331 ARG A CD  1 
ATOM   602  N  NE  . ARG A 1 75  ? -15.689 -0.460  1.091   1.00 29.49 ? 331 ARG A NE  1 
ATOM   603  C  CZ  . ARG A 1 75  ? -16.051 0.575   1.859   1.00 30.76 ? 331 ARG A CZ  1 
ATOM   604  N  NH1 . ARG A 1 75  ? -17.189 1.209   1.583   1.00 33.21 ? 331 ARG A NH1 1 
ATOM   605  N  NH2 . ARG A 1 75  ? -15.313 1.004   2.877   1.00 30.58 ? 331 ARG A NH2 1 
ATOM   606  N  N   . LEU A 1 76  ? -11.558 1.633   -2.345  1.00 22.08 ? 332 LEU A N   1 
ATOM   607  C  CA  . LEU A 1 76  ? -10.450 2.567   -2.580  1.00 21.97 ? 332 LEU A CA  1 
ATOM   608  C  C   . LEU A 1 76  ? -10.939 4.007   -2.549  1.00 22.09 ? 332 LEU A C   1 
ATOM   609  O  O   . LEU A 1 76  ? -10.329 4.869   -1.915  1.00 20.29 ? 332 LEU A O   1 
ATOM   610  C  CB  . LEU A 1 76  ? -9.735  2.286   -3.905  1.00 21.73 ? 332 LEU A CB  1 
ATOM   611  C  CG  . LEU A 1 76  ? -8.557  3.208   -4.241  1.00 21.82 ? 332 LEU A CG  1 
ATOM   612  C  CD1 . LEU A 1 76  ? -7.489  3.188   -3.140  1.00 22.41 ? 332 LEU A CD1 1 
ATOM   613  C  CD2 . LEU A 1 76  ? -7.951  2.820   -5.582  1.00 22.39 ? 332 LEU A CD2 1 
ATOM   614  N  N   . LYS A 1 77  ? -12.049 4.270   -3.240  1.00 23.14 ? 333 LYS A N   1 
ATOM   615  C  CA  . LYS A 1 77  ? -12.637 5.600   -3.230  1.00 25.02 ? 333 LYS A CA  1 
ATOM   616  C  C   . LYS A 1 77  ? -12.959 6.047   -1.799  1.00 23.15 ? 333 LYS A C   1 
ATOM   617  O  O   . LYS A 1 77  ? -12.632 7.158   -1.417  1.00 22.42 ? 333 LYS A O   1 
ATOM   618  C  CB  . LYS A 1 77  ? -13.906 5.655   -4.098  1.00 27.57 ? 333 LYS A CB  1 
ATOM   619  C  CG  . LYS A 1 77  ? -14.386 7.073   -4.395  1.00 31.77 ? 333 LYS A CG  1 
ATOM   620  C  CD  . LYS A 1 77  ? -15.670 7.100   -5.223  1.00 35.51 ? 333 LYS A CD  1 
ATOM   621  C  CE  . LYS A 1 77  ? -16.177 8.527   -5.444  1.00 38.47 ? 333 LYS A CE  1 
ATOM   622  N  NZ  . LYS A 1 77  ? -16.624 9.208   -4.190  1.00 40.90 ? 333 LYS A NZ  1 
ATOM   623  N  N   . ALA A 1 78  ? -13.576 5.162   -1.008  1.00 21.41 ? 334 ALA A N   1 
ATOM   624  C  CA  . ALA A 1 78  ? -13.908 5.472   0.387   1.00 20.65 ? 334 ALA A CA  1 
ATOM   625  C  C   . ALA A 1 78  ? -12.681 5.761   1.263   1.00 19.90 ? 334 ALA A C   1 
ATOM   626  O  O   . ALA A 1 78  ? -12.670 6.703   2.041   1.00 20.36 ? 334 ALA A O   1 
ATOM   627  C  CB  . ALA A 1 78  ? -14.732 4.358   0.998   1.00 20.65 ? 334 ALA A CB  1 
ATOM   628  N  N   . LEU A 1 79  ? -11.636 4.945   1.108   1.00 18.80 ? 335 LEU A N   1 
ATOM   629  C  CA  . LEU A 1 79  ? -10.412 5.123   1.877   1.00 18.23 ? 335 LEU A CA  1 
ATOM   630  C  C   . LEU A 1 79  ? -9.724  6.448   1.546   1.00 17.44 ? 335 LEU A C   1 
ATOM   631  O  O   . LEU A 1 79  ? -9.294  7.151   2.423   1.00 16.70 ? 335 LEU A O   1 
ATOM   632  C  CB  . LEU A 1 79  ? -9.460  3.959   1.613   1.00 18.02 ? 335 LEU A CB  1 
ATOM   633  C  CG  . LEU A 1 79  ? -8.217  3.888   2.488   1.00 18.07 ? 335 LEU A CG  1 
ATOM   634  C  CD1 . LEU A 1 79  ? -8.575  3.651   3.950   1.00 18.36 ? 335 LEU A CD1 1 
ATOM   635  C  CD2 . LEU A 1 79  ? -7.355  2.758   1.974   1.00 18.35 ? 335 LEU A CD2 1 
ATOM   636  N  N   . SER A 1 80  ? -9.629  6.765   0.256   1.00 18.10 ? 336 SER A N   1 
ATOM   637  C  CA  . SER A 1 80  ? -9.086  8.042   -0.180  1.00 18.35 ? 336 SER A CA  1 
ATOM   638  C  C   . SER A 1 80  ? -9.860  9.188   0.447   1.00 18.73 ? 336 SER A C   1 
ATOM   639  O  O   . SER A 1 80  ? -9.298  10.096  1.036   1.00 18.86 ? 336 SER A O   1 
ATOM   640  C  CB  . SER A 1 80  ? -9.108  8.147   -1.716  1.00 19.33 ? 336 SER A CB  1 
ATOM   641  O  OG  . SER A 1 80  ? -8.626  9.415   -2.136  1.00 19.11 ? 336 SER A OG  1 
ATOM   642  N  N   . GLU A 1 81  ? -11.183 9.107   0.346   1.00 20.11 ? 337 GLU A N   1 
ATOM   643  C  CA  . GLU A 1 81  ? -12.042 10.168  0.850   1.00 20.86 ? 337 GLU A CA  1 
ATOM   644  C  C   . GLU A 1 81  ? -11.899 10.305  2.366   1.00 21.08 ? 337 GLU A C   1 
ATOM   645  O  O   . GLU A 1 81  ? -11.764 11.401  2.897   1.00 19.53 ? 337 GLU A O   1 
ATOM   646  C  CB  . GLU A 1 81  ? -13.481 9.875   0.429   1.00 22.03 ? 337 GLU A CB  1 
ATOM   647  C  CG  . GLU A 1 81  ? -14.495 10.914  0.839   1.00 23.58 ? 337 GLU A CG  1 
ATOM   648  C  CD  . GLU A 1 81  ? -15.834 10.654  0.196   1.00 23.67 ? 337 GLU A CD  1 
ATOM   649  O  OE1 . GLU A 1 81  ? -16.583 9.799   0.715   1.00 24.56 ? 337 GLU A OE1 1 
ATOM   650  O  OE2 . GLU A 1 81  ? -16.121 11.316  -0.837  1.00 26.80 ? 337 GLU A OE2 1 
ATOM   651  N  N   . ASP A 1 82  ? -11.841 9.165   3.058   1.00 21.25 ? 338 ASP A N   1 
ATOM   652  C  CA  . ASP A 1 82  ? -11.653 9.174   4.509   1.00 21.97 ? 338 ASP A CA  1 
ATOM   653  C  C   . ASP A 1 82  ? -10.360 9.834   4.973   1.00 21.09 ? 338 ASP A C   1 
ATOM   654  O  O   . ASP A 1 82  ? -10.299 10.333  6.081   1.00 22.61 ? 338 ASP A O   1 
ATOM   655  C  CB  . ASP A 1 82  ? -11.690 7.747   5.085   1.00 22.76 ? 338 ASP A CB  1 
ATOM   656  C  CG  . ASP A 1 82  ? -13.088 7.106   5.030   1.00 25.13 ? 338 ASP A CG  1 
ATOM   657  O  OD1 . ASP A 1 82  ? -14.115 7.810   4.818   1.00 28.02 ? 338 ASP A OD1 1 
ATOM   658  O  OD2 . ASP A 1 82  ? -13.172 5.867   5.175   1.00 26.11 ? 338 ASP A OD2 1 
ATOM   659  N  N   . TYR A 1 83  ? -9.307  9.821   4.152   1.00 19.35 ? 339 TYR A N   1 
ATOM   660  C  CA  . TYR A 1 83  ? -8.048  10.461  4.524   1.00 18.76 ? 339 TYR A CA  1 
ATOM   661  C  C   . TYR A 1 83  ? -7.783  11.713  3.677   1.00 20.31 ? 339 TYR A C   1 
ATOM   662  O  O   . TYR A 1 83  ? -6.668  11.946  3.184   1.00 19.95 ? 339 TYR A O   1 
ATOM   663  C  CB  . TYR A 1 83  ? -6.873  9.445   4.438   1.00 17.68 ? 339 TYR A CB  1 
ATOM   664  C  CG  . TYR A 1 83  ? -6.868  8.496   5.626   1.00 16.61 ? 339 TYR A CG  1 
ATOM   665  C  CD1 . TYR A 1 83  ? -7.613  7.334   5.610   1.00 17.41 ? 339 TYR A CD1 1 
ATOM   666  C  CD2 . TYR A 1 83  ? -6.157  8.816   6.780   1.00 16.80 ? 339 TYR A CD2 1 
ATOM   667  C  CE1 . TYR A 1 83  ? -7.649  6.490   6.698   1.00 17.15 ? 339 TYR A CE1 1 
ATOM   668  C  CE2 . TYR A 1 83  ? -6.174  7.964   7.879   1.00 17.06 ? 339 TYR A CE2 1 
ATOM   669  C  CZ  . TYR A 1 83  ? -6.937  6.814   7.829   1.00 17.92 ? 339 TYR A CZ  1 
ATOM   670  O  OH  . TYR A 1 83  ? -6.970  5.978   8.926   1.00 19.14 ? 339 TYR A OH  1 
ATOM   671  N  N   . GLY A 1 84  ? -8.831  12.520  3.509   1.00 21.40 ? 340 GLY A N   1 
ATOM   672  C  CA  . GLY A 1 84  ? -8.720  13.813  2.842   1.00 21.94 ? 340 GLY A CA  1 
ATOM   673  C  C   . GLY A 1 84  ? -8.530  13.760  1.347   1.00 20.41 ? 340 GLY A C   1 
ATOM   674  O  O   . GLY A 1 84  ? -7.832  14.605  0.807   1.00 23.47 ? 340 GLY A O   1 
ATOM   675  N  N   . HIS A 1 85  ? -9.162  12.790  0.675   1.00 21.32 ? 341 HIS A N   1 
ATOM   676  C  CA  . HIS A 1 85  ? -8.951  12.529  -0.768  1.00 21.56 ? 341 HIS A CA  1 
ATOM   677  C  C   . HIS A 1 85  ? -7.485  12.358  -1.087  1.00 20.67 ? 341 HIS A C   1 
ATOM   678  O  O   . HIS A 1 85  ? -6.962  12.902  -2.067  1.00 21.37 ? 341 HIS A O   1 
ATOM   679  C  CB  . HIS A 1 85  ? -9.614  13.572  -1.652  1.00 22.91 ? 341 HIS A CB  1 
ATOM   680  C  CG  . HIS A 1 85  ? -11.095 13.515  -1.575  1.00 24.31 ? 341 HIS A CG  1 
ATOM   681  N  ND1 . HIS A 1 85  ? -11.821 14.252  -0.666  1.00 26.71 ? 341 HIS A ND1 1 
ATOM   682  C  CD2 . HIS A 1 85  ? -11.982 12.743  -2.239  1.00 25.77 ? 341 HIS A CD2 1 
ATOM   683  C  CE1 . HIS A 1 85  ? -13.098 13.962  -0.801  1.00 26.91 ? 341 HIS A CE1 1 
ATOM   684  N  NE2 . HIS A 1 85  ? -13.224 13.059  -1.757  1.00 27.91 ? 341 HIS A NE2 1 
ATOM   685  N  N   . ALA A 1 86  ? -6.835  11.600  -0.218  1.00 18.44 ? 342 ALA A N   1 
ATOM   686  C  CA  . ALA A 1 86  ? -5.443  11.221  -0.390  1.00 17.69 ? 342 ALA A CA  1 
ATOM   687  C  C   . ALA A 1 86  ? -5.211  10.735  -1.817  1.00 17.96 ? 342 ALA A C   1 
ATOM   688  O  O   . ALA A 1 86  ? -5.941  9.876   -2.313  1.00 19.41 ? 342 ALA A O   1 
ATOM   689  C  CB  . ALA A 1 86  ? -5.101  10.119  0.605   1.00 17.50 ? 342 ALA A CB  1 
ATOM   690  N  N   . TYR A 1 87  ? -4.168  11.252  -2.465  1.00 18.26 ? 343 TYR A N   1 
ATOM   691  C  CA  . TYR A 1 87  ? -3.903  10.822  -3.826  1.00 19.76 ? 343 TYR A CA  1 
ATOM   692  C  C   . TYR A 1 87  ? -3.365  9.393   -3.836  1.00 18.88 ? 343 TYR A C   1 
ATOM   693  O  O   . TYR A 1 87  ? -2.671  8.974   -2.890  1.00 19.20 ? 343 TYR A O   1 
ATOM   694  C  CB  . TYR A 1 87  ? -3.004  11.808  -4.567  1.00 22.45 ? 343 TYR A CB  1 
ATOM   695  C  CG  . TYR A 1 87  ? -1.554  11.832  -4.185  1.00 23.26 ? 343 TYR A CG  1 
ATOM   696  C  CD1 . TYR A 1 87  ? -0.616  11.037  -4.852  1.00 25.57 ? 343 TYR A CD1 1 
ATOM   697  C  CD2 . TYR A 1 87  ? -1.100  12.704  -3.210  1.00 25.27 ? 343 TYR A CD2 1 
ATOM   698  C  CE1 . TYR A 1 87  ? 0.730   11.091  -4.507  1.00 25.88 ? 343 TYR A CE1 1 
ATOM   699  C  CE2 . TYR A 1 87  ? 0.241   12.766  -2.845  1.00 26.41 ? 343 TYR A CE2 1 
ATOM   700  C  CZ  . TYR A 1 87  ? 1.155   11.962  -3.500  1.00 25.66 ? 343 TYR A CZ  1 
ATOM   701  O  OH  . TYR A 1 87  ? 2.474   12.056  -3.108  1.00 26.90 ? 343 TYR A OH  1 
ATOM   702  N  N   . VAL A 1 88  ? -3.741  8.659   -4.868  1.00 17.37 ? 344 VAL A N   1 
ATOM   703  C  CA  . VAL A 1 88  ? -3.488  7.236   -4.978  1.00 18.13 ? 344 VAL A CA  1 
ATOM   704  C  C   . VAL A 1 88  ? -2.373  7.009   -5.998  1.00 19.26 ? 344 VAL A C   1 
ATOM   705  O  O   . VAL A 1 88  ? -2.490  7.444   -7.149  1.00 19.51 ? 344 VAL A O   1 
ATOM   706  C  CB  . VAL A 1 88  ? -4.738  6.445   -5.413  1.00 19.19 ? 344 VAL A CB  1 
ATOM   707  C  CG1 . VAL A 1 88  ? -4.454  4.949   -5.560  1.00 19.78 ? 344 VAL A CG1 1 
ATOM   708  C  CG2 . VAL A 1 88  ? -5.866  6.670   -4.406  1.00 19.58 ? 344 VAL A CG2 1 
ATOM   709  N  N   . VAL A 1 89  ? -1.315  6.335   -5.560  1.00 16.74 ? 345 VAL A N   1 
ATOM   710  C  CA  . VAL A 1 89  ? -0.288  5.821   -6.474  1.00 16.79 ? 345 VAL A CA  1 
ATOM   711  C  C   . VAL A 1 89  ? -0.733  4.417   -6.845  1.00 16.55 ? 345 VAL A C   1 
ATOM   712  O  O   . VAL A 1 89  ? -0.634  3.482   -6.045  1.00 15.10 ? 345 VAL A O   1 
ATOM   713  C  CB  . VAL A 1 89  ? 1.110   5.799   -5.831  1.00 17.27 ? 345 VAL A CB  1 
ATOM   714  C  CG1 . VAL A 1 89  ? 2.151   5.400   -6.864  1.00 16.97 ? 345 VAL A CG1 1 
ATOM   715  C  CG2 . VAL A 1 89  ? 1.450   7.134   -5.231  1.00 17.70 ? 345 VAL A CG2 1 
ATOM   716  N  N   . ALA A 1 90  ? -1.285  4.268   -8.054  1.00 16.25 ? 346 ALA A N   1 
ATOM   717  C  CA  . ALA A 1 90  ? -1.989  3.054   -8.421  1.00 17.34 ? 346 ALA A CA  1 
ATOM   718  C  C   . ALA A 1 90  ? -1.197  2.289   -9.440  1.00 17.20 ? 346 ALA A C   1 
ATOM   719  O  O   . ALA A 1 90  ? -0.791  2.865   -10.473 1.00 18.39 ? 346 ALA A O   1 
ATOM   720  C  CB  . ALA A 1 90  ? -3.353  3.387   -8.999  1.00 19.01 ? 346 ALA A CB  1 
ATOM   721  N  N   . ASP A 1 91  ? -1.009  1.009   -9.183  1.00 17.97 ? 347 ASP A N   1 
ATOM   722  C  CA  . ASP A 1 91  ? -0.500  0.105   -10.204 1.00 18.48 ? 347 ASP A CA  1 
ATOM   723  C  C   . ASP A 1 91  ? -1.641  -0.165  -11.208 1.00 19.47 ? 347 ASP A C   1 
ATOM   724  O  O   . ASP A 1 91  ? -2.473  -1.045  -10.998 1.00 21.40 ? 347 ASP A O   1 
ATOM   725  C  CB  . ASP A 1 91  ? 0.011   -1.184  -9.589  1.00 18.79 ? 347 ASP A CB  1 
ATOM   726  C  CG  . ASP A 1 91  ? 0.572   -2.148  -10.624 1.00 18.26 ? 347 ASP A CG  1 
ATOM   727  O  OD1 . ASP A 1 91  ? 0.697   -1.748  -11.810 1.00 18.82 ? 347 ASP A OD1 1 
ATOM   728  O  OD2 . ASP A 1 91  ? 0.838   -3.305  -10.261 1.00 20.29 ? 347 ASP A OD2 1 
ATOM   729  N  N   . THR A 1 92  ? -1.623  0.605   -12.293 1.00 20.45 ? 348 THR A N   1 
ATOM   730  C  CA  . THR A 1 92  ? -2.633  0.543   -13.366 1.00 22.70 ? 348 THR A CA  1 
ATOM   731  C  C   . THR A 1 92  ? -2.315  -0.499  -14.462 1.00 25.24 ? 348 THR A C   1 
ATOM   732  O  O   . THR A 1 92  ? -3.045  -0.603  -15.463 1.00 24.70 ? 348 THR A O   1 
ATOM   733  C  CB  . THR A 1 92  ? -2.787  1.928   -14.022 1.00 23.49 ? 348 THR A CB  1 
ATOM   734  O  OG1 . THR A 1 92  ? -1.502  2.441   -14.389 1.00 24.25 ? 348 THR A OG1 1 
ATOM   735  C  CG2 . THR A 1 92  ? -3.442  2.895   -13.066 1.00 23.53 ? 348 THR A CG2 1 
ATOM   736  N  N   . TRP A 1 93  ? -1.239  -1.269  -14.288 1.00 23.96 ? 349 TRP A N   1 
ATOM   737  C  CA  . TRP A 1 93  ? -0.833  -2.237  -15.294 1.00 24.15 ? 349 TRP A CA  1 
ATOM   738  C  C   . TRP A 1 93  ? -1.756  -3.448  -15.295 1.00 27.45 ? 349 TRP A C   1 
ATOM   739  O  O   . TRP A 1 93  ? -1.869  -4.176  -14.308 1.00 29.39 ? 349 TRP A O   1 
ATOM   740  C  CB  . TRP A 1 93  ? 0.614   -2.653  -15.061 1.00 22.82 ? 349 TRP A CB  1 
ATOM   741  C  CG  . TRP A 1 93  ? 1.189   -3.572  -16.118 1.00 21.49 ? 349 TRP A CG  1 
ATOM   742  C  CD1 . TRP A 1 93  ? 1.570   -4.842  -15.939 1.00 21.31 ? 349 TRP A CD1 1 
ATOM   743  C  CD2 . TRP A 1 93  ? 1.451   -3.252  -17.485 1.00 22.14 ? 349 TRP A CD2 1 
ATOM   744  N  NE1 . TRP A 1 93  ? 2.069   -5.362  -17.108 1.00 21.20 ? 349 TRP A NE1 1 
ATOM   745  C  CE2 . TRP A 1 93  ? 2.009   -4.405  -18.076 1.00 20.95 ? 349 TRP A CE2 1 
ATOM   746  C  CE3 . TRP A 1 93  ? 1.292   -2.100  -18.265 1.00 22.42 ? 349 TRP A CE3 1 
ATOM   747  C  CZ2 . TRP A 1 93  ? 2.399   -4.450  -19.417 1.00 22.16 ? 349 TRP A CZ2 1 
ATOM   748  C  CZ3 . TRP A 1 93  ? 1.673   -2.150  -19.606 1.00 24.22 ? 349 TRP A CZ3 1 
ATOM   749  C  CH2 . TRP A 1 93  ? 2.226   -3.326  -20.158 1.00 22.27 ? 349 TRP A CH2 1 
ATOM   750  N  N   . GLY A 1 94  ? -2.438  -3.628  -16.420 1.00 31.01 ? 350 GLY A N   1 
ATOM   751  C  CA  . GLY A 1 94  ? -3.338  -4.755  -16.632 1.00 33.69 ? 350 GLY A CA  1 
ATOM   752  C  C   . GLY A 1 94  ? -3.702  -4.791  -18.108 1.00 36.44 ? 350 GLY A C   1 
ATOM   753  O  O   . GLY A 1 94  ? -2.854  -4.486  -18.958 1.00 36.32 ? 350 GLY A O   1 
ATOM   754  N  N   . VAL A 1 95  ? -4.958  -5.129  -18.408 1.00 40.14 ? 351 VAL A N   1 
ATOM   755  C  CA  . VAL A 1 95  ? -5.433  -5.249  -19.794 1.00 42.74 ? 351 VAL A CA  1 
ATOM   756  C  C   . VAL A 1 95  ? -5.875  -3.873  -20.308 1.00 46.74 ? 351 VAL A C   1 
ATOM   757  O  O   . VAL A 1 95  ? -6.896  -3.339  -19.859 1.00 49.64 ? 351 VAL A O   1 
ATOM   758  C  CB  . VAL A 1 95  ? -6.601  -6.256  -19.912 1.00 43.55 ? 351 VAL A CB  1 
ATOM   759  C  CG1 . VAL A 1 95  ? -7.023  -6.427  -21.372 1.00 43.93 ? 351 VAL A CG1 1 
ATOM   760  C  CG2 . VAL A 1 95  ? -6.221  -7.598  -19.287 1.00 43.00 ? 351 VAL A CG2 1 
ATOM   761  N  N   . GLY A 1 96  ? -5.102  -3.310  -21.241 1.00 48.22 ? 352 GLY A N   1 
ATOM   762  C  CA  . GLY A 1 96  ? -5.387  -1.995  -21.828 1.00 49.08 ? 352 GLY A CA  1 
ATOM   763  C  C   . GLY A 1 96  ? -5.298  -0.861  -20.820 1.00 49.23 ? 352 GLY A C   1 
ATOM   764  O  O   . GLY A 1 96  ? -4.450  -0.884  -19.930 1.00 49.90 ? 352 GLY A O   1 
ATOM   765  N  N   . ASP A 1 97  ? -6.188  0.123   -20.957 1.00 49.59 ? 353 ASP A N   1 
ATOM   766  C  CA  . ASP A 1 97  ? -6.331  1.205   -19.978 1.00 46.74 ? 353 ASP A CA  1 
ATOM   767  C  C   . ASP A 1 97  ? -7.526  0.972   -19.047 1.00 46.20 ? 353 ASP A C   1 
ATOM   768  O  O   . ASP A 1 97  ? -8.055  1.931   -18.485 1.00 45.20 ? 353 ASP A O   1 
ATOM   769  C  CB  . ASP A 1 97  ? -6.476  2.548   -20.695 1.00 46.40 ? 353 ASP A CB  1 
ATOM   770  N  N   . ALA A 1 98  ? -7.908  -0.297  -18.850 1.00 45.69 ? 354 ALA A N   1 
ATOM   771  C  CA  . ALA A 1 98  ? -9.126  -0.673  -18.104 1.00 46.16 ? 354 ALA A CA  1 
ATOM   772  C  C   . ALA A 1 98  ? -9.128  -0.206  -16.650 1.00 48.02 ? 354 ALA A C   1 
ATOM   773  O  O   . ALA A 1 98  ? -10.140 0.318   -16.167 1.00 50.63 ? 354 ALA A O   1 
ATOM   774  C  CB  . ALA A 1 98  ? -9.332  -2.182  -18.150 1.00 45.69 ? 354 ALA A CB  1 
ATOM   775  N  N   . ILE A 1 99  ? -8.011  -0.411  -15.950 1.00 45.41 ? 355 ILE A N   1 
ATOM   776  C  CA  . ILE A 1 99  ? -7.914  -0.019  -14.539 1.00 43.75 ? 355 ILE A CA  1 
ATOM   777  C  C   . ILE A 1 99  ? -8.048  1.498   -14.404 1.00 42.33 ? 355 ILE A C   1 
ATOM   778  O  O   . ILE A 1 99  ? -8.861  1.971   -13.612 1.00 40.90 ? 355 ILE A O   1 
ATOM   779  C  CB  . ILE A 1 99  ? -6.618  -0.551  -13.859 1.00 42.53 ? 355 ILE A CB  1 
ATOM   780  C  CG1 . ILE A 1 99  ? -6.723  -2.070  -13.674 1.00 40.90 ? 355 ILE A CG1 1 
ATOM   781  C  CG2 . ILE A 1 99  ? -6.395  0.111   -12.499 1.00 41.81 ? 355 ILE A CG2 1 
ATOM   782  C  CD1 . ILE A 1 99  ? -5.432  -2.750  -13.282 1.00 40.93 ? 355 ILE A CD1 1 
ATOM   783  N  N   . ALA A 1 100 ? -7.266  2.241   -15.189 1.00 42.38 ? 356 ALA A N   1 
ATOM   784  C  CA  . ALA A 1 100 ? -7.289  3.715   -15.168 1.00 43.91 ? 356 ALA A CA  1 
ATOM   785  C  C   . ALA A 1 100 ? -8.666  4.291   -15.539 1.00 46.23 ? 356 ALA A C   1 
ATOM   786  O  O   . ALA A 1 100 ? -9.106  5.280   -14.936 1.00 45.60 ? 356 ALA A O   1 
ATOM   787  C  CB  . ALA A 1 100 ? -6.209  4.280   -16.088 1.00 43.94 ? 356 ALA A CB  1 
ATOM   788  N  N   . GLU A 1 101 ? -9.339  3.664   -16.508 1.00 47.46 ? 357 GLU A N   1 
ATOM   789  C  CA  . GLU A 1 101 ? -10.698 4.066   -16.919 1.00 49.39 ? 357 GLU A CA  1 
ATOM   790  C  C   . GLU A 1 101 ? -11.668 4.039   -15.736 1.00 50.18 ? 357 GLU A C   1 
ATOM   791  O  O   . GLU A 1 101 ? -12.363 5.028   -15.470 1.00 50.70 ? 357 GLU A O   1 
ATOM   792  C  CB  . GLU A 1 101 ? -11.223 3.156   -18.039 1.00 48.49 ? 357 GLU A CB  1 
ATOM   793  N  N   . GLU A 1 102 ? -11.681 2.916   -15.018 1.00 50.52 ? 358 GLU A N   1 
ATOM   794  C  CA  . GLU A 1 102 ? -12.563 2.727   -13.861 1.00 49.11 ? 358 GLU A CA  1 
ATOM   795  C  C   . GLU A 1 102 ? -12.239 3.653   -12.684 1.00 47.29 ? 358 GLU A C   1 
ATOM   796  O  O   . GLU A 1 102 ? -13.144 4.078   -11.961 1.00 44.87 ? 358 GLU A O   1 
ATOM   797  C  CB  . GLU A 1 102 ? -12.528 1.263   -13.401 1.00 51.01 ? 358 GLU A CB  1 
ATOM   798  C  CG  . GLU A 1 102 ? -13.505 0.902   -12.285 1.00 53.12 ? 358 GLU A CG  1 
ATOM   799  C  CD  . GLU A 1 102 ? -14.949 1.272   -12.596 1.00 55.56 ? 358 GLU A CD  1 
ATOM   800  O  OE1 . GLU A 1 102 ? -15.683 1.649   -11.655 1.00 57.02 ? 358 GLU A OE1 1 
ATOM   801  O  OE2 . GLU A 1 102 ? -15.350 1.199   -13.778 1.00 57.46 ? 358 GLU A OE2 1 
ATOM   802  N  N   . LEU A 1 103 ? -10.952 3.945   -12.488 1.00 45.33 ? 359 LEU A N   1 
ATOM   803  C  CA  . LEU A 1 103 ? -10.516 4.927   -11.492 1.00 41.67 ? 359 LEU A CA  1 
ATOM   804  C  C   . LEU A 1 103 ? -10.936 6.348   -11.894 1.00 41.79 ? 359 LEU A C   1 
ATOM   805  O  O   . LEU A 1 103 ? -11.345 7.145   -11.047 1.00 42.25 ? 359 LEU A O   1 
ATOM   806  C  CB  . LEU A 1 103 ? -8.994  4.866   -11.303 1.00 39.10 ? 359 LEU A CB  1 
ATOM   807  C  CG  . LEU A 1 103 ? -8.428  3.557   -10.745 1.00 37.97 ? 359 LEU A CG  1 
ATOM   808  C  CD1 . LEU A 1 103 ? -6.906  3.550   -10.844 1.00 37.85 ? 359 LEU A CD1 1 
ATOM   809  C  CD2 . LEU A 1 103 ? -8.893  3.320   -9.312  1.00 37.62 ? 359 LEU A CD2 1 
ATOM   810  N  N   . ASP A 1 104 ? -10.808 6.660   -13.183 1.00 44.67 ? 360 ASP A N   1 
ATOM   811  C  CA  . ASP A 1 104 ? -11.237 7.961   -13.724 1.00 45.76 ? 360 ASP A CA  1 
ATOM   812  C  C   . ASP A 1 104 ? -12.767 8.112   -13.677 1.00 45.01 ? 360 ASP A C   1 
ATOM   813  O  O   . ASP A 1 104 ? -13.272 9.180   -13.334 1.00 44.41 ? 360 ASP A O   1 
ATOM   814  C  CB  . ASP A 1 104 ? -10.723 8.147   -15.158 1.00 45.69 ? 360 ASP A CB  1 
ATOM   815  N  N   . ALA A 1 105 ? -13.482 7.034   -14.002 1.00 45.98 ? 361 ALA A N   1 
ATOM   816  C  CA  . ALA A 1 105 ? -14.958 7.012   -13.984 1.00 48.17 ? 361 ALA A CA  1 
ATOM   817  C  C   . ALA A 1 105 ? -15.564 7.173   -12.591 1.00 49.06 ? 361 ALA A C   1 
ATOM   818  O  O   . ALA A 1 105 ? -16.671 7.699   -12.459 1.00 50.82 ? 361 ALA A O   1 
ATOM   819  C  CB  . ALA A 1 105 ? -15.478 5.725   -14.619 1.00 48.72 ? 361 ALA A CB  1 
ATOM   820  N  N   . GLN A 1 106 ? -14.848 6.708   -11.563 1.00 48.70 ? 362 GLN A N   1 
ATOM   821  C  CA  . GLN A 1 106 ? -15.286 6.833   -10.167 1.00 45.01 ? 362 GLN A CA  1 
ATOM   822  C  C   . GLN A 1 106 ? -14.726 8.081   -9.473  1.00 40.08 ? 362 GLN A C   1 
ATOM   823  O  O   . GLN A 1 106 ? -14.927 8.258   -8.273  1.00 38.76 ? 362 GLN A O   1 
ATOM   824  C  CB  . GLN A 1 106 ? -14.907 5.573   -9.386  1.00 47.61 ? 362 GLN A CB  1 
ATOM   825  C  CG  . GLN A 1 106 ? -15.591 4.307   -9.890  1.00 50.62 ? 362 GLN A CG  1 
ATOM   826  C  CD  . GLN A 1 106 ? -17.067 4.226   -9.541  1.00 52.66 ? 362 GLN A CD  1 
ATOM   827  O  OE1 . GLN A 1 106 ? -17.582 5.010   -8.736  1.00 54.43 ? 362 GLN A OE1 1 
ATOM   828  N  NE2 . GLN A 1 106 ? -17.760 3.265   -10.150 1.00 54.20 ? 362 GLN A NE2 1 
ATOM   829  N  N   . GLY A 1 107 ? -14.039 8.945   -10.217 1.00 37.68 ? 363 GLY A N   1 
ATOM   830  C  CA  . GLY A 1 107 ? -13.529 10.209  -9.677  1.00 37.90 ? 363 GLY A CA  1 
ATOM   831  C  C   . GLY A 1 107 ? -12.391 10.079  -8.676  1.00 36.97 ? 363 GLY A C   1 
ATOM   832  O  O   . GLY A 1 107 ? -12.162 10.994  -7.884  1.00 37.00 ? 363 GLY A O   1 
ATOM   833  N  N   . ILE A 1 108 ? -11.665 8.958   -8.708  1.00 34.85 ? 364 ILE A N   1 
ATOM   834  C  CA  . ILE A 1 108 ? -10.573 8.732   -7.751  1.00 31.96 ? 364 ILE A CA  1 
ATOM   835  C  C   . ILE A 1 108 ? -9.373  9.608   -8.146  1.00 30.01 ? 364 ILE A C   1 
ATOM   836  O  O   . ILE A 1 108 ? -8.999  9.699   -9.319  1.00 28.65 ? 364 ILE A O   1 
ATOM   837  C  CB  . ILE A 1 108 ? -10.204 7.228   -7.616  1.00 33.35 ? 364 ILE A CB  1 
ATOM   838  C  CG1 . ILE A 1 108 ? -11.372 6.475   -6.968  1.00 35.01 ? 364 ILE A CG1 1 
ATOM   839  C  CG2 . ILE A 1 108 ? -8.922  7.048   -6.790  1.00 32.44 ? 364 ILE A CG2 1 
ATOM   840  C  CD1 . ILE A 1 108 ? -11.272 4.966   -7.009  1.00 36.71 ? 364 ILE A CD1 1 
ATOM   841  N  N   . ASN A 1 109 ? -8.818  10.294  -7.157  1.00 27.82 ? 365 ASN A N   1 
ATOM   842  C  CA  . ASN A 1 109 ? -7.618  11.090  -7.332  1.00 27.60 ? 365 ASN A CA  1 
ATOM   843  C  C   . ASN A 1 109 ? -6.384  10.157  -7.375  1.00 27.46 ? 365 ASN A C   1 
ATOM   844  O  O   . ASN A 1 109 ? -5.952  9.666   -6.332  1.00 25.29 ? 365 ASN A O   1 
ATOM   845  C  CB  . ASN A 1 109 ? -7.507  12.058  -6.160  1.00 28.55 ? 365 ASN A CB  1 
ATOM   846  C  CG  . ASN A 1 109 ? -6.294  12.942  -6.237  1.00 29.54 ? 365 ASN A CG  1 
ATOM   847  O  OD1 . ASN A 1 109 ? -5.716  13.132  -7.308  1.00 29.73 ? 365 ASN A OD1 1 
ATOM   848  N  ND2 . ASN A 1 109 ? -5.897  13.502  -5.086  1.00 29.83 ? 365 ASN A ND2 1 
ATOM   849  N  N   . TYR A 1 110 ? -5.841  9.906   -8.567  1.00 27.78 ? 366 TYR A N   1 
ATOM   850  C  CA  . TYR A 1 110 ? -4.695  8.990   -8.705  1.00 28.24 ? 366 TYR A CA  1 
ATOM   851  C  C   . TYR A 1 110 ? -3.573  9.486   -9.621  1.00 29.74 ? 366 TYR A C   1 
ATOM   852  O  O   . TYR A 1 110 ? -3.748  10.419  -10.412 1.00 30.70 ? 366 TYR A O   1 
ATOM   853  C  CB  . TYR A 1 110 ? -5.178  7.597   -9.132  1.00 29.06 ? 366 TYR A CB  1 
ATOM   854  C  CG  . TYR A 1 110 ? -5.523  7.497   -10.596 1.00 31.78 ? 366 TYR A CG  1 
ATOM   855  C  CD1 . TYR A 1 110 ? -6.764  7.916   -11.066 1.00 32.78 ? 366 TYR A CD1 1 
ATOM   856  C  CD2 . TYR A 1 110 ? -4.604  6.999   -11.515 1.00 32.51 ? 366 TYR A CD2 1 
ATOM   857  C  CE1 . TYR A 1 110 ? -7.082  7.849   -12.415 1.00 34.68 ? 366 TYR A CE1 1 
ATOM   858  C  CE2 . TYR A 1 110 ? -4.907  6.927   -12.868 1.00 34.97 ? 366 TYR A CE2 1 
ATOM   859  C  CZ  . TYR A 1 110 ? -6.150  7.350   -13.312 1.00 36.01 ? 366 TYR A CZ  1 
ATOM   860  O  OH  . TYR A 1 110 ? -6.461  7.277   -14.650 1.00 38.04 ? 366 TYR A OH  1 
ATOM   861  N  N   . THR A 1 111 ? -2.411  8.849   -9.467  1.00 27.67 ? 367 THR A N   1 
ATOM   862  C  CA  . THR A 1 111 ? -1.272  8.963   -10.371 1.00 28.85 ? 367 THR A CA  1 
ATOM   863  C  C   . THR A 1 111 ? -0.962  7.525   -10.845 1.00 25.96 ? 367 THR A C   1 
ATOM   864  O  O   . THR A 1 111 ? -0.864  6.614   -10.022 1.00 23.12 ? 367 THR A O   1 
ATOM   865  C  CB  . THR A 1 111 ? -0.033  9.527   -9.660  1.00 31.29 ? 367 THR A CB  1 
ATOM   866  O  OG1 . THR A 1 111 ? -0.403  10.636  -8.835  1.00 40.79 ? 367 THR A OG1 1 
ATOM   867  C  CG2 . THR A 1 111 ? 1.010   9.994   -10.666 1.00 32.05 ? 367 THR A CG2 1 
ATOM   868  N  N   . PRO A 1 112 ? -0.823  7.304   -12.162 1.00 23.50 ? 368 PRO A N   1 
ATOM   869  C  CA  . PRO A 1 112 ? -0.569  5.936   -12.609 1.00 23.43 ? 368 PRO A CA  1 
ATOM   870  C  C   . PRO A 1 112 ? 0.910   5.590   -12.433 1.00 22.85 ? 368 PRO A C   1 
ATOM   871  O  O   . PRO A 1 112 ? 1.782   6.420   -12.717 1.00 23.42 ? 368 PRO A O   1 
ATOM   872  C  CB  . PRO A 1 112 ? -0.971  5.965   -14.095 1.00 24.16 ? 368 PRO A CB  1 
ATOM   873  C  CG  . PRO A 1 112 ? -0.728  7.373   -14.505 1.00 24.48 ? 368 PRO A CG  1 
ATOM   874  C  CD  . PRO A 1 112 ? -0.883  8.251   -13.295 1.00 24.52 ? 368 PRO A CD  1 
ATOM   875  N  N   . LEU A 1 113 ? 1.174   4.394   -11.918 1.00 20.36 ? 369 LEU A N   1 
ATOM   876  C  CA  . LEU A 1 113 ? 2.532   3.855   -11.841 1.00 20.08 ? 369 LEU A CA  1 
ATOM   877  C  C   . LEU A 1 113 ? 2.437   2.387   -12.228 1.00 19.11 ? 369 LEU A C   1 
ATOM   878  O  O   . LEU A 1 113 ? 2.375   1.503   -11.375 1.00 19.57 ? 369 LEU A O   1 
ATOM   879  C  CB  . LEU A 1 113 ? 3.121   4.087   -10.444 1.00 20.04 ? 369 LEU A CB  1 
ATOM   880  C  CG  . LEU A 1 113 ? 4.654   4.044   -10.360 1.00 21.58 ? 369 LEU A CG  1 
ATOM   881  C  CD1 . LEU A 1 113 ? 5.141   4.485   -9.000  1.00 21.47 ? 369 LEU A CD1 1 
ATOM   882  C  CD2 . LEU A 1 113 ? 5.186   2.669   -10.671 1.00 22.12 ? 369 LEU A CD2 1 
ATOM   883  N  N   . PRO A 1 114 ? 2.387   2.104   -13.548 1.00 19.45 ? 370 PRO A N   1 
ATOM   884  C  CA  . PRO A 1 114 ? 2.201   0.722   -13.973 1.00 19.60 ? 370 PRO A CA  1 
ATOM   885  C  C   . PRO A 1 114 ? 3.465   -0.102  -13.740 1.00 17.29 ? 370 PRO A C   1 
ATOM   886  O  O   . PRO A 1 114 ? 4.533   0.270   -14.217 1.00 18.12 ? 370 PRO A O   1 
ATOM   887  C  CB  . PRO A 1 114 ? 1.888   0.852   -15.470 1.00 20.22 ? 370 PRO A CB  1 
ATOM   888  C  CG  . PRO A 1 114 ? 2.426   2.156   -15.871 1.00 20.86 ? 370 PRO A CG  1 
ATOM   889  C  CD  . PRO A 1 114 ? 2.361   3.055   -14.678 1.00 20.76 ? 370 PRO A CD  1 
ATOM   890  N  N   . VAL A 1 115 ? 3.326   -1.200  -13.029 1.00 16.96 ? 371 VAL A N   1 
ATOM   891  C  CA  . VAL A 1 115 ? 4.467   -2.025  -12.666 1.00 16.98 ? 371 VAL A CA  1 
ATOM   892  C  C   . VAL A 1 115 ? 4.577   -3.049  -13.781 1.00 16.98 ? 371 VAL A C   1 
ATOM   893  O  O   . VAL A 1 115 ? 4.135   -4.182  -13.648 1.00 18.33 ? 371 VAL A O   1 
ATOM   894  C  CB  . VAL A 1 115 ? 4.310   -2.651  -11.279 1.00 17.38 ? 371 VAL A CB  1 
ATOM   895  C  CG1 . VAL A 1 115 ? 5.572   -3.415  -10.901 1.00 17.68 ? 371 VAL A CG1 1 
ATOM   896  C  CG2 . VAL A 1 115 ? 4.042   -1.551  -10.270 1.00 18.72 ? 371 VAL A CG2 1 
ATOM   897  N  N   . LYS A 1 116 ? 5.176   -2.595  -14.869 1.00 16.67 ? 372 LYS A N   1 
ATOM   898  C  CA  . LYS A 1 116 ? 5.120   -3.321  -16.147 1.00 18.27 ? 372 LYS A CA  1 
ATOM   899  C  C   . LYS A 1 116 ? 6.373   -4.125  -16.446 1.00 17.02 ? 372 LYS A C   1 
ATOM   900  O  O   . LYS A 1 116 ? 6.438   -4.832  -17.455 1.00 17.15 ? 372 LYS A O   1 
ATOM   901  C  CB  . LYS A 1 116 ? 4.826   -2.347  -17.289 1.00 20.68 ? 372 LYS A CB  1 
ATOM   902  C  CG  . LYS A 1 116 ? 5.902   -1.316  -17.555 1.00 23.26 ? 372 LYS A CG  1 
ATOM   903  C  CD  . LYS A 1 116 ? 5.532   -0.423  -18.726 1.00 26.70 ? 372 LYS A CD  1 
ATOM   904  C  CE  . LYS A 1 116 ? 6.587   0.646   -18.949 1.00 30.73 ? 372 LYS A CE  1 
ATOM   905  N  NZ  . LYS A 1 116 ? 6.349   1.373   -20.232 1.00 33.17 ? 372 LYS A NZ  1 
ATOM   906  N  N   . SER A 1 117 ? 7.380   -4.027  -15.578 1.00 15.79 ? 373 SER A N   1 
ATOM   907  C  CA  . SER A 1 117 ? 8.662   -4.689  -15.799 1.00 15.95 ? 373 SER A CA  1 
ATOM   908  C  C   . SER A 1 117 ? 9.370   -4.863  -14.471 1.00 15.66 ? 373 SER A C   1 
ATOM   909  O  O   . SER A 1 117 ? 8.984   -4.232  -13.492 1.00 14.67 ? 373 SER A O   1 
ATOM   910  C  CB  . SER A 1 117 ? 9.559   -3.839  -16.692 1.00 16.45 ? 373 SER A CB  1 
ATOM   911  O  OG  . SER A 1 117 ? 9.891   -2.622  -16.008 1.00 16.41 ? 373 SER A OG  1 
ATOM   912  N  N   . SER A 1 118 ? 10.378  -5.726  -14.437 1.00 16.81 ? 374 SER A N   1 
ATOM   913  C  CA  . SER A 1 118 ? 11.218  -5.869  -13.244 1.00 17.84 ? 374 SER A CA  1 
ATOM   914  C  C   . SER A 1 118 ? 11.957  -4.588  -12.892 1.00 17.05 ? 374 SER A C   1 
ATOM   915  O  O   . SER A 1 118 ? 12.172  -4.319  -11.701 1.00 16.64 ? 374 SER A O   1 
ATOM   916  C  CB  . SER A 1 118 ? 12.224  -7.004  -13.413 1.00 20.30 ? 374 SER A CB  1 
ATOM   917  O  OG  . SER A 1 118 ? 11.548  -8.224  -13.240 1.00 26.52 ? 374 SER A OG  1 
ATOM   918  N  N   . SER A 1 119 ? 12.319  -3.769  -13.877 1.00 16.21 ? 375 SER A N   1 
ATOM   919  C  CA  . SER A 1 119 ? 12.959  -2.495  -13.588 1.00 16.12 ? 375 SER A CA  1 
ATOM   920  C  C   . SER A 1 119 ? 12.071  -1.636  -12.691 1.00 15.26 ? 375 SER A C   1 
ATOM   921  O  O   . SER A 1 119 ? 12.541  -1.091  -11.695 1.00 15.35 ? 375 SER A O   1 
ATOM   922  C  CB  . SER A 1 119 ? 13.274  -1.716  -14.859 1.00 17.73 ? 375 SER A CB  1 
ATOM   923  O  OG  . SER A 1 119 ? 13.794  -0.438  -14.524 1.00 21.27 ? 375 SER A OG  1 
ATOM   924  N  N   . VAL A 1 120 ? 10.791  -1.544  -13.016 1.00 14.40 ? 376 VAL A N   1 
ATOM   925  C  CA  . VAL A 1 120 ? 9.885   -0.729  -12.229 1.00 14.23 ? 376 VAL A CA  1 
ATOM   926  C  C   . VAL A 1 120 ? 9.671   -1.356  -10.836 1.00 13.78 ? 376 VAL A C   1 
ATOM   927  O  O   . VAL A 1 120 ? 9.710   -0.642  -9.810  1.00 13.04 ? 376 VAL A O   1 
ATOM   928  C  CB  . VAL A 1 120 ? 8.532   -0.505  -12.953 1.00 14.83 ? 376 VAL A CB  1 
ATOM   929  C  CG1 . VAL A 1 120 ? 7.598   0.300   -12.065 1.00 15.54 ? 376 VAL A CG1 1 
ATOM   930  C  CG2 . VAL A 1 120 ? 8.755   0.199   -14.285 1.00 15.20 ? 376 VAL A CG2 1 
ATOM   931  N  N   . LYS A 1 121 ? 9.480   -2.656  -10.775 1.00 13.67 ? 377 LYS A N   1 
ATOM   932  C  CA  . LYS A 1 121 ? 9.309   -3.335  -9.490  1.00 15.28 ? 377 LYS A CA  1 
ATOM   933  C  C   . LYS A 1 121 ? 10.524  -3.155  -8.582  1.00 15.00 ? 377 LYS A C   1 
ATOM   934  O  O   . LYS A 1 121 ? 10.388  -2.790  -7.408  1.00 14.15 ? 377 LYS A O   1 
ATOM   935  C  CB  . LYS A 1 121 ? 9.006   -4.815  -9.715  1.00 17.48 ? 377 LYS A CB  1 
ATOM   936  C  CG  . LYS A 1 121 ? 8.510   -5.571  -8.508  1.00 20.94 ? 377 LYS A CG  1 
ATOM   937  C  CD  . LYS A 1 121 ? 7.882   -6.892  -8.961  1.00 24.00 ? 377 LYS A CD  1 
ATOM   938  C  CE  . LYS A 1 121 ? 7.034   -7.557  -7.897  1.00 27.42 ? 377 LYS A CE  1 
ATOM   939  N  NZ  . LYS A 1 121 ? 7.803   -7.785  -6.655  1.00 30.63 ? 377 LYS A NZ  1 
ATOM   940  N  N   . GLU A 1 122 ? 11.716  -3.344  -9.129  1.00 15.31 ? 378 GLU A N   1 
ATOM   941  C  CA  . GLU A 1 122 ? 12.949  -3.186  -8.350  1.00 17.11 ? 378 GLU A CA  1 
ATOM   942  C  C   . GLU A 1 122 ? 13.177  -1.758  -7.902  1.00 16.95 ? 378 GLU A C   1 
ATOM   943  O  O   . GLU A 1 122 ? 13.700  -1.549  -6.805  1.00 17.13 ? 378 GLU A O   1 
ATOM   944  C  CB  . GLU A 1 122 ? 14.159  -3.684  -9.152  1.00 18.91 ? 378 GLU A CB  1 
ATOM   945  C  CG  . GLU A 1 122 ? 14.137  -5.188  -9.304  1.00 21.15 ? 378 GLU A CG  1 
ATOM   946  C  CD  . GLU A 1 122 ? 15.190  -5.719  -10.254 1.00 24.47 ? 378 GLU A CD  1 
ATOM   947  O  OE1 . GLU A 1 122 ? 16.238  -5.073  -10.428 1.00 26.37 ? 378 GLU A OE1 1 
ATOM   948  O  OE2 . GLU A 1 122 ? 14.954  -6.805  -10.828 1.00 28.10 ? 378 GLU A OE2 1 
ATOM   949  N  N   . GLN A 1 123 ? 12.814  -0.790  -8.734  1.00 15.93 ? 379 GLN A N   1 
ATOM   950  C  CA  . GLN A 1 123 ? 12.863  0.630   -8.367  1.00 17.06 ? 379 GLN A CA  1 
ATOM   951  C  C   . GLN A 1 123 ? 12.041  0.856   -7.080  1.00 15.64 ? 379 GLN A C   1 
ATOM   952  O  O   . GLN A 1 123 ? 12.505  1.475   -6.115  1.00 15.53 ? 379 GLN A O   1 
ATOM   953  C  CB  . GLN A 1 123 ? 12.292  1.493   -9.483  1.00 19.78 ? 379 GLN A CB  1 
ATOM   954  C  CG  . GLN A 1 123 ? 13.216  1.926   -10.610 1.00 24.03 ? 379 GLN A CG  1 
ATOM   955  C  CD  . GLN A 1 123 ? 12.457  2.615   -11.752 1.00 26.05 ? 379 GLN A CD  1 
ATOM   956  O  OE1 . GLN A 1 123 ? 11.769  3.638   -11.550 1.00 29.21 ? 379 GLN A OE1 1 
ATOM   957  N  NE2 . GLN A 1 123 ? 12.565  2.047   -12.964 1.00 26.86 ? 379 GLN A NE2 1 
ATOM   958  N  N   . LEU A 1 124 ? 10.832  0.319   -7.062  1.00 13.41 ? 380 LEU A N   1 
ATOM   959  C  CA  . LEU A 1 124 ? 9.927   0.503   -5.917  1.00 13.38 ? 380 LEU A CA  1 
ATOM   960  C  C   . LEU A 1 124 ? 10.380  -0.247  -4.682  1.00 12.49 ? 380 LEU A C   1 
ATOM   961  O  O   . LEU A 1 124 ? 10.394  0.316   -3.584  1.00 11.77 ? 380 LEU A O   1 
ATOM   962  C  CB  . LEU A 1 124 ? 8.526   0.026   -6.290  1.00 13.98 ? 380 LEU A CB  1 
ATOM   963  C  CG  . LEU A 1 124 ? 7.792   0.864   -7.341  1.00 15.15 ? 380 LEU A CG  1 
ATOM   964  C  CD1 . LEU A 1 124 ? 6.588   0.092   -7.870  1.00 16.21 ? 380 LEU A CD1 1 
ATOM   965  C  CD2 . LEU A 1 124 ? 7.383   2.210   -6.782  1.00 16.46 ? 380 LEU A CD2 1 
ATOM   966  N  N   . ILE A 1 125 ? 10.749  -1.501  -4.856  1.00 12.75 ? 381 ILE A N   1 
ATOM   967  C  CA  . ILE A 1 125 ? 11.175  -2.346  -3.725  1.00 14.72 ? 381 ILE A CA  1 
ATOM   968  C  C   . ILE A 1 125 ? 12.503  -1.870  -3.152  1.00 14.74 ? 381 ILE A C   1 
ATOM   969  O  O   . ILE A 1 125 ? 12.653  -1.830  -1.921  1.00 14.43 ? 381 ILE A O   1 
ATOM   970  C  CB  . ILE A 1 125 ? 11.297  -3.817  -4.138  1.00 16.49 ? 381 ILE A CB  1 
ATOM   971  C  CG1 . ILE A 1 125 ? 9.919   -4.377  -4.507  1.00 17.62 ? 381 ILE A CG1 1 
ATOM   972  C  CG2 . ILE A 1 125 ? 11.979  -4.657  -3.047  1.00 17.32 ? 381 ILE A CG2 1 
ATOM   973  C  CD1 . ILE A 1 125 ? 8.973   -4.598  -3.356  1.00 19.66 ? 381 ILE A CD1 1 
ATOM   974  N  N   . SER A 1 126 ? 13.456  -1.509  -4.008  1.00 14.86 ? 382 SER A N   1 
ATOM   975  C  CA  . SER A 1 126 ? 14.764  -0.995  -3.516  1.00 15.99 ? 382 SER A CA  1 
ATOM   976  C  C   . SER A 1 126 ? 14.587  0.260   -2.663  1.00 15.15 ? 382 SER A C   1 
ATOM   977  O  O   . SER A 1 126 ? 15.289  0.438   -1.638  1.00 15.27 ? 382 SER A O   1 
ATOM   978  C  CB  . SER A 1 126 ? 15.756  -0.755  -4.665  1.00 17.09 ? 382 SER A CB  1 
ATOM   979  O  OG  . SER A 1 126 ? 15.348  0.284   -5.520  1.00 20.74 ? 382 SER A OG  1 
ATOM   980  N  N   . ASN A 1 127 ? 13.665  1.140   -3.054  1.00 14.10 ? 383 ASN A N   1 
ATOM   981  C  CA  . ASN A 1 127 ? 13.422  2.364   -2.289  1.00 13.36 ? 383 ASN A CA  1 
ATOM   982  C  C   . ASN A 1 127 ? 12.821  1.969   -0.930  1.00 12.74 ? 383 ASN A C   1 
ATOM   983  O  O   . ASN A 1 127 ? 13.242  2.494   0.112   1.00 12.97 ? 383 ASN A O   1 
ATOM   984  C  CB  . ASN A 1 127 ? 12.523  3.366   -3.044  1.00 13.97 ? 383 ASN A CB  1 
ATOM   985  C  CG  . ASN A 1 127 ? 12.144  4.569   -2.194  1.00 14.99 ? 383 ASN A CG  1 
ATOM   986  O  OD1 . ASN A 1 127 ? 13.006  5.413   -1.869  1.00 17.71 ? 383 ASN A OD1 1 
ATOM   987  N  ND2 . ASN A 1 127 ? 10.866  4.658   -1.793  1.00 14.05 ? 383 ASN A ND2 1 
ATOM   988  N  N   . LEU A 1 128 ? 11.846  1.065   -0.926  1.00 11.50 ? 384 LEU A N   1 
ATOM   989  C  CA  . LEU A 1 128 ? 11.228  0.637   0.340   1.00 11.71 ? 384 LEU A CA  1 
ATOM   990  C  C   . LEU A 1 128 ? 12.286  0.031   1.260   1.00 12.67 ? 384 LEU A C   1 
ATOM   991  O  O   . LEU A 1 128 ? 12.325  0.311   2.467   1.00 12.35 ? 384 LEU A O   1 
ATOM   992  C  CB  . LEU A 1 128 ? 10.118  -0.383  0.094   1.00 11.40 ? 384 LEU A CB  1 
ATOM   993  C  CG  . LEU A 1 128 ? 9.352   -0.864  1.339   1.00 11.63 ? 384 LEU A CG  1 
ATOM   994  C  CD1 . LEU A 1 128 ? 8.610   0.233   2.066   1.00 12.29 ? 384 LEU A CD1 1 
ATOM   995  C  CD2 . LEU A 1 128 ? 8.410   -1.993  0.947   1.00 12.17 ? 384 LEU A CD2 1 
ATOM   996  N  N   . ALA A 1 129 ? 13.152  -0.791  0.676   1.00 12.61 ? 385 ALA A N   1 
ATOM   997  C  CA  . ALA A 1 129 ? 14.208  -1.460  1.444   1.00 13.51 ? 385 ALA A CA  1 
ATOM   998  C  C   . ALA A 1 129 ? 15.199  -0.478  2.059   1.00 14.06 ? 385 ALA A C   1 
ATOM   999  O  O   . ALA A 1 129 ? 15.580  -0.665  3.226   1.00 14.10 ? 385 ALA A O   1 
ATOM   1000 C  CB  . ALA A 1 129 ? 14.934  -2.475  0.575   1.00 13.87 ? 385 ALA A CB  1 
ATOM   1001 N  N   . LEU A 1 130 ? 15.556  0.572   1.327   1.00 13.89 ? 386 LEU A N   1 
ATOM   1002 C  CA  . LEU A 1 130 ? 16.509  1.564   1.800   1.00 15.30 ? 386 LEU A CA  1 
ATOM   1003 C  C   . LEU A 1 130 ? 15.888  2.400   2.916   1.00 15.84 ? 386 LEU A C   1 
ATOM   1004 O  O   . LEU A 1 130 ? 16.524  2.650   3.963   1.00 16.42 ? 386 LEU A O   1 
ATOM   1005 C  CB  . LEU A 1 130 ? 16.997  2.451   0.652   1.00 17.71 ? 386 LEU A CB  1 
ATOM   1006 C  CG  . LEU A 1 130 ? 18.033  3.519   1.045   1.00 20.91 ? 386 LEU A CG  1 
ATOM   1007 C  CD1 . LEU A 1 130 ? 19.202  2.877   1.798   1.00 22.19 ? 386 LEU A CD1 1 
ATOM   1008 C  CD2 . LEU A 1 130 ? 18.518  4.250   -0.188  1.00 23.43 ? 386 LEU A CD2 1 
ATOM   1009 N  N   . LEU A 1 131 ? 14.641  2.823   2.740   1.00 13.90 ? 387 LEU A N   1 
ATOM   1010 C  CA  . LEU A 1 131 ? 13.960  3.519   3.819   1.00 14.07 ? 387 LEU A CA  1 
ATOM   1011 C  C   . LEU A 1 131 ? 13.850  2.645   5.060   1.00 14.19 ? 387 LEU A C   1 
ATOM   1012 O  O   . LEU A 1 131 ? 13.955  3.160   6.178   1.00 14.71 ? 387 LEU A O   1 
ATOM   1013 C  CB  . LEU A 1 131 ? 12.557  3.974   3.395   1.00 14.26 ? 387 LEU A CB  1 
ATOM   1014 C  CG  . LEU A 1 131 ? 12.556  5.087   2.349   1.00 14.83 ? 387 LEU A CG  1 
ATOM   1015 C  CD1 . LEU A 1 131 ? 11.148  5.248   1.779   1.00 15.21 ? 387 LEU A CD1 1 
ATOM   1016 C  CD2 . LEU A 1 131 ? 13.027  6.414   2.926   1.00 15.97 ? 387 LEU A CD2 1 
ATOM   1017 N  N   . MET A 1 132 ? 13.595  1.351   4.874   1.00 13.92 ? 388 MET A N   1 
ATOM   1018 C  CA  . MET A 1 132 ? 13.451  0.452   5.994   1.00 14.92 ? 388 MET A CA  1 
ATOM   1019 C  C   . MET A 1 132 ? 14.756  0.325   6.775   1.00 15.80 ? 388 MET A C   1 
ATOM   1020 O  O   . MET A 1 132 ? 14.747  0.394   8.017   1.00 15.28 ? 388 MET A O   1 
ATOM   1021 C  CB  . MET A 1 132 ? 12.957  -0.893  5.536   1.00 15.48 ? 388 MET A CB  1 
ATOM   1022 C  CG  . MET A 1 132 ? 12.506  -1.795  6.662   1.00 16.90 ? 388 MET A CG  1 
ATOM   1023 S  SD  . MET A 1 132 ? 12.159  -3.438  6.060   1.00 19.09 ? 388 MET A SD  1 
ATOM   1024 C  CE  . MET A 1 132 ? 10.850  -3.124  4.859   1.00 18.49 ? 388 MET A CE  1 
ATOM   1025 N  N   . GLU A 1 133 ? 15.862  0.155   6.050   1.00 17.52 ? 389 GLU A N   1 
ATOM   1026 C  CA  . GLU A 1 133 ? 17.231  0.189   6.619   1.00 19.88 ? 389 GLU A CA  1 
ATOM   1027 C  C   . GLU A 1 133 ? 17.486  1.396   7.508   1.00 19.49 ? 389 GLU A C   1 
ATOM   1028 O  O   . GLU A 1 133 ? 18.176  1.280   8.532   1.00 20.85 ? 389 GLU A O   1 
ATOM   1029 C  CB  . GLU A 1 133 ? 18.264  0.249   5.487   1.00 21.83 ? 389 GLU A CB  1 
ATOM   1030 C  CG  . GLU A 1 133 ? 18.523  -1.066  4.810   1.00 24.81 ? 389 GLU A CG  1 
ATOM   1031 C  CD  . GLU A 1 133 ? 19.601  -1.823  5.537   1.00 26.82 ? 389 GLU A CD  1 
ATOM   1032 O  OE1 . GLU A 1 133 ? 20.689  -2.029  4.965   1.00 31.74 ? 389 GLU A OE1 1 
ATOM   1033 O  OE2 . GLU A 1 133 ? 19.365  -2.137  6.716   1.00 26.71 ? 389 GLU A OE2 1 
ATOM   1034 N  N   . LYS A 1 134 ? 16.945  2.545   7.117   1.00 18.95 ? 390 LYS A N   1 
ATOM   1035 C  CA  . LYS A 1 134 ? 17.121  3.809   7.839   1.00 19.36 ? 390 LYS A CA  1 
ATOM   1036 C  C   . LYS A 1 134 ? 16.172  3.991   9.018   1.00 18.73 ? 390 LYS A C   1 
ATOM   1037 O  O   . LYS A 1 134 ? 16.215  5.038   9.679   1.00 20.26 ? 390 LYS A O   1 
ATOM   1038 C  CB  . LYS A 1 134 ? 16.972  4.993   6.897   1.00 21.12 ? 390 LYS A CB  1 
ATOM   1039 C  CG  . LYS A 1 134 ? 18.114  5.094   5.918   1.00 22.39 ? 390 LYS A CG  1 
ATOM   1040 C  CD  . LYS A 1 134 ? 17.819  6.061   4.793   1.00 25.22 ? 390 LYS A CD  1 
ATOM   1041 C  CE  . LYS A 1 134 ? 19.004  6.072   3.853   1.00 27.82 ? 390 LYS A CE  1 
ATOM   1042 N  NZ  . LYS A 1 134 ? 18.818  7.063   2.769   1.00 30.06 ? 390 LYS A NZ  1 
ATOM   1043 N  N   . GLY A 1 135 ? 15.308  3.013   9.270   1.00 17.47 ? 391 GLY A N   1 
ATOM   1044 C  CA  . GLY A 1 135 ? 14.335  3.105   10.353  1.00 17.92 ? 391 GLY A CA  1 
ATOM   1045 C  C   . GLY A 1 135 ? 13.172  4.026   10.049  1.00 18.01 ? 391 GLY A C   1 
ATOM   1046 O  O   . GLY A 1 135 ? 12.511  4.531   10.972  1.00 18.63 ? 391 GLY A O   1 
ATOM   1047 N  N   . GLN A 1 136 ? 12.867  4.210   8.756   1.00 16.42 ? 392 GLN A N   1 
ATOM   1048 C  CA  . GLN A 1 136 ? 11.842  5.175   8.347   1.00 17.15 ? 392 GLN A CA  1 
ATOM   1049 C  C   . GLN A 1 136 ? 10.530  4.559   7.869   1.00 16.19 ? 392 GLN A C   1 
ATOM   1050 O  O   . GLN A 1 136 ? 9.663   5.272   7.374   1.00 18.46 ? 392 GLN A O   1 
ATOM   1051 C  CB  . GLN A 1 136 ? 12.409  6.082   7.271   1.00 19.73 ? 392 GLN A CB  1 
ATOM   1052 C  CG  . GLN A 1 136 ? 13.464  7.027   7.817   1.00 23.26 ? 392 GLN A CG  1 
ATOM   1053 C  CD  . GLN A 1 136 ? 13.746  8.089   6.813   1.00 28.91 ? 392 GLN A CD  1 
ATOM   1054 O  OE1 . GLN A 1 136 ? 13.480  9.271   7.042   1.00 37.15 ? 392 GLN A OE1 1 
ATOM   1055 N  NE2 . GLN A 1 136 ? 14.201  7.667   5.654   1.00 30.90 ? 392 GLN A NE2 1 
ATOM   1056 N  N   . VAL A 1 137 ? 10.401  3.241   7.975   1.00 14.03 ? 393 VAL A N   1 
ATOM   1057 C  CA  . VAL A 1 137 ? 9.196   2.560   7.590   1.00 13.64 ? 393 VAL A CA  1 
ATOM   1058 C  C   . VAL A 1 137 ? 8.520   2.055   8.862   1.00 14.11 ? 393 VAL A C   1 
ATOM   1059 O  O   . VAL A 1 137 ? 9.163   1.432   9.716   1.00 14.29 ? 393 VAL A O   1 
ATOM   1060 C  CB  . VAL A 1 137 ? 9.490   1.409   6.600   1.00 13.39 ? 393 VAL A CB  1 
ATOM   1061 C  CG1 . VAL A 1 137 ? 8.225   0.665   6.216   1.00 13.29 ? 393 VAL A CG1 1 
ATOM   1062 C  CG2 . VAL A 1 137 ? 10.154  1.974   5.366   1.00 13.74 ? 393 VAL A CG2 1 
ATOM   1063 N  N   . ALA A 1 138 ? 7.218   2.313   8.961   1.00 13.23 ? 394 ALA A N   1 
ATOM   1064 C  CA  . ALA A 1 138 ? 6.420   1.930   10.128  1.00 13.18 ? 394 ALA A CA  1 
ATOM   1065 C  C   . ALA A 1 138 ? 5.104   1.392   9.643   1.00 13.26 ? 394 ALA A C   1 
ATOM   1066 O  O   . ALA A 1 138 ? 4.393   2.075   8.894   1.00 13.58 ? 394 ALA A O   1 
ATOM   1067 C  CB  . ALA A 1 138 ? 6.210   3.106   11.066  1.00 13.08 ? 394 ALA A CB  1 
ATOM   1068 N  N   . VAL A 1 139 ? 4.787   0.156   10.032  1.00 13.07 ? 395 VAL A N   1 
ATOM   1069 C  CA  . VAL A 1 139 ? 3.616   -0.550  9.532   1.00 13.61 ? 395 VAL A CA  1 
ATOM   1070 C  C   . VAL A 1 139 ? 2.862   -1.195  10.698  1.00 14.17 ? 395 VAL A C   1 
ATOM   1071 O  O   . VAL A 1 139 ? 3.463   -1.430  11.770  1.00 14.73 ? 395 VAL A O   1 
ATOM   1072 C  CB  . VAL A 1 139 ? 3.993   -1.635  8.488   1.00 13.93 ? 395 VAL A CB  1 
ATOM   1073 C  CG1 . VAL A 1 139 ? 4.774   -1.027  7.354   1.00 14.30 ? 395 VAL A CG1 1 
ATOM   1074 C  CG2 . VAL A 1 139 ? 4.775   -2.788  9.126   1.00 14.67 ? 395 VAL A CG2 1 
ATOM   1075 N  N   . PRO A 1 140 ? 1.564   -1.507  10.505  1.00 14.21 ? 396 PRO A N   1 
ATOM   1076 C  CA  . PRO A 1 140 ? 0.821   -2.189  11.576  1.00 14.86 ? 396 PRO A CA  1 
ATOM   1077 C  C   . PRO A 1 140 ? 1.510   -3.523  11.934  1.00 15.60 ? 396 PRO A C   1 
ATOM   1078 O  O   . PRO A 1 140 ? 1.975   -4.246  11.047  1.00 15.92 ? 396 PRO A O   1 
ATOM   1079 C  CB  . PRO A 1 140 ? -0.554  -2.450  10.946  1.00 15.27 ? 396 PRO A CB  1 
ATOM   1080 C  CG  . PRO A 1 140 ? -0.691  -1.411  9.897   1.00 15.38 ? 396 PRO A CG  1 
ATOM   1081 C  CD  . PRO A 1 140 ? 0.704   -1.244  9.341   1.00 15.15 ? 396 PRO A CD  1 
ATOM   1082 N  N   . ASN A 1 141 ? 1.569   -3.816  13.230  1.00 16.69 ? 397 ASN A N   1 
ATOM   1083 C  CA  . ASN A 1 141 ? 2.237   -5.008  13.735  1.00 19.31 ? 397 ASN A CA  1 
ATOM   1084 C  C   . ASN A 1 141 ? 1.340   -6.242  13.554  1.00 20.17 ? 397 ASN A C   1 
ATOM   1085 O  O   . ASN A 1 141 ? 0.835   -6.805  14.529  1.00 21.00 ? 397 ASN A O   1 
ATOM   1086 C  CB  . ASN A 1 141 ? 2.599   -4.798  15.215  1.00 20.94 ? 397 ASN A CB  1 
ATOM   1087 C  CG  . ASN A 1 141 ? 3.437   -5.937  15.781  1.00 22.29 ? 397 ASN A CG  1 
ATOM   1088 O  OD1 . ASN A 1 141 ? 3.931   -6.771  15.045  1.00 24.22 ? 397 ASN A OD1 1 
ATOM   1089 N  ND2 . ASN A 1 141 ? 3.607   -5.954  17.082  1.00 26.57 ? 397 ASN A ND2 1 
ATOM   1090 N  N   . ASP A 1 142 ? 1.138   -6.627  12.304  1.00 20.22 ? 398 ASP A N   1 
ATOM   1091 C  CA  . ASP A 1 142 ? 0.226   -7.691  11.927  1.00 22.62 ? 398 ASP A CA  1 
ATOM   1092 C  C   . ASP A 1 142 ? 0.997   -8.815  11.234  1.00 22.57 ? 398 ASP A C   1 
ATOM   1093 O  O   . ASP A 1 142 ? 1.835   -8.558  10.372  1.00 21.70 ? 398 ASP A O   1 
ATOM   1094 C  CB  . ASP A 1 142 ? -0.860  -7.125  11.018  1.00 24.40 ? 398 ASP A CB  1 
ATOM   1095 C  CG  . ASP A 1 142 ? -1.718  -8.207  10.386  1.00 28.56 ? 398 ASP A CG  1 
ATOM   1096 O  OD1 . ASP A 1 142 ? -2.646  -8.692  11.056  1.00 33.22 ? 398 ASP A OD1 1 
ATOM   1097 O  OD2 . ASP A 1 142 ? -1.464  -8.567  9.217   1.00 32.34 ? 398 ASP A OD2 1 
ATOM   1098 N  N   . LYS A 1 143 ? 0.685   -10.060 11.609  1.00 23.74 ? 399 LYS A N   1 
ATOM   1099 C  CA  . LYS A 1 143 ? 1.452   -11.235 11.176  1.00 25.95 ? 399 LYS A CA  1 
ATOM   1100 C  C   . LYS A 1 143 ? 1.516   -11.370 9.654   1.00 23.89 ? 399 LYS A C   1 
ATOM   1101 O  O   . LYS A 1 143 ? 2.571   -11.659 9.096   1.00 24.75 ? 399 LYS A O   1 
ATOM   1102 C  CB  . LYS A 1 143 ? 0.841   -12.510 11.782  1.00 28.09 ? 399 LYS A CB  1 
ATOM   1103 C  CG  . LYS A 1 143 ? 1.650   -13.774 11.551  1.00 31.41 ? 399 LYS A CG  1 
ATOM   1104 C  CD  . LYS A 1 143 ? 0.844   -15.042 11.848  1.00 33.27 ? 399 LYS A CD  1 
ATOM   1105 C  CE  . LYS A 1 143 ? 1.227   -16.183 10.910  1.00 34.81 ? 399 LYS A CE  1 
ATOM   1106 N  NZ  . LYS A 1 143 ? 2.680   -16.495 10.958  1.00 36.93 ? 399 LYS A NZ  1 
ATOM   1107 N  N   . THR A 1 144 ? 0.382   -11.140 9.004   1.00 23.90 ? 400 THR A N   1 
ATOM   1108 C  CA  . THR A 1 144 ? 0.280   -11.278 7.553   1.00 24.76 ? 400 THR A CA  1 
ATOM   1109 C  C   . THR A 1 144 ? 1.226   -10.302 6.844   1.00 22.99 ? 400 THR A C   1 
ATOM   1110 O  O   . THR A 1 144 ? 1.949   -10.681 5.910   1.00 22.97 ? 400 THR A O   1 
ATOM   1111 C  CB  . THR A 1 144 ? -1.172  -11.073 7.085   1.00 25.91 ? 400 THR A CB  1 
ATOM   1112 O  OG1 . THR A 1 144 ? -2.038  -11.959 7.813   1.00 27.95 ? 400 THR A OG1 1 
ATOM   1113 C  CG2 . THR A 1 144 ? -1.316  -11.334 5.593   1.00 27.06 ? 400 THR A CG2 1 
ATOM   1114 N  N   . ILE A 1 145 ? 1.245   -9.055  7.326   1.00 21.00 ? 401 ILE A N   1 
ATOM   1115 C  CA  . ILE A 1 145 ? 2.135   -8.024  6.765   1.00 20.39 ? 401 ILE A CA  1 
ATOM   1116 C  C   . ILE A 1 145 ? 3.597   -8.412  6.950   1.00 19.98 ? 401 ILE A C   1 
ATOM   1117 O  O   . ILE A 1 145 ? 4.391   -8.402  5.985   1.00 19.55 ? 401 ILE A O   1 
ATOM   1118 C  CB  . ILE A 1 145 ? 1.889   -6.631  7.415   1.00 20.07 ? 401 ILE A CB  1 
ATOM   1119 C  CG1 . ILE A 1 145 ? 0.461   -6.143  7.135   1.00 20.96 ? 401 ILE A CG1 1 
ATOM   1120 C  CG2 . ILE A 1 145 ? 2.913   -5.608  6.918   1.00 20.47 ? 401 ILE A CG2 1 
ATOM   1121 C  CD1 . ILE A 1 145 ? 0.074   -4.906  7.908   1.00 22.11 ? 401 ILE A CD1 1 
ATOM   1122 N  N   A LEU A 1 146 ? 3.964   -8.775  8.182   0.50 19.83 ? 402 LEU A N   1 
ATOM   1123 N  N   B LEU A 1 146 ? 3.965   -8.761  8.188   0.50 20.46 ? 402 LEU A N   1 
ATOM   1124 C  CA  A LEU A 1 146 ? 5.350   -9.101  8.495   0.50 20.75 ? 402 LEU A CA  1 
ATOM   1125 C  CA  B LEU A 1 146 ? 5.342   -9.124  8.510   0.50 21.82 ? 402 LEU A CA  1 
ATOM   1126 C  C   A LEU A 1 146 ? 5.854   -10.349 7.756   0.50 21.62 ? 402 LEU A C   1 
ATOM   1127 C  C   B LEU A 1 146 ? 5.839   -10.333 7.719   0.50 22.22 ? 402 LEU A C   1 
ATOM   1128 O  O   A LEU A 1 146 ? 7.004   -10.376 7.333   0.50 22.43 ? 402 LEU A O   1 
ATOM   1129 O  O   B LEU A 1 146 ? 6.965   -10.325 7.235   0.50 22.86 ? 402 LEU A O   1 
ATOM   1130 C  CB  A LEU A 1 146 ? 5.525   -9.238  10.006  0.50 19.96 ? 402 LEU A CB  1 
ATOM   1131 C  CB  B LEU A 1 146 ? 5.489   -9.404  10.001  0.50 21.82 ? 402 LEU A CB  1 
ATOM   1132 C  CG  A LEU A 1 146 ? 5.110   -7.973  10.766  0.50 19.50 ? 402 LEU A CG  1 
ATOM   1133 C  CG  B LEU A 1 146 ? 5.776   -8.212  10.911  0.50 22.18 ? 402 LEU A CG  1 
ATOM   1134 C  CD1 A LEU A 1 146 ? 5.083   -8.198  12.273  0.50 19.99 ? 402 LEU A CD1 1 
ATOM   1135 C  CD1 B LEU A 1 146 ? 4.657   -7.187  10.866  0.50 21.96 ? 402 LEU A CD1 1 
ATOM   1136 C  CD2 A LEU A 1 146 ? 6.032   -6.819  10.409  0.50 19.16 ? 402 LEU A CD2 1 
ATOM   1137 C  CD2 B LEU A 1 146 ? 5.998   -8.707  12.332  0.50 22.47 ? 402 LEU A CD2 1 
ATOM   1138 N  N   . ASP A 1 147 ? 4.993   -11.353 7.593   1.00 23.53 ? 403 ASP A N   1 
ATOM   1139 C  CA  . ASP A 1 147 ? 5.333   -12.578 6.833   1.00 24.82 ? 403 ASP A CA  1 
ATOM   1140 C  C   . ASP A 1 147 ? 5.624   -12.302 5.355   1.00 23.52 ? 403 ASP A C   1 
ATOM   1141 O  O   . ASP A 1 147 ? 6.603   -12.831 4.811   1.00 22.86 ? 403 ASP A O   1 
ATOM   1142 C  CB  . ASP A 1 147 ? 4.201   -13.617 6.934   1.00 27.58 ? 403 ASP A CB  1 
ATOM   1143 C  CG  . ASP A 1 147 ? 4.114   -14.299 8.312   1.00 31.45 ? 403 ASP A CG  1 
ATOM   1144 O  OD1 . ASP A 1 147 ? 5.073   -14.259 9.116   1.00 36.37 ? 403 ASP A OD1 1 
ATOM   1145 O  OD2 . ASP A 1 147 ? 3.055   -14.900 8.594   1.00 35.92 ? 403 ASP A OD2 1 
ATOM   1146 N  N   . GLU A 1 148 ? 4.801   -11.457 4.711   1.00 22.90 ? 404 GLU A N   1 
ATOM   1147 C  CA  . GLU A 1 148 ? 5.050   -11.063 3.320   1.00 22.41 ? 404 GLU A CA  1 
ATOM   1148 C  C   . GLU A 1 148 ? 6.380   -10.363 3.178   1.00 21.06 ? 404 GLU A C   1 
ATOM   1149 O  O   . GLU A 1 148 ? 7.090   -10.598 2.215   1.00 21.37 ? 404 GLU A O   1 
ATOM   1150 C  CB  . GLU A 1 148 ? 3.945   -10.151 2.748   1.00 24.28 ? 404 GLU A CB  1 
ATOM   1151 C  CG  . GLU A 1 148 ? 2.631   -10.869 2.484   1.00 25.15 ? 404 GLU A CG  1 
ATOM   1152 C  CD  . GLU A 1 148 ? 1.797   -10.325 1.324   1.00 25.07 ? 404 GLU A CD  1 
ATOM   1153 O  OE1 . GLU A 1 148 ? 2.217   -9.418  0.565   1.00 25.60 ? 404 GLU A OE1 1 
ATOM   1154 O  OE2 . GLU A 1 148 ? 0.677   -10.833 1.184   1.00 26.47 ? 404 GLU A OE2 1 
ATOM   1155 N  N   . LEU A 1 149 ? 6.718   -9.481  4.121   1.00 20.59 ? 405 LEU A N   1 
ATOM   1156 C  CA  . LEU A 1 149 ? 8.002   -8.779  4.062   1.00 21.55 ? 405 LEU A CA  1 
ATOM   1157 C  C   . LEU A 1 149 ? 9.162   -9.740  4.320   1.00 22.95 ? 405 LEU A C   1 
ATOM   1158 O  O   . LEU A 1 149 ? 10.134  -9.736  3.580   1.00 23.18 ? 405 LEU A O   1 
ATOM   1159 C  CB  . LEU A 1 149 ? 8.038   -7.604  5.040   1.00 20.83 ? 405 LEU A CB  1 
ATOM   1160 C  CG  . LEU A 1 149 ? 7.165   -6.406  4.639   1.00 20.68 ? 405 LEU A CG  1 
ATOM   1161 C  CD1 . LEU A 1 149 ? 7.023   -5.432  5.805   1.00 20.87 ? 405 LEU A CD1 1 
ATOM   1162 C  CD2 . LEU A 1 149 ? 7.744   -5.678  3.432   1.00 20.84 ? 405 LEU A CD2 1 
ATOM   1163 N  N   . ARG A 1 150 ? 9.028   -10.571 5.362   1.00 24.73 ? 406 ARG A N   1 
ATOM   1164 C  CA  . ARG A 1 150 ? 10.071  -11.527 5.735   1.00 28.04 ? 406 ARG A CA  1 
ATOM   1165 C  C   . ARG A 1 150 ? 10.336  -12.564 4.641   1.00 26.87 ? 406 ARG A C   1 
ATOM   1166 O  O   . ARG A 1 150 ? 11.485  -12.946 4.421   1.00 27.85 ? 406 ARG A O   1 
ATOM   1167 C  CB  . ARG A 1 150 ? 9.700   -12.226 7.049   1.00 31.00 ? 406 ARG A CB  1 
ATOM   1168 C  CG  . ARG A 1 150 ? 10.793  -13.116 7.615   1.00 34.58 ? 406 ARG A CG  1 
ATOM   1169 C  CD  . ARG A 1 150 ? 10.346  -13.831 8.882   1.00 38.12 ? 406 ARG A CD  1 
ATOM   1170 N  NE  . ARG A 1 150 ? 9.756   -12.914 9.867   1.00 41.27 ? 406 ARG A NE  1 
ATOM   1171 C  CZ  . ARG A 1 150 ? 8.453   -12.758 10.122  1.00 43.89 ? 406 ARG A CZ  1 
ATOM   1172 N  NH1 . ARG A 1 150 ? 7.524   -13.468 9.481   1.00 43.78 ? 406 ARG A NH1 1 
ATOM   1173 N  NH2 . ARG A 1 150 ? 8.074   -11.882 11.056  1.00 45.60 ? 406 ARG A NH2 1 
ATOM   1174 N  N   . ASN A 1 151 ? 9.280   -12.994 3.964   1.00 25.98 ? 407 ASN A N   1 
ATOM   1175 C  CA  . ASN A 1 151 ? 9.382   -14.037 2.931   1.00 27.46 ? 407 ASN A CA  1 
ATOM   1176 C  C   . ASN A 1 151 ? 9.476   -13.498 1.516   1.00 26.69 ? 407 ASN A C   1 
ATOM   1177 O  O   . ASN A 1 151 ? 9.488   -14.290 0.565   1.00 27.38 ? 407 ASN A O   1 
ATOM   1178 C  CB  . ASN A 1 151 ? 8.197   -15.004 3.032   1.00 29.11 ? 407 ASN A CB  1 
ATOM   1179 C  CG  . ASN A 1 151 ? 8.089   -15.674 4.402   1.00 30.92 ? 407 ASN A CG  1 
ATOM   1180 O  OD1 . ASN A 1 151 ? 7.001   -15.815 4.941   1.00 35.76 ? 407 ASN A OD1 1 
ATOM   1181 N  ND2 . ASN A 1 151 ? 9.217   -16.075 4.963   1.00 33.52 ? 407 ASN A ND2 1 
ATOM   1182 N  N   . PHE A 1 152 ? 9.563   -12.172 1.346   1.00 24.40 ? 408 PHE A N   1 
ATOM   1183 C  CA  . PHE A 1 152 ? 9.610   -11.596 0.007   1.00 24.25 ? 408 PHE A CA  1 
ATOM   1184 C  C   . PHE A 1 152 ? 10.779  -12.129 -0.843  1.00 24.91 ? 408 PHE A C   1 
ATOM   1185 O  O   . PHE A 1 152 ? 11.927  -12.088 -0.429  1.00 25.00 ? 408 PHE A O   1 
ATOM   1186 C  CB  . PHE A 1 152 ? 9.686   -10.053 0.031   1.00 22.83 ? 408 PHE A CB  1 
ATOM   1187 C  CG  . PHE A 1 152 ? 9.710   -9.440  -1.353  1.00 21.98 ? 408 PHE A CG  1 
ATOM   1188 C  CD1 . PHE A 1 152 ? 8.535   -9.280  -2.072  1.00 21.64 ? 408 PHE A CD1 1 
ATOM   1189 C  CD2 . PHE A 1 152 ? 10.914  -9.084  -1.961  1.00 21.39 ? 408 PHE A CD2 1 
ATOM   1190 C  CE1 . PHE A 1 152 ? 8.554   -8.751  -3.349  1.00 21.80 ? 408 PHE A CE1 1 
ATOM   1191 C  CE2 . PHE A 1 152 ? 10.935  -8.561  -3.242  1.00 21.57 ? 408 PHE A CE2 1 
ATOM   1192 C  CZ  . PHE A 1 152 ? 9.749   -8.400  -3.940  1.00 22.16 ? 408 PHE A CZ  1 
ATOM   1193 N  N   . ARG A 1 153 ? 10.454  -12.593 -2.042  1.00 27.76 ? 409 ARG A N   1 
ATOM   1194 C  CA  . ARG A 1 153 ? 11.442  -12.916 -3.070  1.00 29.09 ? 409 ARG A CA  1 
ATOM   1195 C  C   . ARG A 1 153 ? 10.914  -12.442 -4.422  1.00 30.76 ? 409 ARG A C   1 
ATOM   1196 O  O   . ARG A 1 153 ? 9.699   -12.445 -4.664  1.00 31.25 ? 409 ARG A O   1 
ATOM   1197 C  CB  . ARG A 1 153 ? 11.733  -14.423 -3.092  1.00 29.05 ? 409 ARG A CB  1 
ATOM   1198 N  N   . TYR A 1 154 ? 11.828  -12.001 -5.283  1.00 32.25 ? 410 TYR A N   1 
ATOM   1199 C  CA  . TYR A 1 154 ? 11.478  -11.570 -6.639  1.00 33.99 ? 410 TYR A CA  1 
ATOM   1200 C  C   . TYR A 1 154 ? 10.965  -12.703 -7.553  1.00 36.50 ? 410 TYR A C   1 
ATOM   1201 O  O   . TYR A 1 154 ? 10.167  -12.444 -8.452  1.00 38.28 ? 410 TYR A O   1 
ATOM   1202 C  CB  . TYR A 1 154 ? 12.674  -10.895 -7.308  1.00 33.19 ? 410 TYR A CB  1 
ATOM   1203 C  CG  . TYR A 1 154 ? 12.929  -9.478  -6.867  1.00 32.18 ? 410 TYR A CG  1 
ATOM   1204 C  CD1 . TYR A 1 154 ? 12.041  -8.455  -7.201  1.00 31.52 ? 410 TYR A CD1 1 
ATOM   1205 C  CD2 . TYR A 1 154 ? 14.071  -9.146  -6.138  1.00 30.85 ? 410 TYR A CD2 1 
ATOM   1206 C  CE1 . TYR A 1 154 ? 12.280  -7.148  -6.818  1.00 29.67 ? 410 TYR A CE1 1 
ATOM   1207 C  CE2 . TYR A 1 154 ? 14.319  -7.834  -5.750  1.00 30.47 ? 410 TYR A CE2 1 
ATOM   1208 C  CZ  . TYR A 1 154 ? 13.412  -6.841  -6.090  1.00 30.29 ? 410 TYR A CZ  1 
ATOM   1209 O  OH  . TYR A 1 154 ? 13.643  -5.539  -5.728  1.00 29.96 ? 410 TYR A OH  1 
ATOM   1210 N  N   . TYR A 1 155 ? 11.421  -13.937 -7.336  1.00 39.79 ? 411 TYR A N   1 
ATOM   1211 C  CA  . TYR A 1 155 ? 10.926  -15.099 -8.101  1.00 43.36 ? 411 TYR A CA  1 
ATOM   1212 C  C   . TYR A 1 155 ? 10.776  -16.320 -7.203  1.00 46.20 ? 411 TYR A C   1 
ATOM   1213 O  O   . TYR A 1 155 ? 11.766  -16.854 -6.709  1.00 48.67 ? 411 TYR A O   1 
ATOM   1214 C  CB  . TYR A 1 155 ? 11.879  -15.420 -9.258  1.00 44.13 ? 411 TYR A CB  1 
ATOM   1215 N  N   . GLY A 1 170 ? 2.602   -17.613 -2.518  1.00 35.68 ? 426 GLY A N   1 
ATOM   1216 C  CA  . GLY A 1 170 ? 3.573   -16.685 -1.940  1.00 33.13 ? 426 GLY A CA  1 
ATOM   1217 C  C   . GLY A 1 170 ? 3.302   -15.254 -2.370  1.00 31.29 ? 426 GLY A C   1 
ATOM   1218 O  O   . GLY A 1 170 ? 3.976   -14.723 -3.252  1.00 33.86 ? 426 GLY A O   1 
ATOM   1219 N  N   . HIS A 1 171 ? 2.329   -14.634 -1.718  1.00 27.58 ? 427 HIS A N   1 
ATOM   1220 C  CA  . HIS A 1 171 ? 1.831   -13.312 -2.105  1.00 26.12 ? 427 HIS A CA  1 
ATOM   1221 C  C   . HIS A 1 171 ? 2.827   -12.192 -1.784  1.00 23.28 ? 427 HIS A C   1 
ATOM   1222 O  O   . HIS A 1 171 ? 3.557   -12.267 -0.789  1.00 23.74 ? 427 HIS A O   1 
ATOM   1223 C  CB  . HIS A 1 171 ? 0.541   -12.986 -1.358  1.00 26.43 ? 427 HIS A CB  1 
ATOM   1224 C  CG  . HIS A 1 171 ? -0.615  -13.860 -1.717  1.00 28.18 ? 427 HIS A CG  1 
ATOM   1225 N  ND1 . HIS A 1 171 ? -1.207  -13.838 -2.957  1.00 29.44 ? 427 HIS A ND1 1 
ATOM   1226 C  CD2 . HIS A 1 171 ? -1.321  -14.747 -0.978  1.00 29.18 ? 427 HIS A CD2 1 
ATOM   1227 C  CE1 . HIS A 1 171 ? -2.208  -14.702 -2.985  1.00 30.05 ? 427 HIS A CE1 1 
ATOM   1228 N  NE2 . HIS A 1 171 ? -2.301  -15.264 -1.793  1.00 30.08 ? 427 HIS A NE2 1 
ATOM   1229 N  N   . ASP A 1 172 ? 2.820   -11.164 -2.623  1.00 21.60 ? 428 ASP A N   1 
ATOM   1230 C  CA  . ASP A 1 172 ? 3.594   -9.928  -2.394  1.00 21.21 ? 428 ASP A CA  1 
ATOM   1231 C  C   . ASP A 1 172 ? 2.742   -8.654  -2.554  1.00 18.31 ? 428 ASP A C   1 
ATOM   1232 O  O   . ASP A 1 172 ? 3.284   -7.558  -2.681  1.00 17.73 ? 428 ASP A O   1 
ATOM   1233 C  CB  . ASP A 1 172 ? 4.815   -9.873  -3.324  1.00 22.35 ? 428 ASP A CB  1 
ATOM   1234 C  CG  . ASP A 1 172 ? 4.455   -9.584  -4.788  1.00 25.48 ? 428 ASP A CG  1 
ATOM   1235 O  OD1 . ASP A 1 172 ? 3.265   -9.603  -5.186  1.00 26.09 ? 428 ASP A OD1 1 
ATOM   1236 O  OD2 . ASP A 1 172 ? 5.400   -9.327  -5.575  1.00 29.40 ? 428 ASP A OD2 1 
ATOM   1237 N  N   . ASP A 1 173 ? 1.417   -8.779  -2.512  1.00 17.22 ? 429 ASP A N   1 
ATOM   1238 C  CA  . ASP A 1 173 ? 0.542   -7.625  -2.711  1.00 16.28 ? 429 ASP A CA  1 
ATOM   1239 C  C   . ASP A 1 173 ? 0.694   -6.535  -1.632  1.00 15.76 ? 429 ASP A C   1 
ATOM   1240 O  O   . ASP A 1 173 ? 0.586   -5.340  -1.932  1.00 15.08 ? 429 ASP A O   1 
ATOM   1241 C  CB  . ASP A 1 173 ? -0.922  -8.046  -2.754  1.00 16.89 ? 429 ASP A CB  1 
ATOM   1242 C  CG  . ASP A 1 173 ? -1.123  -9.296  -3.545  1.00 17.91 ? 429 ASP A CG  1 
ATOM   1243 O  OD1 . ASP A 1 173 ? -1.091  -9.210  -4.791  1.00 19.78 ? 429 ASP A OD1 1 
ATOM   1244 O  OD2 . ASP A 1 173 ? -1.234  -10.357 -2.895  1.00 19.16 ? 429 ASP A OD2 1 
ATOM   1245 N  N   . ILE A 1 174 ? 0.940   -6.954  -0.388  1.00 14.79 ? 430 ILE A N   1 
ATOM   1246 C  CA  . ILE A 1 174 ? 1.189   -5.992  0.700   1.00 14.41 ? 430 ILE A CA  1 
ATOM   1247 C  C   . ILE A 1 174 ? 2.496   -5.260  0.452   1.00 14.11 ? 430 ILE A C   1 
ATOM   1248 O  O   . ILE A 1 174 ? 2.535   -4.031  0.580   1.00 13.17 ? 430 ILE A O   1 
ATOM   1249 C  CB  . ILE A 1 174 ? 1.212   -6.660  2.092   1.00 15.13 ? 430 ILE A CB  1 
ATOM   1250 C  CG1 . ILE A 1 174 ? -0.163  -7.274  2.384   1.00 15.75 ? 430 ILE A CG1 1 
ATOM   1251 C  CG2 . ILE A 1 174 ? 1.597   -5.675  3.181   1.00 15.27 ? 430 ILE A CG2 1 
ATOM   1252 C  CD1 . ILE A 1 174 ? -0.141  -8.269  3.519   1.00 16.56 ? 430 ILE A CD1 1 
ATOM   1253 N  N   . VAL A 1 175 ? 3.538   -6.009  0.077   1.00 13.99 ? 431 VAL A N   1 
ATOM   1254 C  CA  . VAL A 1 175 ? 4.833   -5.407  -0.202  1.00 14.16 ? 431 VAL A CA  1 
ATOM   1255 C  C   . VAL A 1 175 ? 4.720   -4.356  -1.297  1.00 13.51 ? 431 VAL A C   1 
ATOM   1256 O  O   . VAL A 1 175 ? 5.231   -3.237  -1.142  1.00 12.53 ? 431 VAL A O   1 
ATOM   1257 C  CB  . VAL A 1 175 ? 5.895   -6.444  -0.599  1.00 15.73 ? 431 VAL A CB  1 
ATOM   1258 C  CG1 . VAL A 1 175 ? 7.233   -5.773  -0.785  1.00 16.75 ? 431 VAL A CG1 1 
ATOM   1259 C  CG2 . VAL A 1 175 ? 6.016   -7.525  0.479   1.00 16.77 ? 431 VAL A CG2 1 
ATOM   1260 N  N   . MET A 1 176 ? 4.034   -4.702  -2.379  1.00 13.64 ? 432 MET A N   1 
ATOM   1261 C  CA  . MET A 1 176 ? 3.901   -3.770  -3.476  1.00 14.38 ? 432 MET A CA  1 
ATOM   1262 C  C   . MET A 1 176 ? 3.097   -2.532  -3.120  1.00 12.98 ? 432 MET A C   1 
ATOM   1263 O  O   . MET A 1 176 ? 3.447   -1.421  -3.503  1.00 12.73 ? 432 MET A O   1 
ATOM   1264 C  CB  . MET A 1 176 ? 3.342   -4.475  -4.707  1.00 16.80 ? 432 MET A CB  1 
ATOM   1265 C  CG  . MET A 1 176 ? 4.287   -5.521  -5.271  1.00 18.78 ? 432 MET A CG  1 
ATOM   1266 S  SD  . MET A 1 176 ? 5.952   -4.899  -5.621  1.00 23.37 ? 432 MET A SD  1 
ATOM   1267 C  CE  . MET A 1 176 ? 5.614   -3.498  -6.669  1.00 23.27 ? 432 MET A CE  1 
ATOM   1268 N  N   . SER A 1 177 ? 2.015   -2.718  -2.367  1.00 12.70 ? 433 SER A N   1 
ATOM   1269 C  CA  . SER A 1 177 ? 1.237   -1.579  -1.927  1.00 11.89 ? 433 SER A CA  1 
ATOM   1270 C  C   . SER A 1 177 ? 2.056   -0.619  -1.030  1.00 11.71 ? 433 SER A C   1 
ATOM   1271 O  O   . SER A 1 177 ? 2.031   0.594   -1.193  1.00 11.38 ? 433 SER A O   1 
ATOM   1272 C  CB  . SER A 1 177 ? 0.017   -2.086  -1.173  1.00 12.33 ? 433 SER A CB  1 
ATOM   1273 O  OG  . SER A 1 177 ? -0.697  -1.028  -0.598  1.00 12.26 ? 433 SER A OG  1 
ATOM   1274 N  N   . LEU A 1 178 ? 2.779   -1.198  -0.079  1.00 11.28 ? 434 LEU A N   1 
ATOM   1275 C  CA  . LEU A 1 178 ? 3.657   -0.384  0.752   1.00 11.00 ? 434 LEU A CA  1 
ATOM   1276 C  C   . LEU A 1 178 ? 4.715   0.343   -0.089  1.00 10.65 ? 434 LEU A C   1 
ATOM   1277 O  O   . LEU A 1 178 ? 5.037   1.508   0.184   1.00 10.72 ? 434 LEU A O   1 
ATOM   1278 C  CB  . LEU A 1 178 ? 4.356   -1.237  1.799   1.00 11.06 ? 434 LEU A CB  1 
ATOM   1279 C  CG  . LEU A 1 178 ? 3.471   -1.771  2.927   1.00 11.61 ? 434 LEU A CG  1 
ATOM   1280 C  CD1 . LEU A 1 178 ? 4.273   -2.804  3.720   1.00 11.97 ? 434 LEU A CD1 1 
ATOM   1281 C  CD2 . LEU A 1 178 ? 2.934   -0.676  3.818   1.00 12.24 ? 434 LEU A CD2 1 
ATOM   1282 N  N   . ALA A 1 179 ? 5.292   -0.358  -1.056  1.00 10.28 ? 435 ALA A N   1 
ATOM   1283 C  CA  . ALA A 1 179 ? 6.319   0.255   -1.889  1.00 10.65 ? 435 ALA A CA  1 
ATOM   1284 C  C   . ALA A 1 179 ? 5.736   1.403   -2.712  1.00 10.76 ? 435 ALA A C   1 
ATOM   1285 O  O   . ALA A 1 179 ? 6.391   2.431   -2.893  1.00 11.20 ? 435 ALA A O   1 
ATOM   1286 C  CB  . ALA A 1 179 ? 6.990   -0.780  -2.759  1.00 10.65 ? 435 ALA A CB  1 
ATOM   1287 N  N   . LEU A 1 180 ? 4.534   1.216   -3.238  1.00 11.08 ? 436 LEU A N   1 
ATOM   1288 C  CA  . LEU A 1 180 ? 3.883   2.289   -3.988  1.00 11.48 ? 436 LEU A CA  1 
ATOM   1289 C  C   . LEU A 1 180 ? 3.632   3.500   -3.101  1.00 11.16 ? 436 LEU A C   1 
ATOM   1290 O  O   . LEU A 1 180 ? 3.847   4.625   -3.524  1.00 12.63 ? 436 LEU A O   1 
ATOM   1291 C  CB  . LEU A 1 180 ? 2.574   1.789   -4.618  1.00 11.90 ? 436 LEU A CB  1 
ATOM   1292 C  CG  . LEU A 1 180 ? 2.718   0.789   -5.755  1.00 12.54 ? 436 LEU A CG  1 
ATOM   1293 C  CD1 . LEU A 1 180 ? 1.445   -0.037  -5.905  1.00 12.89 ? 436 LEU A CD1 1 
ATOM   1294 C  CD2 . LEU A 1 180 ? 3.071   1.528   -7.044  1.00 13.36 ? 436 LEU A CD2 1 
ATOM   1295 N  N   . ALA A 1 181 ? 3.206   3.303   -1.858  1.00 10.76 ? 437 ALA A N   1 
ATOM   1296 C  CA  . ALA A 1 181 ? 3.015   4.426   -0.927  1.00 10.99 ? 437 ALA A CA  1 
ATOM   1297 C  C   . ALA A 1 181 ? 4.323   5.121   -0.599  1.00 11.26 ? 437 ALA A C   1 
ATOM   1298 O  O   . ALA A 1 181 ? 4.444   6.341   -0.706  1.00 12.01 ? 437 ALA A O   1 
ATOM   1299 C  CB  . ALA A 1 181 ? 2.351   3.959   0.366   1.00 11.90 ? 437 ALA A CB  1 
ATOM   1300 N  N   . TYR A 1 182 ? 5.325   4.331   -0.197  1.00 11.24 ? 438 TYR A N   1 
ATOM   1301 C  CA  . TYR A 1 182 ? 6.601   4.914   0.221   1.00 11.10 ? 438 TYR A CA  1 
ATOM   1302 C  C   . TYR A 1 182 ? 7.412   5.501   -0.956  1.00 11.19 ? 438 TYR A C   1 
ATOM   1303 O  O   . TYR A 1 182 ? 8.368   6.226   -0.727  1.00 12.08 ? 438 TYR A O   1 
ATOM   1304 C  CB  . TYR A 1 182 ? 7.427   3.914   1.037   1.00 11.07 ? 438 TYR A CB  1 
ATOM   1305 C  CG  . TYR A 1 182 ? 7.072   3.910   2.503   1.00 11.03 ? 438 TYR A CG  1 
ATOM   1306 C  CD1 . TYR A 1 182 ? 7.576   4.876   3.373   1.00 11.18 ? 438 TYR A CD1 1 
ATOM   1307 C  CD2 . TYR A 1 182 ? 6.204   2.958   3.016   1.00 11.06 ? 438 TYR A CD2 1 
ATOM   1308 C  CE1 . TYR A 1 182 ? 7.216   4.897   4.714   1.00 11.38 ? 438 TYR A CE1 1 
ATOM   1309 C  CE2 . TYR A 1 182 ? 5.859   2.956   4.358   1.00 11.01 ? 438 TYR A CE2 1 
ATOM   1310 C  CZ  . TYR A 1 182 ? 6.374   3.919   5.199   1.00 11.36 ? 438 TYR A CZ  1 
ATOM   1311 O  OH  . TYR A 1 182 ? 6.023   3.897   6.522   1.00 12.47 ? 438 TYR A OH  1 
ATOM   1312 N  N   . SER A 1 183 ? 7.002   5.240   -2.189  1.00 11.88 ? 439 SER A N   1 
ATOM   1313 C  CA  . SER A 1 183 ? 7.616   5.924   -3.332  1.00 12.69 ? 439 SER A CA  1 
ATOM   1314 C  C   . SER A 1 183 ? 7.436   7.447   -3.234  1.00 13.58 ? 439 SER A C   1 
ATOM   1315 O  O   . SER A 1 183 ? 8.150   8.174   -3.892  1.00 14.56 ? 439 SER A O   1 
ATOM   1316 C  CB  . SER A 1 183 ? 7.055   5.400   -4.663  1.00 12.84 ? 439 SER A CB  1 
ATOM   1317 O  OG  . SER A 1 183 ? 5.733   5.871   -4.897  1.00 13.54 ? 439 SER A OG  1 
ATOM   1318 N  N   . GLN A 1 184 ? 6.459   7.913   -2.463  1.00 14.00 ? 440 GLN A N   1 
ATOM   1319 C  CA  . GLN A 1 184 ? 6.184   9.342   -2.309  1.00 15.17 ? 440 GLN A CA  1 
ATOM   1320 C  C   . GLN A 1 184 ? 6.891   9.990   -1.137  1.00 16.67 ? 440 GLN A C   1 
ATOM   1321 O  O   . GLN A 1 184 ? 6.787   11.206  -0.950  1.00 17.24 ? 440 GLN A O   1 
ATOM   1322 C  CB  . GLN A 1 184 ? 4.666   9.537   -2.151  1.00 15.88 ? 440 GLN A CB  1 
ATOM   1323 C  CG  . GLN A 1 184 ? 3.876   8.986   -3.302  1.00 17.15 ? 440 GLN A CG  1 
ATOM   1324 C  CD  . GLN A 1 184 ? 4.344   9.585   -4.600  1.00 19.13 ? 440 GLN A CD  1 
ATOM   1325 O  OE1 . GLN A 1 184 ? 4.102   10.764  -4.866  1.00 20.80 ? 440 GLN A OE1 1 
ATOM   1326 N  NE2 . GLN A 1 184 ? 5.043   8.799   -5.397  1.00 20.12 ? 440 GLN A NE2 1 
ATOM   1327 N  N   . TYR A 1 185 ? 7.614   9.213   -0.340  1.00 16.06 ? 441 TYR A N   1 
ATOM   1328 C  CA  . TYR A 1 185 ? 8.211   9.710   0.874   1.00 19.73 ? 441 TYR A CA  1 
ATOM   1329 C  C   . TYR A 1 185 ? 9.689   10.053  0.658   1.00 24.08 ? 441 TYR A C   1 
ATOM   1330 O  O   . TYR A 1 185 ? 10.454  9.207   0.219   1.00 27.13 ? 441 TYR A O   1 
ATOM   1331 C  CB  . TYR A 1 185 ? 8.070   8.652   1.952   1.00 18.91 ? 441 TYR A CB  1 
ATOM   1332 C  CG  . TYR A 1 185 ? 8.466   9.122   3.325   1.00 19.59 ? 441 TYR A CG  1 
ATOM   1333 C  CD1 . TYR A 1 185 ? 7.755   10.147  3.957   1.00 20.89 ? 441 TYR A CD1 1 
ATOM   1334 C  CD2 . TYR A 1 185 ? 9.535   8.554   3.997   1.00 21.15 ? 441 TYR A CD2 1 
ATOM   1335 C  CE1 . TYR A 1 185 ? 8.111   10.593  5.213   1.00 21.01 ? 441 TYR A CE1 1 
ATOM   1336 C  CE2 . TYR A 1 185 ? 9.889   8.986   5.268   1.00 21.61 ? 441 TYR A CE2 1 
ATOM   1337 C  CZ  . TYR A 1 185 ? 9.167   10.013  5.864   1.00 22.27 ? 441 TYR A CZ  1 
ATOM   1338 O  OH  . TYR A 1 185 ? 9.489   10.473  7.125   1.00 23.81 ? 441 TYR A OH  1 
ATOM   1339 N  N   . GLU A 1 186 ? 10.067  11.273  1.025   1.00 31.95 ? 442 GLU A N   1 
ATOM   1340 C  CA  . GLU A 1 186 ? 11.476  11.701  1.041   1.00 37.38 ? 442 GLU A CA  1 
ATOM   1341 C  C   . GLU A 1 186 ? 12.083  11.404  2.410   1.00 37.66 ? 442 GLU A C   1 
ATOM   1342 O  O   . GLU A 1 186 ? 11.581  11.882  3.426   1.00 39.74 ? 442 GLU A O   1 
ATOM   1343 C  CB  . GLU A 1 186 ? 11.581  13.202  0.735   1.00 41.84 ? 442 GLU A CB  1 
ATOM   1344 C  CG  . GLU A 1 186 ? 13.005  13.723  0.518   1.00 45.02 ? 442 GLU A CG  1 
ATOM   1345 C  CD  . GLU A 1 186 ? 13.066  15.230  0.269   1.00 48.31 ? 442 GLU A CD  1 
ATOM   1346 O  OE1 . GLU A 1 186 ? 14.147  15.722  -0.122  1.00 51.18 ? 442 GLU A OE1 1 
ATOM   1347 O  OE2 . GLU A 1 186 ? 12.042  15.934  0.468   1.00 52.80 ? 442 GLU A OE2 1 
HETATM 1348 ZN ZN  . ZN  B 2 .   ? -1.171  -12.025 -4.172  1.00 22.36 ? 501 ZN  A ZN  1 
HETATM 1349 ZN ZN  . ZN  C 2 .   ? -15.221 12.439  -2.044  0.60 18.80 ? 502 ZN  A ZN  1 
HETATM 1350 ZN ZN  . ZN  D 2 .   ? -0.744  -8.011  -6.364  0.60 25.07 ? 503 ZN  A ZN  1 
HETATM 1351 ZN ZN  A ZN  E 2 .   ? 15.953  -9.922  12.915  0.60 27.33 ? 504 ZN  A ZN  1 
HETATM 1352 ZN ZN  B ZN  E 2 .   ? 17.675  -9.837  13.287  0.40 31.44 ? 504 ZN  A ZN  1 
HETATM 1353 O  O   . HOH F 3 .   ? 15.764  -5.080  -4.530  1.00 40.36 ? 601 HOH A O   1 
HETATM 1354 O  O   . HOH F 3 .   ? -2.691  -7.704  -6.270  1.00 39.34 ? 602 HOH A O   1 
HETATM 1355 O  O   . HOH F 3 .   ? -1.483  -10.193 0.073   1.00 22.35 ? 603 HOH A O   1 
HETATM 1356 O  O   . HOH F 3 .   ? 14.703  15.802  -2.614  1.00 37.02 ? 604 HOH A O   1 
HETATM 1357 O  O   . HOH F 3 .   ? 18.744  8.461   0.626   1.00 30.82 ? 605 HOH A O   1 
HETATM 1358 O  O   A HOH F 3 .   ? -3.177  9.878   10.855  0.50 16.49 ? 606 HOH A O   1 
HETATM 1359 O  O   B HOH F 3 .   ? -1.596  9.884   10.650  0.50 27.82 ? 606 HOH A O   1 
HETATM 1360 O  O   . HOH F 3 .   ? 5.635   -8.560  15.743  1.00 35.21 ? 607 HOH A O   1 
HETATM 1361 O  O   . HOH F 3 .   ? -2.967  -11.180 10.441  1.00 40.15 ? 608 HOH A O   1 
HETATM 1362 O  O   . HOH F 3 .   ? -9.070  -4.249  17.108  1.00 28.90 ? 609 HOH A O   1 
HETATM 1363 O  O   . HOH F 3 .   ? -12.068 10.149  7.984   1.00 33.30 ? 610 HOH A O   1 
HETATM 1364 O  O   . HOH F 3 .   ? 5.826   13.606  -1.358  1.00 36.06 ? 611 HOH A O   1 
HETATM 1365 O  O   . HOH F 3 .   ? -2.341  -1.167  -18.394 1.00 34.26 ? 612 HOH A O   1 
HETATM 1366 O  O   . HOH F 3 .   ? 8.258   12.644  7.966   1.00 46.99 ? 613 HOH A O   1 
HETATM 1367 O  O   . HOH F 3 .   ? 19.790  2.512   10.205  1.00 31.09 ? 614 HOH A O   1 
HETATM 1368 O  O   . HOH F 3 .   ? -2.685  13.939  -0.745  1.00 33.67 ? 615 HOH A O   1 
HETATM 1369 O  O   . HOH F 3 .   ? 0.341   -13.154 2.383   1.00 34.39 ? 616 HOH A O   1 
HETATM 1370 O  O   . HOH F 3 .   ? -0.519  -10.031 -7.375  1.00 26.54 ? 617 HOH A O   1 
HETATM 1371 O  O   . HOH F 3 .   ? 17.895  -5.624  9.847   1.00 26.90 ? 618 HOH A O   1 
HETATM 1372 O  O   . HOH F 3 .   ? 12.885  7.851   -0.848  1.00 27.77 ? 619 HOH A O   1 
HETATM 1373 O  O   . HOH F 3 .   ? -9.807  10.165  -4.385  1.00 32.60 ? 620 HOH A O   1 
HETATM 1374 O  O   . HOH F 3 .   ? 1.443   8.766   11.613  1.00 28.59 ? 621 HOH A O   1 
HETATM 1375 O  O   . HOH F 3 .   ? 1.143   -15.087 6.751   1.00 37.36 ? 622 HOH A O   1 
HETATM 1376 O  O   . HOH F 3 .   ? 15.104  4.997   -0.252  1.00 31.05 ? 623 HOH A O   1 
HETATM 1377 O  O   . HOH F 3 .   ? -15.080 11.387  -3.923  1.00 29.29 ? 624 HOH A O   1 
HETATM 1378 O  O   . HOH F 3 .   ? 4.384   -6.795  -14.254 1.00 41.07 ? 625 HOH A O   1 
HETATM 1379 O  O   . HOH F 3 .   ? 1.576   -4.973  -12.254 1.00 29.54 ? 626 HOH A O   1 
HETATM 1380 O  O   . HOH F 3 .   ? -5.204  16.012  4.335   1.00 25.44 ? 627 HOH A O   1 
HETATM 1381 O  O   . HOH F 3 .   ? -12.515 1.471   2.222   1.00 26.25 ? 628 HOH A O   1 
HETATM 1382 O  O   . HOH F 3 .   ? 11.132  -4.885  13.088  1.00 17.00 ? 629 HOH A O   1 
HETATM 1383 O  O   . HOH F 3 .   ? 2.216   -4.214  -8.057  1.00 30.27 ? 630 HOH A O   1 
HETATM 1384 O  O   . HOH F 3 .   ? -2.658  -14.357 2.790   1.00 44.43 ? 631 HOH A O   1 
HETATM 1385 O  O   . HOH F 3 .   ? -2.467  2.875   16.948  1.00 25.01 ? 632 HOH A O   1 
HETATM 1386 O  O   . HOH F 3 .   ? -9.473  5.618   9.975   1.00 43.57 ? 633 HOH A O   1 
HETATM 1387 O  O   . HOH F 3 .   ? 9.112   2.724   -2.971  1.00 16.45 ? 634 HOH A O   1 
HETATM 1388 O  O   . HOH F 3 .   ? -15.929 7.800   2.470   1.00 33.64 ? 635 HOH A O   1 
HETATM 1389 O  O   . HOH F 3 .   ? 6.917   13.152  2.901   1.00 35.35 ? 636 HOH A O   1 
HETATM 1390 O  O   . HOH F 3 .   ? 18.227  -3.571  2.060   1.00 36.55 ? 637 HOH A O   1 
HETATM 1391 O  O   . HOH F 3 .   ? 15.251  -0.756  -11.395 1.00 22.11 ? 638 HOH A O   1 
HETATM 1392 O  O   . HOH F 3 .   ? 10.420  -0.605  -17.797 1.00 23.13 ? 639 HOH A O   1 
HETATM 1393 O  O   . HOH F 3 .   ? -14.634 8.845   7.311   1.00 30.88 ? 640 HOH A O   1 
HETATM 1394 O  O   . HOH F 3 .   ? -6.918  -8.294  14.343  1.00 43.46 ? 641 HOH A O   1 
HETATM 1395 O  O   . HOH F 3 .   ? -2.906  -3.670  -11.722 1.00 37.46 ? 642 HOH A O   1 
HETATM 1396 O  O   . HOH F 3 .   ? 5.097   16.443  4.657   1.00 48.51 ? 643 HOH A O   1 
HETATM 1397 O  O   . HOH F 3 .   ? -0.728  -4.502  -20.715 1.00 39.65 ? 644 HOH A O   1 
HETATM 1398 O  O   . HOH F 3 .   ? 5.971   2.181   -15.605 1.00 33.58 ? 645 HOH A O   1 
HETATM 1399 O  O   . HOH F 3 .   ? 1.312   -7.910  -6.206  1.00 28.82 ? 646 HOH A O   1 
HETATM 1400 O  O   . HOH F 3 .   ? 15.825  -3.355  3.956   1.00 25.41 ? 647 HOH A O   1 
HETATM 1401 O  O   . HOH F 3 .   ? 17.827  -0.699  -1.485  1.00 26.97 ? 648 HOH A O   1 
HETATM 1402 O  O   . HOH F 3 .   ? -0.849  -7.116  -8.106  1.00 34.80 ? 649 HOH A O   1 
HETATM 1403 O  O   . HOH F 3 .   ? 9.500   2.639   -10.241 1.00 30.62 ? 650 HOH A O   1 
HETATM 1404 O  O   . HOH F 3 .   ? -6.566  2.785   15.891  1.00 29.97 ? 651 HOH A O   1 
HETATM 1405 O  O   . HOH F 3 .   ? 13.976  1.282   13.855  1.00 20.39 ? 652 HOH A O   1 
HETATM 1406 O  O   A HOH F 3 .   ? 6.141   -11.241 -0.360  0.50 21.22 ? 653 HOH A O   1 
HETATM 1407 O  O   B HOH F 3 .   ? 6.090   -12.129 0.207   0.50 28.64 ? 653 HOH A O   1 
HETATM 1408 O  O   . HOH F 3 .   ? -6.529  7.741   15.729  1.00 34.32 ? 654 HOH A O   1 
HETATM 1409 O  O   . HOH F 3 .   ? 1.603   -13.264 4.833   1.00 30.68 ? 655 HOH A O   1 
HETATM 1410 O  O   . HOH F 3 .   ? 9.445   7.687   8.832   1.00 33.05 ? 656 HOH A O   1 
HETATM 1411 O  O   . HOH F 3 .   ? -10.800 12.166  11.779  1.00 34.06 ? 657 HOH A O   1 
HETATM 1412 O  O   . HOH F 3 .   ? -13.385 -0.692  4.460   1.00 30.72 ? 658 HOH A O   1 
HETATM 1413 O  O   . HOH F 3 .   ? 13.638  4.076   13.564  1.00 24.24 ? 659 HOH A O   1 
HETATM 1414 O  O   . HOH F 3 .   ? 12.179  1.075   9.102   1.00 14.46 ? 660 HOH A O   1 
HETATM 1415 O  O   . HOH F 3 .   ? 16.407  6.739   1.235   1.00 34.35 ? 661 HOH A O   1 
HETATM 1416 O  O   . HOH F 3 .   ? -13.911 -1.720  6.877   1.00 34.40 ? 662 HOH A O   1 
HETATM 1417 O  O   . HOH F 3 .   ? -3.977  -10.403 -9.383  1.00 47.37 ? 663 HOH A O   1 
HETATM 1418 O  O   . HOH F 3 .   ? 0.460   6.079   11.910  1.00 22.04 ? 664 HOH A O   1 
HETATM 1419 O  O   . HOH F 3 .   ? 1.586   -15.245 1.010   1.00 34.35 ? 665 HOH A O   1 
HETATM 1420 O  O   . HOH F 3 .   ? 15.797  8.646   3.442   1.00 34.26 ? 666 HOH A O   1 
HETATM 1421 O  O   . HOH F 3 .   ? 18.903  -6.124  14.933  1.00 37.53 ? 667 HOH A O   1 
HETATM 1422 O  O   . HOH F 3 .   ? -4.615  -5.262  17.376  1.00 34.99 ? 668 HOH A O   1 
HETATM 1423 O  O   . HOH F 3 .   ? -1.801  -4.039  -9.216  1.00 34.42 ? 669 HOH A O   1 
HETATM 1424 O  O   . HOH F 3 .   ? -4.618  13.919  2.461   1.00 21.85 ? 670 HOH A O   1 
HETATM 1425 O  O   . HOH F 3 .   ? 4.741   -14.281 1.001   1.00 33.39 ? 671 HOH A O   1 
HETATM 1426 O  O   . HOH F 3 .   ? 7.243   7.215   11.617  1.00 43.21 ? 672 HOH A O   1 
HETATM 1427 O  O   . HOH F 3 .   ? -2.142  -3.530  18.196  1.00 27.87 ? 673 HOH A O   1 
HETATM 1428 O  O   . HOH F 3 .   ? -12.245 9.272   -3.440  1.00 35.14 ? 674 HOH A O   1 
HETATM 1429 O  O   . HOH F 3 .   ? 17.423  -8.424  -10.661 1.00 45.29 ? 675 HOH A O   1 
HETATM 1430 O  O   . HOH F 3 .   ? -4.975  1.218   -16.798 1.00 34.39 ? 676 HOH A O   1 
HETATM 1431 O  O   . HOH F 3 .   ? -17.340 -1.946  -0.902  1.00 38.57 ? 677 HOH A O   1 
HETATM 1432 O  O   . HOH F 3 .   ? -10.314 8.473   9.554   1.00 32.00 ? 678 HOH A O   1 
HETATM 1433 O  O   . HOH F 3 .   ? 14.684  -12.355 -4.381  1.00 35.64 ? 679 HOH A O   1 
HETATM 1434 O  O   . HOH F 3 .   ? 2.993   -2.910  18.372  1.00 37.20 ? 680 HOH A O   1 
HETATM 1435 O  O   . HOH F 3 .   ? -17.305 -5.775  -10.614 1.00 37.75 ? 681 HOH A O   1 
HETATM 1436 O  O   . HOH F 3 .   ? 10.946  3.202   -15.346 1.00 33.91 ? 682 HOH A O   1 
HETATM 1437 O  O   . HOH F 3 .   ? -5.514  -1.884  -17.061 1.00 36.67 ? 683 HOH A O   1 
HETATM 1438 O  O   . HOH F 3 .   ? 6.780   -15.009 -0.783  1.00 48.48 ? 684 HOH A O   1 
HETATM 1439 O  O   . HOH F 3 .   ? -15.000 -4.209  4.112   1.00 42.06 ? 685 HOH A O   1 
HETATM 1440 O  O   . HOH F 3 .   ? 13.321  -10.102 11.900  1.00 50.66 ? 686 HOH A O   1 
HETATM 1441 O  O   . HOH F 3 .   ? 7.236   -12.815 -2.350  1.00 32.42 ? 687 HOH A O   1 
HETATM 1442 O  O   . HOH F 3 .   ? 1.560   6.024   14.379  1.00 26.25 ? 688 HOH A O   1 
HETATM 1443 O  O   . HOH F 3 .   ? 4.157   -14.842 3.605   1.00 37.62 ? 689 HOH A O   1 
HETATM 1444 O  O   . HOH F 3 .   ? 10.918  3.612   -8.049  1.00 30.57 ? 690 HOH A O   1 
HETATM 1445 O  O   . HOH F 3 .   ? 16.277  -10.511 10.626  1.00 44.89 ? 691 HOH A O   1 
HETATM 1446 O  O   . HOH F 3 .   ? -15.741 -3.287  9.419   1.00 29.53 ? 692 HOH A O   1 
HETATM 1447 O  O   . HOH F 3 .   ? 0.774   -4.537  18.354  1.00 34.90 ? 693 HOH A O   1 
HETATM 1448 O  O   . HOH F 3 .   ? 0.763   -12.069 -5.238  1.00 16.47 ? 694 HOH A O   1 
HETATM 1449 O  O   . HOH F 3 .   ? 18.741  -0.952  1.100   1.00 34.07 ? 695 HOH A O   1 
HETATM 1450 O  O   . HOH F 3 .   ? -10.848 16.257  2.126   1.00 36.48 ? 696 HOH A O   1 
HETATM 1451 O  O   A HOH F 3 .   ? -5.501  -7.688  6.799   0.50 25.92 ? 697 HOH A O   1 
HETATM 1452 O  O   B HOH F 3 .   ? -5.722  -9.243  5.713   0.50 25.43 ? 697 HOH A O   1 
HETATM 1453 O  O   A HOH F 3 .   ? -0.264  20.697  5.625   0.50 32.72 ? 698 HOH A O   1 
HETATM 1454 O  O   B HOH F 3 .   ? 0.688   19.034  6.310   0.50 28.07 ? 698 HOH A O   1 
HETATM 1455 O  O   . HOH F 3 .   ? -0.424  1.253   -18.415 1.00 42.08 ? 699 HOH A O   1 
HETATM 1456 O  O   . HOH F 3 .   ? 2.465   -10.053 18.081  1.00 50.15 ? 700 HOH A O   1 
HETATM 1457 O  O   . HOH F 3 .   ? -1.443  -6.215  -22.802 1.00 39.56 ? 701 HOH A O   1 
HETATM 1458 O  O   . HOH F 3 .   ? 3.990   -1.394  -23.116 1.00 40.57 ? 702 HOH A O   1 
HETATM 1459 O  O   . HOH F 3 .   ? 6.591   5.279   13.777  1.00 44.92 ? 703 HOH A O   1 
# 
